data_2FR2
# 
_entry.id   2FR2 
# 
_audit_conform.dict_name       mmcif_pdbx.dic 
_audit_conform.dict_version    5.399 
_audit_conform.dict_location   http://mmcif.pdb.org/dictionaries/ascii/mmcif_pdbx.dic 
# 
loop_
_database_2.database_id 
_database_2.database_code 
_database_2.pdbx_database_accession 
_database_2.pdbx_DOI 
PDB   2FR2         pdb_00002fr2 10.2210/pdb2fr2/pdb 
RCSB  RCSB036209   ?            ?                   
WWPDB D_1000036209 ?            ?                   
# 
loop_
_pdbx_audit_revision_history.ordinal 
_pdbx_audit_revision_history.data_content_type 
_pdbx_audit_revision_history.major_revision 
_pdbx_audit_revision_history.minor_revision 
_pdbx_audit_revision_history.revision_date 
1 'Structure model' 1 0 2006-01-31 
2 'Structure model' 1 1 2008-05-01 
3 'Structure model' 1 2 2011-07-13 
4 'Structure model' 1 3 2024-11-20 
# 
_pdbx_audit_revision_details.ordinal             1 
_pdbx_audit_revision_details.revision_ordinal    1 
_pdbx_audit_revision_details.data_content_type   'Structure model' 
_pdbx_audit_revision_details.provider            repository 
_pdbx_audit_revision_details.type                'Initial release' 
_pdbx_audit_revision_details.description         ? 
_pdbx_audit_revision_details.details             ? 
# 
loop_
_pdbx_audit_revision_group.ordinal 
_pdbx_audit_revision_group.revision_ordinal 
_pdbx_audit_revision_group.data_content_type 
_pdbx_audit_revision_group.group 
1 2 'Structure model' 'Version format compliance' 
2 3 'Structure model' Advisory                    
3 3 'Structure model' 'Derived calculations'      
4 3 'Structure model' 'Source and taxonomy'       
5 3 'Structure model' 'Version format compliance' 
6 4 'Structure model' 'Data collection'           
7 4 'Structure model' 'Database references'       
8 4 'Structure model' 'Structure summary'         
# 
loop_
_pdbx_audit_revision_category.ordinal 
_pdbx_audit_revision_category.revision_ordinal 
_pdbx_audit_revision_category.data_content_type 
_pdbx_audit_revision_category.category 
1 4 'Structure model' chem_comp_atom            
2 4 'Structure model' chem_comp_bond            
3 4 'Structure model' database_2                
4 4 'Structure model' pdbx_entry_details        
5 4 'Structure model' pdbx_modification_feature 
6 4 'Structure model' struct_ref_seq_dif        
# 
loop_
_pdbx_audit_revision_item.ordinal 
_pdbx_audit_revision_item.revision_ordinal 
_pdbx_audit_revision_item.data_content_type 
_pdbx_audit_revision_item.item 
1 4 'Structure model' '_database_2.pdbx_DOI'                
2 4 'Structure model' '_database_2.pdbx_database_accession' 
3 4 'Structure model' '_struct_ref_seq_dif.details'         
# 
_pdbx_database_status.status_code                     REL 
_pdbx_database_status.entry_id                        2FR2 
_pdbx_database_status.recvd_initial_deposition_date   2006-01-18 
_pdbx_database_status.deposit_site                    RCSB 
_pdbx_database_status.process_site                    RCSB 
_pdbx_database_status.status_code_sf                  REL 
_pdbx_database_status.status_code_mr                  ? 
_pdbx_database_status.SG_entry                        Y 
_pdbx_database_status.pdb_format_compatible           Y 
_pdbx_database_status.status_code_cs                  ? 
_pdbx_database_status.status_code_nmr_data            ? 
_pdbx_database_status.methods_development_category    ? 
# 
_pdbx_database_related.db_name        TargetDB 
_pdbx_database_related.db_id          Rv2717c 
_pdbx_database_related.details        . 
_pdbx_database_related.content_type   unspecified 
# 
loop_
_audit_author.name 
_audit_author.pdbx_ordinal 
'Hung, L.W.'                                1 
'TB Structural Genomics Consortium (TBSGC)' 2 
# 
_citation.id                        primary 
_citation.title                     'Crystal structure of Rv2717c from Mycobacterium tuberculosis' 
_citation.journal_abbrev            'To be Published' 
_citation.journal_volume            ? 
_citation.page_first                ? 
_citation.page_last                 ? 
_citation.year                      ? 
_citation.journal_id_ASTM           ? 
_citation.country                   ? 
_citation.journal_id_ISSN           ? 
_citation.journal_id_CSD            0353 
_citation.book_publisher            ? 
_citation.pdbx_database_id_PubMed   ? 
_citation.pdbx_database_id_DOI      ? 
# 
loop_
_citation_author.citation_id 
_citation_author.name 
_citation_author.ordinal 
_citation_author.identifier_ORCID 
primary 'Hung, L.W.'        1  ? 
primary 'Yu, M.'            2  ? 
primary 'Bursey, E.H.'      3  ? 
primary 'Radhakannan, T.'   4  ? 
primary 'Segelke, B.W.'     5  ? 
primary 'Lekin, T.'         6  ? 
primary 'Chang, Y.B.'       7  ? 
primary 'Terwilliger, T.C.' 8  ? 
primary 'Kaviratne, A.'     9  ? 
primary 'Woodruff, T.'      10 ? 
# 
loop_
_entity.id 
_entity.type 
_entity.src_method 
_entity.pdbx_description 
_entity.formula_weight 
_entity.pdbx_number_of_molecules 
_entity.pdbx_ec 
_entity.pdbx_mutation 
_entity.pdbx_fragment 
_entity.details 
1 polymer man 'hypothetical protein Rv2717c' 18940.438 1   ? ? ? ? 
2 water   nat water                          18.015    159 ? ? ? ? 
# 
_entity_poly.entity_id                      1 
_entity_poly.type                           'polypeptide(L)' 
_entity_poly.nstd_linkage                   no 
_entity_poly.nstd_monomer                   no 
_entity_poly.pdbx_seq_one_letter_code       
;MTRDLAPALQALSPLLGSWAGRGAGKYPTIRPFEYLEEVVFAHVGKPFLTYTQQTRAVADGKPLHSETGYLRVCRPGCVE
LVLAHPSGITEIEVGTYSVTGDVIELELSTRADGSIGLAPTAKEVTALDRSYRIDGDELSYSLQMRAVGQPLQDHLAAVL
HRQRRSHHHHHH
;
_entity_poly.pdbx_seq_one_letter_code_can   
;MTRDLAPALQALSPLLGSWAGRGAGKYPTIRPFEYLEEVVFAHVGKPFLTYTQQTRAVADGKPLHSETGYLRVCRPGCVE
LVLAHPSGITEIEVGTYSVTGDVIELELSTRADGSIGLAPTAKEVTALDRSYRIDGDELSYSLQMRAVGQPLQDHLAAVL
HRQRRSHHHHHH
;
_entity_poly.pdbx_strand_id                 A 
_entity_poly.pdbx_target_identifier         Rv2717c 
# 
_pdbx_entity_nonpoly.entity_id   2 
_pdbx_entity_nonpoly.name        water 
_pdbx_entity_nonpoly.comp_id     HOH 
# 
loop_
_entity_poly_seq.entity_id 
_entity_poly_seq.num 
_entity_poly_seq.mon_id 
_entity_poly_seq.hetero 
1 1   MET n 
1 2   THR n 
1 3   ARG n 
1 4   ASP n 
1 5   LEU n 
1 6   ALA n 
1 7   PRO n 
1 8   ALA n 
1 9   LEU n 
1 10  GLN n 
1 11  ALA n 
1 12  LEU n 
1 13  SER n 
1 14  PRO n 
1 15  LEU n 
1 16  LEU n 
1 17  GLY n 
1 18  SER n 
1 19  TRP n 
1 20  ALA n 
1 21  GLY n 
1 22  ARG n 
1 23  GLY n 
1 24  ALA n 
1 25  GLY n 
1 26  LYS n 
1 27  TYR n 
1 28  PRO n 
1 29  THR n 
1 30  ILE n 
1 31  ARG n 
1 32  PRO n 
1 33  PHE n 
1 34  GLU n 
1 35  TYR n 
1 36  LEU n 
1 37  GLU n 
1 38  GLU n 
1 39  VAL n 
1 40  VAL n 
1 41  PHE n 
1 42  ALA n 
1 43  HIS n 
1 44  VAL n 
1 45  GLY n 
1 46  LYS n 
1 47  PRO n 
1 48  PHE n 
1 49  LEU n 
1 50  THR n 
1 51  TYR n 
1 52  THR n 
1 53  GLN n 
1 54  GLN n 
1 55  THR n 
1 56  ARG n 
1 57  ALA n 
1 58  VAL n 
1 59  ALA n 
1 60  ASP n 
1 61  GLY n 
1 62  LYS n 
1 63  PRO n 
1 64  LEU n 
1 65  HIS n 
1 66  SER n 
1 67  GLU n 
1 68  THR n 
1 69  GLY n 
1 70  TYR n 
1 71  LEU n 
1 72  ARG n 
1 73  VAL n 
1 74  CYS n 
1 75  ARG n 
1 76  PRO n 
1 77  GLY n 
1 78  CYS n 
1 79  VAL n 
1 80  GLU n 
1 81  LEU n 
1 82  VAL n 
1 83  LEU n 
1 84  ALA n 
1 85  HIS n 
1 86  PRO n 
1 87  SER n 
1 88  GLY n 
1 89  ILE n 
1 90  THR n 
1 91  GLU n 
1 92  ILE n 
1 93  GLU n 
1 94  VAL n 
1 95  GLY n 
1 96  THR n 
1 97  TYR n 
1 98  SER n 
1 99  VAL n 
1 100 THR n 
1 101 GLY n 
1 102 ASP n 
1 103 VAL n 
1 104 ILE n 
1 105 GLU n 
1 106 LEU n 
1 107 GLU n 
1 108 LEU n 
1 109 SER n 
1 110 THR n 
1 111 ARG n 
1 112 ALA n 
1 113 ASP n 
1 114 GLY n 
1 115 SER n 
1 116 ILE n 
1 117 GLY n 
1 118 LEU n 
1 119 ALA n 
1 120 PRO n 
1 121 THR n 
1 122 ALA n 
1 123 LYS n 
1 124 GLU n 
1 125 VAL n 
1 126 THR n 
1 127 ALA n 
1 128 LEU n 
1 129 ASP n 
1 130 ARG n 
1 131 SER n 
1 132 TYR n 
1 133 ARG n 
1 134 ILE n 
1 135 ASP n 
1 136 GLY n 
1 137 ASP n 
1 138 GLU n 
1 139 LEU n 
1 140 SER n 
1 141 TYR n 
1 142 SER n 
1 143 LEU n 
1 144 GLN n 
1 145 MET n 
1 146 ARG n 
1 147 ALA n 
1 148 VAL n 
1 149 GLY n 
1 150 GLN n 
1 151 PRO n 
1 152 LEU n 
1 153 GLN n 
1 154 ASP n 
1 155 HIS n 
1 156 LEU n 
1 157 ALA n 
1 158 ALA n 
1 159 VAL n 
1 160 LEU n 
1 161 HIS n 
1 162 ARG n 
1 163 GLN n 
1 164 ARG n 
1 165 ARG n 
1 166 SER n 
1 167 HIS n 
1 168 HIS n 
1 169 HIS n 
1 170 HIS n 
1 171 HIS n 
1 172 HIS n 
# 
_entity_src_gen.entity_id                          1 
_entity_src_gen.pdbx_src_id                        1 
_entity_src_gen.pdbx_alt_source_flag               sample 
_entity_src_gen.pdbx_seq_type                      ? 
_entity_src_gen.pdbx_beg_seq_num                   ? 
_entity_src_gen.pdbx_end_seq_num                   ? 
_entity_src_gen.gene_src_common_name               ? 
_entity_src_gen.gene_src_genus                     Mycobacterium 
_entity_src_gen.pdbx_gene_src_gene                 ? 
_entity_src_gen.gene_src_species                   'Mycobacterium tuberculosis' 
_entity_src_gen.gene_src_strain                    H37Rv 
_entity_src_gen.gene_src_tissue                    ? 
_entity_src_gen.gene_src_tissue_fraction           ? 
_entity_src_gen.gene_src_details                   ? 
_entity_src_gen.pdbx_gene_src_fragment             ? 
_entity_src_gen.pdbx_gene_src_scientific_name      'Mycobacterium tuberculosis' 
_entity_src_gen.pdbx_gene_src_ncbi_taxonomy_id     83332 
_entity_src_gen.pdbx_gene_src_variant              ? 
_entity_src_gen.pdbx_gene_src_cell_line            ? 
_entity_src_gen.pdbx_gene_src_atcc                 ? 
_entity_src_gen.pdbx_gene_src_organ                ? 
_entity_src_gen.pdbx_gene_src_organelle            ? 
_entity_src_gen.pdbx_gene_src_cell                 ? 
_entity_src_gen.pdbx_gene_src_cellular_location    ? 
_entity_src_gen.host_org_common_name               ? 
_entity_src_gen.pdbx_host_org_scientific_name      'Escherichia coli' 
_entity_src_gen.pdbx_host_org_ncbi_taxonomy_id     562 
_entity_src_gen.host_org_genus                     Escherichia 
_entity_src_gen.pdbx_host_org_gene                 ? 
_entity_src_gen.pdbx_host_org_organ                ? 
_entity_src_gen.host_org_species                   ? 
_entity_src_gen.pdbx_host_org_tissue               ? 
_entity_src_gen.pdbx_host_org_tissue_fraction      ? 
_entity_src_gen.pdbx_host_org_strain               BL23/DE3 
_entity_src_gen.pdbx_host_org_variant              ? 
_entity_src_gen.pdbx_host_org_cell_line            ? 
_entity_src_gen.pdbx_host_org_atcc                 ? 
_entity_src_gen.pdbx_host_org_culture_collection   ? 
_entity_src_gen.pdbx_host_org_cell                 ? 
_entity_src_gen.pdbx_host_org_organelle            ? 
_entity_src_gen.pdbx_host_org_cellular_location    ? 
_entity_src_gen.pdbx_host_org_vector_type          plasmid 
_entity_src_gen.pdbx_host_org_vector               ? 
_entity_src_gen.host_org_details                   ? 
_entity_src_gen.expression_system_id               ? 
_entity_src_gen.plasmid_name                       custom 
_entity_src_gen.plasmid_details                    ? 
_entity_src_gen.pdbx_description                   ? 
# 
loop_
_chem_comp.id 
_chem_comp.type 
_chem_comp.mon_nstd_flag 
_chem_comp.name 
_chem_comp.pdbx_synonyms 
_chem_comp.formula 
_chem_comp.formula_weight 
ALA 'L-peptide linking' y ALANINE         ? 'C3 H7 N O2'     89.093  
ARG 'L-peptide linking' y ARGININE        ? 'C6 H15 N4 O2 1' 175.209 
ASP 'L-peptide linking' y 'ASPARTIC ACID' ? 'C4 H7 N O4'     133.103 
CYS 'L-peptide linking' y CYSTEINE        ? 'C3 H7 N O2 S'   121.158 
GLN 'L-peptide linking' y GLUTAMINE       ? 'C5 H10 N2 O3'   146.144 
GLU 'L-peptide linking' y 'GLUTAMIC ACID' ? 'C5 H9 N O4'     147.129 
GLY 'peptide linking'   y GLYCINE         ? 'C2 H5 N O2'     75.067  
HIS 'L-peptide linking' y HISTIDINE       ? 'C6 H10 N3 O2 1' 156.162 
HOH non-polymer         . WATER           ? 'H2 O'           18.015  
ILE 'L-peptide linking' y ISOLEUCINE      ? 'C6 H13 N O2'    131.173 
LEU 'L-peptide linking' y LEUCINE         ? 'C6 H13 N O2'    131.173 
LYS 'L-peptide linking' y LYSINE          ? 'C6 H15 N2 O2 1' 147.195 
MET 'L-peptide linking' y METHIONINE      ? 'C5 H11 N O2 S'  149.211 
PHE 'L-peptide linking' y PHENYLALANINE   ? 'C9 H11 N O2'    165.189 
PRO 'L-peptide linking' y PROLINE         ? 'C5 H9 N O2'     115.130 
SER 'L-peptide linking' y SERINE          ? 'C3 H7 N O3'     105.093 
THR 'L-peptide linking' y THREONINE       ? 'C4 H9 N O3'     119.119 
TRP 'L-peptide linking' y TRYPTOPHAN      ? 'C11 H12 N2 O2'  204.225 
TYR 'L-peptide linking' y TYROSINE        ? 'C9 H11 N O3'    181.189 
VAL 'L-peptide linking' y VALINE          ? 'C5 H11 N O2'    117.146 
# 
loop_
_pdbx_poly_seq_scheme.asym_id 
_pdbx_poly_seq_scheme.entity_id 
_pdbx_poly_seq_scheme.seq_id 
_pdbx_poly_seq_scheme.mon_id 
_pdbx_poly_seq_scheme.ndb_seq_num 
_pdbx_poly_seq_scheme.pdb_seq_num 
_pdbx_poly_seq_scheme.auth_seq_num 
_pdbx_poly_seq_scheme.pdb_mon_id 
_pdbx_poly_seq_scheme.auth_mon_id 
_pdbx_poly_seq_scheme.pdb_strand_id 
_pdbx_poly_seq_scheme.pdb_ins_code 
_pdbx_poly_seq_scheme.hetero 
A 1 1   MET 1   1   ?   ?   ?   A . n 
A 1 2   THR 2   2   ?   ?   ?   A . n 
A 1 3   ARG 3   3   ?   ?   ?   A . n 
A 1 4   ASP 4   4   4   ASP ASP A . n 
A 1 5   LEU 5   5   5   LEU LEU A . n 
A 1 6   ALA 6   6   6   ALA ALA A . n 
A 1 7   PRO 7   7   7   PRO PRO A . n 
A 1 8   ALA 8   8   8   ALA ALA A . n 
A 1 9   LEU 9   9   9   LEU LEU A . n 
A 1 10  GLN 10  10  10  GLN GLN A . n 
A 1 11  ALA 11  11  11  ALA ALA A . n 
A 1 12  LEU 12  12  12  LEU LEU A . n 
A 1 13  SER 13  13  13  SER SER A . n 
A 1 14  PRO 14  14  14  PRO PRO A . n 
A 1 15  LEU 15  15  15  LEU LEU A . n 
A 1 16  LEU 16  16  16  LEU LEU A . n 
A 1 17  GLY 17  17  17  GLY GLY A . n 
A 1 18  SER 18  18  18  SER SER A . n 
A 1 19  TRP 19  19  19  TRP TRP A . n 
A 1 20  ALA 20  20  20  ALA ALA A . n 
A 1 21  GLY 21  21  21  GLY GLY A . n 
A 1 22  ARG 22  22  22  ARG ARG A . n 
A 1 23  GLY 23  23  23  GLY GLY A . n 
A 1 24  ALA 24  24  24  ALA ALA A . n 
A 1 25  GLY 25  25  25  GLY GLY A . n 
A 1 26  LYS 26  26  26  LYS LYS A . n 
A 1 27  TYR 27  27  27  TYR TYR A . n 
A 1 28  PRO 28  28  28  PRO PRO A . n 
A 1 29  THR 29  29  29  THR THR A . n 
A 1 30  ILE 30  30  30  ILE ILE A . n 
A 1 31  ARG 31  31  31  ARG ARG A . n 
A 1 32  PRO 32  32  32  PRO PRO A . n 
A 1 33  PHE 33  33  33  PHE PHE A . n 
A 1 34  GLU 34  34  34  GLU GLU A . n 
A 1 35  TYR 35  35  35  TYR TYR A . n 
A 1 36  LEU 36  36  36  LEU LEU A . n 
A 1 37  GLU 37  37  37  GLU GLU A . n 
A 1 38  GLU 38  38  38  GLU GLU A . n 
A 1 39  VAL 39  39  39  VAL VAL A . n 
A 1 40  VAL 40  40  40  VAL VAL A . n 
A 1 41  PHE 41  41  41  PHE PHE A . n 
A 1 42  ALA 42  42  42  ALA ALA A . n 
A 1 43  HIS 43  43  43  HIS HIS A . n 
A 1 44  VAL 44  44  44  VAL VAL A . n 
A 1 45  GLY 45  45  45  GLY GLY A . n 
A 1 46  LYS 46  46  46  LYS LYS A . n 
A 1 47  PRO 47  47  47  PRO PRO A . n 
A 1 48  PHE 48  48  48  PHE PHE A . n 
A 1 49  LEU 49  49  49  LEU LEU A . n 
A 1 50  THR 50  50  50  THR THR A . n 
A 1 51  TYR 51  51  51  TYR TYR A . n 
A 1 52  THR 52  52  52  THR THR A . n 
A 1 53  GLN 53  53  53  GLN GLN A . n 
A 1 54  GLN 54  54  54  GLN GLN A . n 
A 1 55  THR 55  55  55  THR THR A . n 
A 1 56  ARG 56  56  56  ARG ARG A . n 
A 1 57  ALA 57  57  57  ALA ALA A . n 
A 1 58  VAL 58  58  58  VAL VAL A . n 
A 1 59  ALA 59  59  59  ALA ALA A . n 
A 1 60  ASP 60  60  60  ASP ASP A . n 
A 1 61  GLY 61  61  61  GLY GLY A . n 
A 1 62  LYS 62  62  62  LYS LYS A . n 
A 1 63  PRO 63  63  63  PRO PRO A . n 
A 1 64  LEU 64  64  64  LEU LEU A . n 
A 1 65  HIS 65  65  65  HIS HIS A . n 
A 1 66  SER 66  66  66  SER SER A . n 
A 1 67  GLU 67  67  67  GLU GLU A . n 
A 1 68  THR 68  68  68  THR THR A . n 
A 1 69  GLY 69  69  69  GLY GLY A . n 
A 1 70  TYR 70  70  70  TYR TYR A . n 
A 1 71  LEU 71  71  71  LEU LEU A . n 
A 1 72  ARG 72  72  72  ARG ARG A . n 
A 1 73  VAL 73  73  73  VAL VAL A . n 
A 1 74  CYS 74  74  74  CYS CYS A . n 
A 1 75  ARG 75  75  75  ARG ARG A . n 
A 1 76  PRO 76  76  76  PRO PRO A . n 
A 1 77  GLY 77  77  77  GLY GLY A . n 
A 1 78  CYS 78  78  78  CYS CYS A . n 
A 1 79  VAL 79  79  79  VAL VAL A . n 
A 1 80  GLU 80  80  80  GLU GLU A . n 
A 1 81  LEU 81  81  81  LEU LEU A . n 
A 1 82  VAL 82  82  82  VAL VAL A . n 
A 1 83  LEU 83  83  83  LEU LEU A . n 
A 1 84  ALA 84  84  84  ALA ALA A . n 
A 1 85  HIS 85  85  85  HIS HIS A . n 
A 1 86  PRO 86  86  86  PRO PRO A . n 
A 1 87  SER 87  87  87  SER SER A . n 
A 1 88  GLY 88  88  88  GLY GLY A . n 
A 1 89  ILE 89  89  89  ILE ILE A . n 
A 1 90  THR 90  90  90  THR THR A . n 
A 1 91  GLU 91  91  91  GLU GLU A . n 
A 1 92  ILE 92  92  92  ILE ILE A . n 
A 1 93  GLU 93  93  93  GLU GLU A . n 
A 1 94  VAL 94  94  94  VAL VAL A . n 
A 1 95  GLY 95  95  95  GLY GLY A . n 
A 1 96  THR 96  96  96  THR THR A . n 
A 1 97  TYR 97  97  97  TYR TYR A . n 
A 1 98  SER 98  98  98  SER SER A . n 
A 1 99  VAL 99  99  99  VAL VAL A . n 
A 1 100 THR 100 100 100 THR THR A . n 
A 1 101 GLY 101 101 101 GLY GLY A . n 
A 1 102 ASP 102 102 102 ASP ASP A . n 
A 1 103 VAL 103 103 103 VAL VAL A . n 
A 1 104 ILE 104 104 104 ILE ILE A . n 
A 1 105 GLU 105 105 105 GLU GLU A . n 
A 1 106 LEU 106 106 106 LEU LEU A . n 
A 1 107 GLU 107 107 107 GLU GLU A . n 
A 1 108 LEU 108 108 108 LEU LEU A . n 
A 1 109 SER 109 109 109 SER SER A . n 
A 1 110 THR 110 110 110 THR THR A . n 
A 1 111 ARG 111 111 111 ARG ARG A . n 
A 1 112 ALA 112 112 112 ALA ALA A . n 
A 1 113 ASP 113 113 113 ASP ASP A . n 
A 1 114 GLY 114 114 114 GLY GLY A . n 
A 1 115 SER 115 115 115 SER SER A . n 
A 1 116 ILE 116 116 116 ILE ILE A . n 
A 1 117 GLY 117 117 117 GLY GLY A . n 
A 1 118 LEU 118 118 118 LEU LEU A . n 
A 1 119 ALA 119 119 119 ALA ALA A . n 
A 1 120 PRO 120 120 120 PRO PRO A . n 
A 1 121 THR 121 121 121 THR THR A . n 
A 1 122 ALA 122 122 122 ALA ALA A . n 
A 1 123 LYS 123 123 123 LYS LYS A . n 
A 1 124 GLU 124 124 124 GLU GLU A . n 
A 1 125 VAL 125 125 125 VAL VAL A . n 
A 1 126 THR 126 126 126 THR THR A . n 
A 1 127 ALA 127 127 127 ALA ALA A . n 
A 1 128 LEU 128 128 128 LEU LEU A . n 
A 1 129 ASP 129 129 129 ASP ASP A . n 
A 1 130 ARG 130 130 130 ARG ARG A . n 
A 1 131 SER 131 131 131 SER SER A . n 
A 1 132 TYR 132 132 132 TYR TYR A . n 
A 1 133 ARG 133 133 133 ARG ARG A . n 
A 1 134 ILE 134 134 134 ILE ILE A . n 
A 1 135 ASP 135 135 135 ASP ASP A . n 
A 1 136 GLY 136 136 136 GLY GLY A . n 
A 1 137 ASP 137 137 137 ASP ASP A . n 
A 1 138 GLU 138 138 138 GLU GLU A . n 
A 1 139 LEU 139 139 139 LEU LEU A . n 
A 1 140 SER 140 140 140 SER SER A . n 
A 1 141 TYR 141 141 141 TYR TYR A . n 
A 1 142 SER 142 142 142 SER SER A . n 
A 1 143 LEU 143 143 143 LEU LEU A . n 
A 1 144 GLN 144 144 144 GLN GLN A . n 
A 1 145 MET 145 145 145 MET MET A . n 
A 1 146 ARG 146 146 146 ARG ARG A . n 
A 1 147 ALA 147 147 147 ALA ALA A . n 
A 1 148 VAL 148 148 148 VAL VAL A . n 
A 1 149 GLY 149 149 149 GLY GLY A . n 
A 1 150 GLN 150 150 150 GLN GLN A . n 
A 1 151 PRO 151 151 151 PRO PRO A . n 
A 1 152 LEU 152 152 152 LEU LEU A . n 
A 1 153 GLN 153 153 153 GLN GLN A . n 
A 1 154 ASP 154 154 154 ASP ASP A . n 
A 1 155 HIS 155 155 155 HIS HIS A . n 
A 1 156 LEU 156 156 156 LEU LEU A . n 
A 1 157 ALA 157 157 157 ALA ALA A . n 
A 1 158 ALA 158 158 158 ALA ALA A . n 
A 1 159 VAL 159 159 159 VAL VAL A . n 
A 1 160 LEU 160 160 160 LEU LEU A . n 
A 1 161 HIS 161 161 161 HIS HIS A . n 
A 1 162 ARG 162 162 162 ARG ARG A . n 
A 1 163 GLN 163 163 163 GLN GLN A . n 
A 1 164 ARG 164 164 164 ARG ALA A . n 
A 1 165 ARG 165 165 ?   ?   ?   A . n 
A 1 166 SER 166 166 ?   ?   ?   A . n 
A 1 167 HIS 167 167 ?   ?   ?   A . n 
A 1 168 HIS 168 168 ?   ?   ?   A . n 
A 1 169 HIS 169 169 ?   ?   ?   A . n 
A 1 170 HIS 170 170 ?   ?   ?   A . n 
A 1 171 HIS 171 171 ?   ?   ?   A . n 
A 1 172 HIS 172 172 ?   ?   ?   A . n 
# 
loop_
_pdbx_nonpoly_scheme.asym_id 
_pdbx_nonpoly_scheme.entity_id 
_pdbx_nonpoly_scheme.mon_id 
_pdbx_nonpoly_scheme.ndb_seq_num 
_pdbx_nonpoly_scheme.pdb_seq_num 
_pdbx_nonpoly_scheme.auth_seq_num 
_pdbx_nonpoly_scheme.pdb_mon_id 
_pdbx_nonpoly_scheme.auth_mon_id 
_pdbx_nonpoly_scheme.pdb_strand_id 
_pdbx_nonpoly_scheme.pdb_ins_code 
B 2 HOH 1   173 1   HOH HOH A . 
B 2 HOH 2   174 2   HOH HOH A . 
B 2 HOH 3   175 3   HOH HOH A . 
B 2 HOH 4   176 4   HOH HOH A . 
B 2 HOH 5   177 5   HOH HOH A . 
B 2 HOH 6   178 6   HOH HOH A . 
B 2 HOH 7   179 7   HOH HOH A . 
B 2 HOH 8   180 8   HOH HOH A . 
B 2 HOH 9   181 9   HOH HOH A . 
B 2 HOH 10  182 10  HOH HOH A . 
B 2 HOH 11  183 11  HOH HOH A . 
B 2 HOH 12  184 12  HOH HOH A . 
B 2 HOH 13  185 13  HOH HOH A . 
B 2 HOH 14  186 14  HOH HOH A . 
B 2 HOH 15  187 15  HOH HOH A . 
B 2 HOH 16  188 16  HOH HOH A . 
B 2 HOH 17  189 17  HOH HOH A . 
B 2 HOH 18  190 18  HOH HOH A . 
B 2 HOH 19  191 19  HOH HOH A . 
B 2 HOH 20  192 20  HOH HOH A . 
B 2 HOH 21  193 21  HOH HOH A . 
B 2 HOH 22  194 22  HOH HOH A . 
B 2 HOH 23  195 23  HOH HOH A . 
B 2 HOH 24  196 24  HOH HOH A . 
B 2 HOH 25  197 25  HOH HOH A . 
B 2 HOH 26  198 26  HOH HOH A . 
B 2 HOH 27  199 27  HOH HOH A . 
B 2 HOH 28  200 28  HOH HOH A . 
B 2 HOH 29  201 29  HOH HOH A . 
B 2 HOH 30  202 30  HOH HOH A . 
B 2 HOH 31  203 31  HOH HOH A . 
B 2 HOH 32  204 32  HOH HOH A . 
B 2 HOH 33  205 33  HOH HOH A . 
B 2 HOH 34  206 34  HOH HOH A . 
B 2 HOH 35  207 35  HOH HOH A . 
B 2 HOH 36  208 36  HOH HOH A . 
B 2 HOH 37  209 37  HOH HOH A . 
B 2 HOH 38  210 38  HOH HOH A . 
B 2 HOH 39  211 39  HOH HOH A . 
B 2 HOH 40  212 40  HOH HOH A . 
B 2 HOH 41  213 41  HOH HOH A . 
B 2 HOH 42  214 42  HOH HOH A . 
B 2 HOH 43  215 43  HOH HOH A . 
B 2 HOH 44  216 44  HOH HOH A . 
B 2 HOH 45  217 45  HOH HOH A . 
B 2 HOH 46  218 46  HOH HOH A . 
B 2 HOH 47  219 47  HOH HOH A . 
B 2 HOH 48  220 48  HOH HOH A . 
B 2 HOH 49  221 49  HOH HOH A . 
B 2 HOH 50  222 50  HOH HOH A . 
B 2 HOH 51  223 51  HOH HOH A . 
B 2 HOH 52  224 52  HOH HOH A . 
B 2 HOH 53  225 53  HOH HOH A . 
B 2 HOH 54  226 54  HOH HOH A . 
B 2 HOH 55  227 55  HOH HOH A . 
B 2 HOH 56  228 56  HOH HOH A . 
B 2 HOH 57  229 57  HOH HOH A . 
B 2 HOH 58  230 58  HOH HOH A . 
B 2 HOH 59  231 59  HOH HOH A . 
B 2 HOH 60  232 60  HOH HOH A . 
B 2 HOH 61  233 61  HOH HOH A . 
B 2 HOH 62  234 62  HOH HOH A . 
B 2 HOH 63  235 63  HOH HOH A . 
B 2 HOH 64  236 64  HOH HOH A . 
B 2 HOH 65  237 65  HOH HOH A . 
B 2 HOH 66  238 66  HOH HOH A . 
B 2 HOH 67  239 67  HOH HOH A . 
B 2 HOH 68  240 68  HOH HOH A . 
B 2 HOH 69  241 69  HOH HOH A . 
B 2 HOH 70  242 70  HOH HOH A . 
B 2 HOH 71  243 71  HOH HOH A . 
B 2 HOH 72  244 72  HOH HOH A . 
B 2 HOH 73  245 73  HOH HOH A . 
B 2 HOH 74  246 74  HOH HOH A . 
B 2 HOH 75  247 75  HOH HOH A . 
B 2 HOH 76  248 76  HOH HOH A . 
B 2 HOH 77  249 77  HOH HOH A . 
B 2 HOH 78  250 78  HOH HOH A . 
B 2 HOH 79  251 79  HOH HOH A . 
B 2 HOH 80  252 80  HOH HOH A . 
B 2 HOH 81  253 81  HOH HOH A . 
B 2 HOH 82  254 82  HOH HOH A . 
B 2 HOH 83  255 83  HOH HOH A . 
B 2 HOH 84  256 84  HOH HOH A . 
B 2 HOH 85  257 85  HOH HOH A . 
B 2 HOH 86  258 86  HOH HOH A . 
B 2 HOH 87  259 87  HOH HOH A . 
B 2 HOH 88  260 88  HOH HOH A . 
B 2 HOH 89  261 89  HOH HOH A . 
B 2 HOH 90  262 90  HOH HOH A . 
B 2 HOH 91  263 91  HOH HOH A . 
B 2 HOH 92  264 92  HOH HOH A . 
B 2 HOH 93  265 93  HOH HOH A . 
B 2 HOH 94  266 94  HOH HOH A . 
B 2 HOH 95  267 95  HOH HOH A . 
B 2 HOH 96  268 96  HOH HOH A . 
B 2 HOH 97  269 97  HOH HOH A . 
B 2 HOH 98  270 98  HOH HOH A . 
B 2 HOH 99  271 99  HOH HOH A . 
B 2 HOH 100 272 100 HOH HOH A . 
B 2 HOH 101 273 101 HOH HOH A . 
B 2 HOH 102 274 102 HOH HOH A . 
B 2 HOH 103 275 103 HOH HOH A . 
B 2 HOH 104 276 104 HOH HOH A . 
B 2 HOH 105 277 105 HOH HOH A . 
B 2 HOH 106 278 106 HOH HOH A . 
B 2 HOH 107 279 107 HOH HOH A . 
B 2 HOH 108 280 108 HOH HOH A . 
B 2 HOH 109 281 109 HOH HOH A . 
B 2 HOH 110 282 110 HOH HOH A . 
B 2 HOH 111 283 111 HOH HOH A . 
B 2 HOH 112 284 112 HOH HOH A . 
B 2 HOH 113 285 113 HOH HOH A . 
B 2 HOH 114 286 114 HOH HOH A . 
B 2 HOH 115 287 115 HOH HOH A . 
B 2 HOH 116 288 116 HOH HOH A . 
B 2 HOH 117 289 117 HOH HOH A . 
B 2 HOH 118 290 118 HOH HOH A . 
B 2 HOH 119 291 119 HOH HOH A . 
B 2 HOH 120 292 120 HOH HOH A . 
B 2 HOH 121 293 121 HOH HOH A . 
B 2 HOH 122 294 122 HOH HOH A . 
B 2 HOH 123 295 123 HOH HOH A . 
B 2 HOH 124 296 124 HOH HOH A . 
B 2 HOH 125 297 125 HOH HOH A . 
B 2 HOH 126 298 126 HOH HOH A . 
B 2 HOH 127 299 127 HOH HOH A . 
B 2 HOH 128 300 128 HOH HOH A . 
B 2 HOH 129 301 129 HOH HOH A . 
B 2 HOH 130 302 130 HOH HOH A . 
B 2 HOH 131 303 131 HOH HOH A . 
B 2 HOH 132 304 132 HOH HOH A . 
B 2 HOH 133 305 133 HOH HOH A . 
B 2 HOH 134 306 134 HOH HOH A . 
B 2 HOH 135 307 135 HOH HOH A . 
B 2 HOH 136 308 136 HOH HOH A . 
B 2 HOH 137 309 137 HOH HOH A . 
B 2 HOH 138 310 138 HOH HOH A . 
B 2 HOH 139 311 139 HOH HOH A . 
B 2 HOH 140 312 140 HOH HOH A . 
B 2 HOH 141 313 141 HOH HOH A . 
B 2 HOH 142 314 142 HOH HOH A . 
B 2 HOH 143 315 143 HOH HOH A . 
B 2 HOH 144 316 144 HOH HOH A . 
B 2 HOH 145 317 145 HOH HOH A . 
B 2 HOH 146 318 146 HOH HOH A . 
B 2 HOH 147 319 147 HOH HOH A . 
B 2 HOH 148 320 148 HOH HOH A . 
B 2 HOH 149 321 149 HOH HOH A . 
B 2 HOH 150 322 150 HOH HOH A . 
B 2 HOH 151 323 151 HOH HOH A . 
B 2 HOH 152 324 152 HOH HOH A . 
B 2 HOH 153 325 153 HOH HOH A . 
B 2 HOH 154 326 154 HOH HOH A . 
B 2 HOH 155 327 155 HOH HOH A . 
B 2 HOH 156 328 156 HOH HOH A . 
B 2 HOH 157 329 157 HOH HOH A . 
B 2 HOH 158 330 158 HOH HOH A . 
B 2 HOH 159 331 159 HOH HOH A . 
# 
loop_
_pdbx_unobs_or_zero_occ_atoms.id 
_pdbx_unobs_or_zero_occ_atoms.PDB_model_num 
_pdbx_unobs_or_zero_occ_atoms.polymer_flag 
_pdbx_unobs_or_zero_occ_atoms.occupancy_flag 
_pdbx_unobs_or_zero_occ_atoms.auth_asym_id 
_pdbx_unobs_or_zero_occ_atoms.auth_comp_id 
_pdbx_unobs_or_zero_occ_atoms.auth_seq_id 
_pdbx_unobs_or_zero_occ_atoms.PDB_ins_code 
_pdbx_unobs_or_zero_occ_atoms.auth_atom_id 
_pdbx_unobs_or_zero_occ_atoms.label_alt_id 
_pdbx_unobs_or_zero_occ_atoms.label_asym_id 
_pdbx_unobs_or_zero_occ_atoms.label_comp_id 
_pdbx_unobs_or_zero_occ_atoms.label_seq_id 
_pdbx_unobs_or_zero_occ_atoms.label_atom_id 
1  1 Y 0 A ARG 31  ? CD  ? A ARG 31  CD  
2  1 Y 0 A ARG 31  ? NE  ? A ARG 31  NE  
3  1 Y 0 A ARG 31  ? CZ  ? A ARG 31  CZ  
4  1 Y 0 A ARG 31  ? NH1 ? A ARG 31  NH1 
5  1 Y 0 A ARG 31  ? NH2 ? A ARG 31  NH2 
6  1 Y 0 A GLU 38  ? CD  ? A GLU 38  CD  
7  1 Y 0 A GLU 38  ? OE1 ? A GLU 38  OE1 
8  1 Y 0 A GLU 38  ? OE2 ? A GLU 38  OE2 
9  1 Y 0 A LYS 62  ? CG  ? A LYS 62  CG  
10 1 Y 0 A LYS 62  ? CD  ? A LYS 62  CD  
11 1 Y 0 A LYS 62  ? CE  ? A LYS 62  CE  
12 1 Y 0 A LYS 62  ? NZ  ? A LYS 62  NZ  
13 1 Y 1 A ARG 164 ? CG  ? A ARG 164 CG  
14 1 Y 1 A ARG 164 ? CD  ? A ARG 164 CD  
15 1 Y 1 A ARG 164 ? NE  ? A ARG 164 NE  
16 1 Y 1 A ARG 164 ? CZ  ? A ARG 164 CZ  
17 1 Y 1 A ARG 164 ? NH1 ? A ARG 164 NH1 
18 1 Y 1 A ARG 164 ? NH2 ? A ARG 164 NH2 
# 
loop_
_software.name 
_software.classification 
_software.version 
_software.citation_id 
_software.pdbx_ordinal 
REFMAC    refinement       5.2.0005 ? 1 
HKL-2000  'data reduction' .        ? 2 
SCALEPACK 'data scaling'   .        ? 3 
SOLVE     phasing          .        ? 4 
# 
_cell.entry_id           2FR2 
_cell.length_a           60.847 
_cell.length_b           73.483 
_cell.length_c           80.640 
_cell.angle_alpha        90.00 
_cell.angle_beta         90.00 
_cell.angle_gamma        90.00 
_cell.Z_PDB              8 
_cell.pdbx_unique_axis   ? 
_cell.length_a_esd       ? 
_cell.length_b_esd       ? 
_cell.length_c_esd       ? 
_cell.angle_alpha_esd    ? 
_cell.angle_beta_esd     ? 
_cell.angle_gamma_esd    ? 
# 
_symmetry.entry_id                         2FR2 
_symmetry.space_group_name_H-M             'I 2 2 2' 
_symmetry.pdbx_full_space_group_name_H-M   ? 
_symmetry.cell_setting                     ? 
_symmetry.Int_Tables_number                23 
_symmetry.space_group_name_Hall            ? 
# 
_exptl.entry_id          2FR2 
_exptl.method            'X-RAY DIFFRACTION' 
_exptl.crystals_number   1 
# 
_exptl_crystal.id                    1 
_exptl_crystal.density_meas          ? 
_exptl_crystal.density_Matthews      2.52 
_exptl_crystal.density_percent_sol   51.21 
_exptl_crystal.description           ? 
_exptl_crystal.F_000                 ? 
_exptl_crystal.preparation           ? 
# 
_exptl_crystal_grow.crystal_id      1 
_exptl_crystal_grow.method          'VAPOR DIFFUSION, SITTING DROP' 
_exptl_crystal_grow.temp            298 
_exptl_crystal_grow.temp_details    ? 
_exptl_crystal_grow.pH              8.5 
_exptl_crystal_grow.pdbx_details    
'PEG2000MME 18.714%, Na-K-Phosphate 0.1M, Isopropanol 9.394%, pH 8.5, VAPOR DIFFUSION, SITTING DROP, temperature 298K' 
_exptl_crystal_grow.pdbx_pH_range   . 
# 
_diffrn.id                     1 
_diffrn.ambient_temp           100 
_diffrn.ambient_temp_details   ? 
_diffrn.crystal_id             1 
# 
_diffrn_detector.diffrn_id              1 
_diffrn_detector.detector               CCD 
_diffrn_detector.type                   'ADSC QUANTUM 315' 
_diffrn_detector.pdbx_collection_date   2005-06-30 
_diffrn_detector.details                ? 
# 
_diffrn_radiation.diffrn_id                        1 
_diffrn_radiation.wavelength_id                    1 
_diffrn_radiation.pdbx_monochromatic_or_laue_m_l   M 
_diffrn_radiation.monochromator                    Si111 
_diffrn_radiation.pdbx_diffrn_protocol             'SINGLE WAVELENGTH' 
_diffrn_radiation.pdbx_scattering_type             x-ray 
# 
_diffrn_radiation_wavelength.id           1 
_diffrn_radiation_wavelength.wavelength   1.0 
_diffrn_radiation_wavelength.wt           1.0 
# 
_diffrn_source.diffrn_id                   1 
_diffrn_source.source                      SYNCHROTRON 
_diffrn_source.type                        'ALS BEAMLINE 5.0.2' 
_diffrn_source.pdbx_synchrotron_site       ALS 
_diffrn_source.pdbx_synchrotron_beamline   5.0.2 
_diffrn_source.pdbx_wavelength             ? 
_diffrn_source.pdbx_wavelength_list        1.0 
# 
_reflns.entry_id                     2FR2 
_reflns.observed_criterion_sigma_I   0 
_reflns.observed_criterion_sigma_F   0 
_reflns.d_resolution_low             50 
_reflns.d_resolution_high            1.5 
_reflns.number_obs                   28843 
_reflns.number_all                   29018 
_reflns.percent_possible_obs         99.4 
_reflns.pdbx_Rmerge_I_obs            0.055 
_reflns.pdbx_Rsym_value              ? 
_reflns.pdbx_netI_over_sigmaI        14 
_reflns.B_iso_Wilson_estimate        16 
_reflns.pdbx_redundancy              4.2 
_reflns.R_free_details               ? 
_reflns.limit_h_max                  ? 
_reflns.limit_h_min                  ? 
_reflns.limit_k_max                  ? 
_reflns.limit_k_min                  ? 
_reflns.limit_l_max                  ? 
_reflns.limit_l_min                  ? 
_reflns.observed_criterion_F_max     ? 
_reflns.observed_criterion_F_min     ? 
_reflns.pdbx_chi_squared             ? 
_reflns.pdbx_scaling_rejects         ? 
_reflns.pdbx_ordinal                 1 
_reflns.pdbx_diffrn_id               1 
# 
_reflns_shell.d_res_high             1.50 
_reflns_shell.d_res_low              1.55 
_reflns_shell.percent_possible_all   96.3 
_reflns_shell.Rmerge_I_obs           0.416 
_reflns_shell.pdbx_Rsym_value        ? 
_reflns_shell.meanI_over_sigI_obs    2 
_reflns_shell.pdbx_redundancy        3.2 
_reflns_shell.percent_possible_obs   ? 
_reflns_shell.number_unique_all      2796 
_reflns_shell.number_measured_all    ? 
_reflns_shell.number_measured_obs    ? 
_reflns_shell.number_unique_obs      ? 
_reflns_shell.pdbx_chi_squared       ? 
_reflns_shell.pdbx_ordinal           1 
_reflns_shell.pdbx_diffrn_id         1 
# 
_refine.entry_id                                 2FR2 
_refine.ls_number_reflns_obs                     27360 
_refine.ls_number_reflns_all                     ? 
_refine.pdbx_ls_sigma_I                          ? 
_refine.pdbx_ls_sigma_F                          0 
_refine.pdbx_data_cutoff_high_absF               ? 
_refine.pdbx_data_cutoff_low_absF                ? 
_refine.pdbx_data_cutoff_high_rms_absF           ? 
_refine.ls_d_res_low                             40.32 
_refine.ls_d_res_high                            1.50 
_refine.ls_percent_reflns_obs                    99.10 
_refine.ls_R_factor_obs                          0.18004 
_refine.ls_R_factor_all                          0.18004 
_refine.ls_R_factor_R_work                       0.17891 
_refine.ls_R_factor_R_free                       0.20172 
_refine.ls_R_factor_R_free_error                 ? 
_refine.ls_R_factor_R_free_error_details         ? 
_refine.ls_percent_reflns_R_free                 5.1 
_refine.ls_number_reflns_R_free                  1479 
_refine.ls_number_parameters                     ? 
_refine.ls_number_restraints                     ? 
_refine.occupancy_min                            ? 
_refine.occupancy_max                            ? 
_refine.correlation_coeff_Fo_to_Fc               0.963 
_refine.correlation_coeff_Fo_to_Fc_free          0.949 
_refine.B_iso_mean                               18.436 
_refine.aniso_B[1][1]                            -0.14 
_refine.aniso_B[2][2]                            -0.01 
_refine.aniso_B[3][3]                            0.16 
_refine.aniso_B[1][2]                            0.00 
_refine.aniso_B[1][3]                            0.00 
_refine.aniso_B[2][3]                            0.00 
_refine.solvent_model_details                    MASK 
_refine.solvent_model_param_ksol                 ? 
_refine.solvent_model_param_bsol                 ? 
_refine.pdbx_solvent_vdw_probe_radii             1.20 
_refine.pdbx_solvent_ion_probe_radii             0.80 
_refine.pdbx_solvent_shrinkage_radii             0.80 
_refine.pdbx_ls_cross_valid_method               THROUGHOUT 
_refine.details                                  'HYDROGENS HAVE BEEN ADDED IN THE RIDING POSITIONS' 
_refine.pdbx_starting_model                      ? 
_refine.pdbx_method_to_determine_struct          SAD 
_refine.pdbx_isotropic_thermal_model             ? 
_refine.pdbx_stereochemistry_target_values       'MAXIMUM LIKELIHOOD' 
_refine.pdbx_stereochem_target_val_spec_case     ? 
_refine.pdbx_R_Free_selection_details            RANDOM 
_refine.pdbx_overall_ESU_R                       0.069 
_refine.pdbx_overall_ESU_R_Free                  0.070 
_refine.overall_SU_ML                            0.041 
_refine.overall_SU_B                             2.233 
_refine.ls_redundancy_reflns_obs                 ? 
_refine.B_iso_min                                ? 
_refine.B_iso_max                                ? 
_refine.overall_SU_R_Cruickshank_DPI             ? 
_refine.overall_SU_R_free                        ? 
_refine.ls_wR_factor_R_free                      ? 
_refine.ls_wR_factor_R_work                      ? 
_refine.overall_FOM_free_R_set                   ? 
_refine.overall_FOM_work_R_set                   ? 
_refine.pdbx_refine_id                           'X-RAY DIFFRACTION' 
_refine.pdbx_TLS_residual_ADP_flag               'LIKELY RESIDUAL' 
_refine.pdbx_diffrn_id                           1 
_refine.pdbx_overall_phase_error                 ? 
_refine.pdbx_overall_SU_R_free_Cruickshank_DPI   ? 
_refine.pdbx_overall_SU_R_Blow_DPI               ? 
_refine.pdbx_overall_SU_R_free_Blow_DPI          ? 
# 
_refine_hist.pdbx_refine_id                   'X-RAY DIFFRACTION' 
_refine_hist.cycle_id                         LAST 
_refine_hist.pdbx_number_atoms_protein        1224 
_refine_hist.pdbx_number_atoms_nucleic_acid   0 
_refine_hist.pdbx_number_atoms_ligand         0 
_refine_hist.number_atoms_solvent             159 
_refine_hist.number_atoms_total               1383 
_refine_hist.d_res_high                       1.50 
_refine_hist.d_res_low                        40.32 
# 
loop_
_refine_ls_restr.type 
_refine_ls_restr.dev_ideal 
_refine_ls_restr.dev_ideal_target 
_refine_ls_restr.weight 
_refine_ls_restr.number 
_refine_ls_restr.pdbx_refine_id 
_refine_ls_restr.pdbx_restraint_function 
r_bond_refined_d             0.014  0.022  ? 1254 'X-RAY DIFFRACTION' ? 
r_bond_other_d               ?      ?      ? ?    'X-RAY DIFFRACTION' ? 
r_angle_refined_deg          1.642  1.981  ? 1716 'X-RAY DIFFRACTION' ? 
r_angle_other_deg            ?      ?      ? ?    'X-RAY DIFFRACTION' ? 
r_dihedral_angle_1_deg       6.468  5.000  ? 166  'X-RAY DIFFRACTION' ? 
r_dihedral_angle_2_deg       31.330 23.333 ? 51   'X-RAY DIFFRACTION' ? 
r_dihedral_angle_3_deg       12.357 15.000 ? 194  'X-RAY DIFFRACTION' ? 
r_dihedral_angle_4_deg       21.537 15.000 ? 9    'X-RAY DIFFRACTION' ? 
r_chiral_restr               0.120  0.200  ? 199  'X-RAY DIFFRACTION' ? 
r_gen_planes_refined         0.008  0.020  ? 962  'X-RAY DIFFRACTION' ? 
r_gen_planes_other           ?      ?      ? ?    'X-RAY DIFFRACTION' ? 
r_nbd_refined                0.226  0.200  ? 528  'X-RAY DIFFRACTION' ? 
r_nbd_other                  ?      ?      ? ?    'X-RAY DIFFRACTION' ? 
r_nbtor_refined              0.304  0.200  ? 866  'X-RAY DIFFRACTION' ? 
r_nbtor_other                ?      ?      ? ?    'X-RAY DIFFRACTION' ? 
r_xyhbond_nbd_refined        0.188  0.200  ? 109  'X-RAY DIFFRACTION' ? 
r_xyhbond_nbd_other          ?      ?      ? ?    'X-RAY DIFFRACTION' ? 
r_metal_ion_refined          ?      ?      ? ?    'X-RAY DIFFRACTION' ? 
r_metal_ion_other            ?      ?      ? ?    'X-RAY DIFFRACTION' ? 
r_symmetry_vdw_refined       0.205  0.200  ? 60   'X-RAY DIFFRACTION' ? 
r_symmetry_vdw_other         ?      ?      ? ?    'X-RAY DIFFRACTION' ? 
r_symmetry_hbond_refined     0.336  0.200  ? 10   'X-RAY DIFFRACTION' ? 
r_symmetry_hbond_other       ?      ?      ? ?    'X-RAY DIFFRACTION' ? 
r_symmetry_metal_ion_refined ?      ?      ? ?    'X-RAY DIFFRACTION' ? 
r_symmetry_metal_ion_other   ?      ?      ? ?    'X-RAY DIFFRACTION' ? 
r_mcbond_it                  1.159  1.500  ? 826  'X-RAY DIFFRACTION' ? 
r_mcbond_other               ?      ?      ? ?    'X-RAY DIFFRACTION' ? 
r_mcangle_it                 1.941  2.000  ? 1302 'X-RAY DIFFRACTION' ? 
r_scbond_it                  3.037  3.000  ? 476  'X-RAY DIFFRACTION' ? 
r_scangle_it                 4.403  4.500  ? 411  'X-RAY DIFFRACTION' ? 
r_rigid_bond_restr           ?      ?      ? ?    'X-RAY DIFFRACTION' ? 
r_sphericity_free            ?      ?      ? ?    'X-RAY DIFFRACTION' ? 
r_sphericity_bonded          ?      ?      ? ?    'X-RAY DIFFRACTION' ? 
# 
_refine_ls_shell.pdbx_total_number_of_bins_used   20 
_refine_ls_shell.d_res_high                       1.504 
_refine_ls_shell.d_res_low                        1.543 
_refine_ls_shell.number_reflns_R_work             1832 
_refine_ls_shell.R_factor_R_work                  0.25 
_refine_ls_shell.percent_reflns_obs               91.29 
_refine_ls_shell.R_factor_R_free                  0.303 
_refine_ls_shell.R_factor_R_free_error            ? 
_refine_ls_shell.percent_reflns_R_free            ? 
_refine_ls_shell.number_reflns_R_free             108 
_refine_ls_shell.number_reflns_all                ? 
_refine_ls_shell.R_factor_all                     ? 
_refine_ls_shell.number_reflns_obs                ? 
_refine_ls_shell.redundancy_reflns_obs            ? 
_refine_ls_shell.pdbx_refine_id                   'X-RAY DIFFRACTION' 
# 
_struct.entry_id                  2FR2 
_struct.title                     'Crystal Structure of Rv2717c from M. tuberculosis' 
_struct.pdbx_model_details        ? 
_struct.pdbx_CASP_flag            ? 
_struct.pdbx_model_type_details   ? 
# 
_struct_keywords.entry_id        2FR2 
_struct_keywords.pdbx_keywords   'STRUCTURAL GENOMICS, UNKNOWN FUNCTION' 
_struct_keywords.text            
;BETA BARREL, fatty acid binding, Structural Genomics, PSI, Protein Structure Initiative, TB Structural Genomics Consortium, TBSGC, UNKNOWN FUNCTION
;
# 
loop_
_struct_asym.id 
_struct_asym.pdbx_blank_PDB_chainid_flag 
_struct_asym.pdbx_modified 
_struct_asym.entity_id 
_struct_asym.details 
A N N 1 ? 
B N N 2 ? 
# 
_struct_ref.id                         1 
_struct_ref.db_name                    GB 
_struct_ref.db_code                    NP_217233 
_struct_ref.pdbx_db_accession          15609854 
_struct_ref.entity_id                  1 
_struct_ref.pdbx_seq_one_letter_code   
;MTRDLAPALQALSPLLGSWAGRGAGKYPTIRPFEYLEEVVFAHVGKPFLTYTQQTRAVADGKPLHSETGYLRVCRPGCVE
LVLAHPSGITEIEVGTYSVTGDVIELELSTRADGSIGLAPTAKEVTALDRSYRIDGDELSYSLQMRAVGQPLQDHLAAVL
HRQR
;
_struct_ref.pdbx_align_begin           1 
_struct_ref.pdbx_db_isoform            ? 
# 
_struct_ref_seq.align_id                      1 
_struct_ref_seq.ref_id                        1 
_struct_ref_seq.pdbx_PDB_id_code              2FR2 
_struct_ref_seq.pdbx_strand_id                A 
_struct_ref_seq.seq_align_beg                 1 
_struct_ref_seq.pdbx_seq_align_beg_ins_code   ? 
_struct_ref_seq.seq_align_end                 164 
_struct_ref_seq.pdbx_seq_align_end_ins_code   ? 
_struct_ref_seq.pdbx_db_accession             15609854 
_struct_ref_seq.db_align_beg                  1 
_struct_ref_seq.pdbx_db_align_beg_ins_code    ? 
_struct_ref_seq.db_align_end                  164 
_struct_ref_seq.pdbx_db_align_end_ins_code    ? 
_struct_ref_seq.pdbx_auth_seq_align_beg       1 
_struct_ref_seq.pdbx_auth_seq_align_end       164 
# 
loop_
_struct_ref_seq_dif.align_id 
_struct_ref_seq_dif.pdbx_pdb_id_code 
_struct_ref_seq_dif.mon_id 
_struct_ref_seq_dif.pdbx_pdb_strand_id 
_struct_ref_seq_dif.seq_num 
_struct_ref_seq_dif.pdbx_pdb_ins_code 
_struct_ref_seq_dif.pdbx_seq_db_name 
_struct_ref_seq_dif.pdbx_seq_db_accession_code 
_struct_ref_seq_dif.db_mon_id 
_struct_ref_seq_dif.pdbx_seq_db_seq_num 
_struct_ref_seq_dif.details 
_struct_ref_seq_dif.pdbx_auth_seq_num 
_struct_ref_seq_dif.pdbx_ordinal 
1 2FR2 ARG A 165 ? GB 15609854 ? ? 'expression tag' 165 1 
1 2FR2 SER A 166 ? GB 15609854 ? ? 'expression tag' 166 2 
1 2FR2 HIS A 167 ? GB 15609854 ? ? 'expression tag' 167 3 
1 2FR2 HIS A 168 ? GB 15609854 ? ? 'expression tag' 168 4 
1 2FR2 HIS A 169 ? GB 15609854 ? ? 'expression tag' 169 5 
1 2FR2 HIS A 170 ? GB 15609854 ? ? 'expression tag' 170 6 
1 2FR2 HIS A 171 ? GB 15609854 ? ? 'expression tag' 171 7 
1 2FR2 HIS A 172 ? GB 15609854 ? ? 'expression tag' 172 8 
# 
loop_
_pdbx_struct_assembly.id 
_pdbx_struct_assembly.details 
_pdbx_struct_assembly.method_details 
_pdbx_struct_assembly.oligomeric_details 
_pdbx_struct_assembly.oligomeric_count 
1 author_defined_assembly   ?        monomeric 1 
2 software_defined_assembly PISA,PQS dimeric   2 
# 
loop_
_pdbx_struct_assembly_prop.biol_id 
_pdbx_struct_assembly_prop.type 
_pdbx_struct_assembly_prop.value 
_pdbx_struct_assembly_prop.details 
2 'ABSA (A^2)' 2480  ? 
2 MORE         -15   ? 
2 'SSA (A^2)'  14560 ? 
# 
loop_
_pdbx_struct_assembly_gen.assembly_id 
_pdbx_struct_assembly_gen.oper_expression 
_pdbx_struct_assembly_gen.asym_id_list 
1 1   A,B 
2 1,2 A,B 
# 
loop_
_pdbx_struct_oper_list.id 
_pdbx_struct_oper_list.type 
_pdbx_struct_oper_list.name 
_pdbx_struct_oper_list.symmetry_operation 
_pdbx_struct_oper_list.matrix[1][1] 
_pdbx_struct_oper_list.matrix[1][2] 
_pdbx_struct_oper_list.matrix[1][3] 
_pdbx_struct_oper_list.vector[1] 
_pdbx_struct_oper_list.matrix[2][1] 
_pdbx_struct_oper_list.matrix[2][2] 
_pdbx_struct_oper_list.matrix[2][3] 
_pdbx_struct_oper_list.vector[2] 
_pdbx_struct_oper_list.matrix[3][1] 
_pdbx_struct_oper_list.matrix[3][2] 
_pdbx_struct_oper_list.matrix[3][3] 
_pdbx_struct_oper_list.vector[3] 
1 'identity operation'         1_555 x,y,z     1.0000000000  0.0000000000 0.0000000000  0.0000000000   0.0000000000 1.0000000000  0.0000000000  0.0000000000  0.0000000000  0.0000000000  1.0000000000  0.0000000000   
2 'crystal symmetry operation' 2_565 -x,-y+1,z -0.1729446991 0.8116802637 -0.5579115347 -11.1343092890 0.8116802637 -0.2034089500 -0.5475399059 -3.0277217879 -0.5579115347 -0.5475399059 -0.6236463509 -20.9105401365 
# 
_struct_biol.id                    1 
_struct_biol.details               'The biological assembly is apparently a monomer' 
_struct_biol.pdbx_parent_biol_id   ? 
# 
_struct_conf.conf_type_id            HELX_P 
_struct_conf.id                      HELX_P1 
_struct_conf.pdbx_PDB_helix_id       1 
_struct_conf.beg_label_comp_id       ALA 
_struct_conf.beg_label_asym_id       A 
_struct_conf.beg_label_seq_id        6 
_struct_conf.pdbx_beg_PDB_ins_code   ? 
_struct_conf.end_label_comp_id       LEU 
_struct_conf.end_label_asym_id       A 
_struct_conf.end_label_seq_id        16 
_struct_conf.pdbx_end_PDB_ins_code   ? 
_struct_conf.beg_auth_comp_id        ALA 
_struct_conf.beg_auth_asym_id        A 
_struct_conf.beg_auth_seq_id         6 
_struct_conf.end_auth_comp_id        LEU 
_struct_conf.end_auth_asym_id        A 
_struct_conf.end_auth_seq_id         16 
_struct_conf.pdbx_PDB_helix_class    5 
_struct_conf.details                 ? 
_struct_conf.pdbx_PDB_helix_length   11 
# 
_struct_conf_type.id          HELX_P 
_struct_conf_type.criteria    ? 
_struct_conf_type.reference   ? 
# 
_struct_conn.id                            disulf1 
_struct_conn.conn_type_id                  disulf 
_struct_conn.pdbx_leaving_atom_flag        ? 
_struct_conn.pdbx_PDB_id                   ? 
_struct_conn.ptnr1_label_asym_id           A 
_struct_conn.ptnr1_label_comp_id           CYS 
_struct_conn.ptnr1_label_seq_id            74 
_struct_conn.ptnr1_label_atom_id           SG 
_struct_conn.pdbx_ptnr1_label_alt_id       ? 
_struct_conn.pdbx_ptnr1_PDB_ins_code       ? 
_struct_conn.pdbx_ptnr1_standard_comp_id   ? 
_struct_conn.ptnr1_symmetry                1_555 
_struct_conn.ptnr2_label_asym_id           A 
_struct_conn.ptnr2_label_comp_id           CYS 
_struct_conn.ptnr2_label_seq_id            78 
_struct_conn.ptnr2_label_atom_id           SG 
_struct_conn.pdbx_ptnr2_label_alt_id       ? 
_struct_conn.pdbx_ptnr2_PDB_ins_code       ? 
_struct_conn.ptnr1_auth_asym_id            A 
_struct_conn.ptnr1_auth_comp_id            CYS 
_struct_conn.ptnr1_auth_seq_id             74 
_struct_conn.ptnr2_auth_asym_id            A 
_struct_conn.ptnr2_auth_comp_id            CYS 
_struct_conn.ptnr2_auth_seq_id             78 
_struct_conn.ptnr2_symmetry                1_555 
_struct_conn.pdbx_ptnr3_label_atom_id      ? 
_struct_conn.pdbx_ptnr3_label_seq_id       ? 
_struct_conn.pdbx_ptnr3_label_comp_id      ? 
_struct_conn.pdbx_ptnr3_label_asym_id      ? 
_struct_conn.pdbx_ptnr3_label_alt_id       ? 
_struct_conn.pdbx_ptnr3_PDB_ins_code       ? 
_struct_conn.details                       ? 
_struct_conn.pdbx_dist_value               2.833 
_struct_conn.pdbx_value_order              ? 
_struct_conn.pdbx_role                     ? 
# 
_struct_conn_type.id          disulf 
_struct_conn_type.criteria    ? 
_struct_conn_type.reference   ? 
# 
_pdbx_modification_feature.ordinal                            1 
_pdbx_modification_feature.label_comp_id                      CYS 
_pdbx_modification_feature.label_asym_id                      A 
_pdbx_modification_feature.label_seq_id                       74 
_pdbx_modification_feature.label_alt_id                       ? 
_pdbx_modification_feature.modified_residue_label_comp_id     CYS 
_pdbx_modification_feature.modified_residue_label_asym_id     A 
_pdbx_modification_feature.modified_residue_label_seq_id      78 
_pdbx_modification_feature.modified_residue_label_alt_id      ? 
_pdbx_modification_feature.auth_comp_id                       CYS 
_pdbx_modification_feature.auth_asym_id                       A 
_pdbx_modification_feature.auth_seq_id                        74 
_pdbx_modification_feature.PDB_ins_code                       ? 
_pdbx_modification_feature.symmetry                           1_555 
_pdbx_modification_feature.modified_residue_auth_comp_id      CYS 
_pdbx_modification_feature.modified_residue_auth_asym_id      A 
_pdbx_modification_feature.modified_residue_auth_seq_id       78 
_pdbx_modification_feature.modified_residue_PDB_ins_code      ? 
_pdbx_modification_feature.modified_residue_symmetry          1_555 
_pdbx_modification_feature.comp_id_linking_atom               SG 
_pdbx_modification_feature.modified_residue_id_linking_atom   SG 
_pdbx_modification_feature.modified_residue_id                . 
_pdbx_modification_feature.ref_pcm_id                         . 
_pdbx_modification_feature.ref_comp_id                        . 
_pdbx_modification_feature.type                               None 
_pdbx_modification_feature.category                           'Disulfide bridge' 
# 
_struct_sheet.id               A 
_struct_sheet.type             ? 
_struct_sheet.number_strands   12 
_struct_sheet.details          ? 
# 
loop_
_struct_sheet_order.sheet_id 
_struct_sheet_order.range_id_1 
_struct_sheet_order.range_id_2 
_struct_sheet_order.offset 
_struct_sheet_order.sense 
A 1  2  ? anti-parallel 
A 2  3  ? anti-parallel 
A 3  4  ? anti-parallel 
A 4  5  ? anti-parallel 
A 5  6  ? anti-parallel 
A 6  7  ? anti-parallel 
A 7  8  ? anti-parallel 
A 8  9  ? anti-parallel 
A 9  10 ? anti-parallel 
A 10 11 ? anti-parallel 
A 11 12 ? anti-parallel 
# 
loop_
_struct_sheet_range.sheet_id 
_struct_sheet_range.id 
_struct_sheet_range.beg_label_comp_id 
_struct_sheet_range.beg_label_asym_id 
_struct_sheet_range.beg_label_seq_id 
_struct_sheet_range.pdbx_beg_PDB_ins_code 
_struct_sheet_range.end_label_comp_id 
_struct_sheet_range.end_label_asym_id 
_struct_sheet_range.end_label_seq_id 
_struct_sheet_range.pdbx_end_PDB_ins_code 
_struct_sheet_range.beg_auth_comp_id 
_struct_sheet_range.beg_auth_asym_id 
_struct_sheet_range.beg_auth_seq_id 
_struct_sheet_range.end_auth_comp_id 
_struct_sheet_range.end_auth_asym_id 
_struct_sheet_range.end_auth_seq_id 
A 1  SER A 115 ? LEU A 118 ? SER A 115 LEU A 118 
A 2  ILE A 89  ? THR A 100 ? ILE A 89  THR A 100 
A 3  VAL A 103 ? SER A 109 ? VAL A 103 SER A 109 
A 4  VAL A 125 ? ASP A 135 ? VAL A 125 ASP A 135 
A 5  GLU A 138 ? ALA A 147 ? GLU A 138 ALA A 147 
A 6  GLN A 150 ? ARG A 162 ? GLN A 150 ARG A 162 
A 7  GLY A 17  ? GLY A 25  ? GLY A 17  GLY A 25  
A 8  PHE A 33  ? HIS A 43  ? PHE A 33  HIS A 43  
A 9  PHE A 48  ? ALA A 57  ? PHE A 48  ALA A 57  
A 10 PRO A 63  ? VAL A 73  ? PRO A 63  VAL A 73  
A 11 CYS A 78  ? HIS A 85  ? CYS A 78  HIS A 85  
A 12 ILE A 89  ? THR A 100 ? ILE A 89  THR A 100 
# 
loop_
_pdbx_struct_sheet_hbond.sheet_id 
_pdbx_struct_sheet_hbond.range_id_1 
_pdbx_struct_sheet_hbond.range_id_2 
_pdbx_struct_sheet_hbond.range_1_label_atom_id 
_pdbx_struct_sheet_hbond.range_1_label_comp_id 
_pdbx_struct_sheet_hbond.range_1_label_asym_id 
_pdbx_struct_sheet_hbond.range_1_label_seq_id 
_pdbx_struct_sheet_hbond.range_1_PDB_ins_code 
_pdbx_struct_sheet_hbond.range_1_auth_atom_id 
_pdbx_struct_sheet_hbond.range_1_auth_comp_id 
_pdbx_struct_sheet_hbond.range_1_auth_asym_id 
_pdbx_struct_sheet_hbond.range_1_auth_seq_id 
_pdbx_struct_sheet_hbond.range_2_label_atom_id 
_pdbx_struct_sheet_hbond.range_2_label_comp_id 
_pdbx_struct_sheet_hbond.range_2_label_asym_id 
_pdbx_struct_sheet_hbond.range_2_label_seq_id 
_pdbx_struct_sheet_hbond.range_2_PDB_ins_code 
_pdbx_struct_sheet_hbond.range_2_auth_atom_id 
_pdbx_struct_sheet_hbond.range_2_auth_comp_id 
_pdbx_struct_sheet_hbond.range_2_auth_asym_id 
_pdbx_struct_sheet_hbond.range_2_auth_seq_id 
A 1  2  O SER A 115 ? O SER A 115 N ILE A 92  ? N ILE A 92  
A 2  3  N THR A 100 ? N THR A 100 O VAL A 103 ? O VAL A 103 
A 3  4  N LEU A 106 ? N LEU A 106 O TYR A 132 ? O TYR A 132 
A 4  5  N ASP A 135 ? N ASP A 135 O GLU A 138 ? O GLU A 138 
A 5  6  N LEU A 139 ? N LEU A 139 O LEU A 160 ? O LEU A 160 
A 6  7  O HIS A 161 ? O HIS A 161 N ALA A 20  ? N ALA A 20  
A 7  8  N TRP A 19  ? N TRP A 19  O VAL A 39  ? O VAL A 39  
A 8  9  N LEU A 36  ? N LEU A 36  O ARG A 56  ? O ARG A 56  
A 9  10 N THR A 55  ? N THR A 55  O HIS A 65  ? O HIS A 65  
A 10 11 N ARG A 72  ? N ARG A 72  O GLU A 80  ? O GLU A 80  
A 11 12 N LEU A 81  ? N LEU A 81  O GLU A 93  ? O GLU A 93  
# 
_pdbx_entry_details.entry_id                   2FR2 
_pdbx_entry_details.compound_details           ? 
_pdbx_entry_details.source_details             ? 
_pdbx_entry_details.nonpolymer_details         ? 
_pdbx_entry_details.sequence_details           ? 
_pdbx_entry_details.has_ligand_of_interest     ? 
_pdbx_entry_details.has_protein_modification   Y 
# 
loop_
_pdbx_validate_close_contact.id 
_pdbx_validate_close_contact.PDB_model_num 
_pdbx_validate_close_contact.auth_atom_id_1 
_pdbx_validate_close_contact.auth_asym_id_1 
_pdbx_validate_close_contact.auth_comp_id_1 
_pdbx_validate_close_contact.auth_seq_id_1 
_pdbx_validate_close_contact.PDB_ins_code_1 
_pdbx_validate_close_contact.label_alt_id_1 
_pdbx_validate_close_contact.auth_atom_id_2 
_pdbx_validate_close_contact.auth_asym_id_2 
_pdbx_validate_close_contact.auth_comp_id_2 
_pdbx_validate_close_contact.auth_seq_id_2 
_pdbx_validate_close_contact.PDB_ins_code_2 
_pdbx_validate_close_contact.label_alt_id_2 
_pdbx_validate_close_contact.dist 
1 1 ND1 A HIS 161 ? ? O A HOH 301 ? ? 2.14 
2 1 NZ  A LYS 62  ? ? O A HOH 328 ? ? 2.15 
3 1 OE1 A GLN 144 ? B O A HOH 251 ? ? 2.18 
# 
_pdbx_validate_symm_contact.id                1 
_pdbx_validate_symm_contact.PDB_model_num     1 
_pdbx_validate_symm_contact.auth_atom_id_1    O 
_pdbx_validate_symm_contact.auth_asym_id_1    A 
_pdbx_validate_symm_contact.auth_comp_id_1    HOH 
_pdbx_validate_symm_contact.auth_seq_id_1     258 
_pdbx_validate_symm_contact.PDB_ins_code_1    ? 
_pdbx_validate_symm_contact.label_alt_id_1    ? 
_pdbx_validate_symm_contact.site_symmetry_1   1_555 
_pdbx_validate_symm_contact.auth_atom_id_2    O 
_pdbx_validate_symm_contact.auth_asym_id_2    A 
_pdbx_validate_symm_contact.auth_comp_id_2    HOH 
_pdbx_validate_symm_contact.auth_seq_id_2     258 
_pdbx_validate_symm_contact.PDB_ins_code_2    ? 
_pdbx_validate_symm_contact.label_alt_id_2    ? 
_pdbx_validate_symm_contact.site_symmetry_2   3_555 
_pdbx_validate_symm_contact.dist              1.88 
# 
loop_
_pdbx_validate_rmsd_bond.id 
_pdbx_validate_rmsd_bond.PDB_model_num 
_pdbx_validate_rmsd_bond.auth_atom_id_1 
_pdbx_validate_rmsd_bond.auth_asym_id_1 
_pdbx_validate_rmsd_bond.auth_comp_id_1 
_pdbx_validate_rmsd_bond.auth_seq_id_1 
_pdbx_validate_rmsd_bond.PDB_ins_code_1 
_pdbx_validate_rmsd_bond.label_alt_id_1 
_pdbx_validate_rmsd_bond.auth_atom_id_2 
_pdbx_validate_rmsd_bond.auth_asym_id_2 
_pdbx_validate_rmsd_bond.auth_comp_id_2 
_pdbx_validate_rmsd_bond.auth_seq_id_2 
_pdbx_validate_rmsd_bond.PDB_ins_code_2 
_pdbx_validate_rmsd_bond.label_alt_id_2 
_pdbx_validate_rmsd_bond.bond_value 
_pdbx_validate_rmsd_bond.bond_target_value 
_pdbx_validate_rmsd_bond.bond_deviation 
_pdbx_validate_rmsd_bond.bond_standard_deviation 
_pdbx_validate_rmsd_bond.linker_flag 
1 1 CG A GLU 38 ? ? CD A GLU 38 ? ? 1.422 1.515 -0.093 0.015 N 
2 1 CB A LYS 62 ? ? CG A LYS 62 ? ? 1.285 1.521 -0.236 0.027 N 
# 
loop_
_pdbx_validate_torsion.id 
_pdbx_validate_torsion.PDB_model_num 
_pdbx_validate_torsion.auth_comp_id 
_pdbx_validate_torsion.auth_asym_id 
_pdbx_validate_torsion.auth_seq_id 
_pdbx_validate_torsion.PDB_ins_code 
_pdbx_validate_torsion.label_alt_id 
_pdbx_validate_torsion.phi 
_pdbx_validate_torsion.psi 
1 1 PRO A 47  ? ? -73.51  47.17   
2 1 LEU A 64  ? ? -107.85 -100.53 
3 1 CYS A 74  ? ? -61.45  -74.82  
4 1 ALA A 112 ? ? -100.25 59.49   
5 1 HIS A 155 ? ? -133.05 -52.84  
# 
_pdbx_SG_project.id                    1 
_pdbx_SG_project.project_name          'PSI, Protein Structure Initiative' 
_pdbx_SG_project.full_name_of_center   'TB Structural Genomics Consortium' 
_pdbx_SG_project.initial_of_center     TBSGC 
# 
_pdbx_struct_special_symmetry.id              1 
_pdbx_struct_special_symmetry.PDB_model_num   1 
_pdbx_struct_special_symmetry.auth_asym_id    A 
_pdbx_struct_special_symmetry.auth_comp_id    HOH 
_pdbx_struct_special_symmetry.auth_seq_id     294 
_pdbx_struct_special_symmetry.PDB_ins_code    ? 
_pdbx_struct_special_symmetry.label_asym_id   B 
_pdbx_struct_special_symmetry.label_comp_id   HOH 
_pdbx_struct_special_symmetry.label_seq_id    . 
# 
_pdbx_refine_tls.id               1 
_pdbx_refine_tls.details          ? 
_pdbx_refine_tls.method           refined 
_pdbx_refine_tls.origin_x         -0.1360 
_pdbx_refine_tls.origin_y         0.0451 
_pdbx_refine_tls.origin_z         0.1325 
_pdbx_refine_tls.T[1][1]          -0.0280 
_pdbx_refine_tls.T[2][2]          -0.0454 
_pdbx_refine_tls.T[3][3]          -0.0370 
_pdbx_refine_tls.T[1][2]          -0.0087 
_pdbx_refine_tls.T[1][3]          0.0137 
_pdbx_refine_tls.T[2][3]          0.0379 
_pdbx_refine_tls.L[1][1]          0.2533 
_pdbx_refine_tls.L[2][2]          0.1217 
_pdbx_refine_tls.L[3][3]          0.6998 
_pdbx_refine_tls.L[1][2]          0.0738 
_pdbx_refine_tls.L[1][3]          -0.0150 
_pdbx_refine_tls.L[2][3]          0.1395 
_pdbx_refine_tls.S[1][1]          -0.0193 
_pdbx_refine_tls.S[1][2]          -0.0028 
_pdbx_refine_tls.S[1][3]          -0.0205 
_pdbx_refine_tls.S[2][1]          0.0975 
_pdbx_refine_tls.S[2][2]          0.0007 
_pdbx_refine_tls.S[2][3]          0.0335 
_pdbx_refine_tls.S[3][1]          0.0216 
_pdbx_refine_tls.S[3][2]          -0.0258 
_pdbx_refine_tls.S[3][3]          0.0187 
_pdbx_refine_tls.pdbx_refine_id   'X-RAY DIFFRACTION' 
# 
_pdbx_refine_tls_group.id                  1 
_pdbx_refine_tls_group.refine_tls_id       1 
_pdbx_refine_tls_group.beg_auth_asym_id    A 
_pdbx_refine_tls_group.beg_auth_seq_id     4 
_pdbx_refine_tls_group.beg_label_asym_id   A 
_pdbx_refine_tls_group.beg_label_seq_id    4 
_pdbx_refine_tls_group.end_auth_asym_id    A 
_pdbx_refine_tls_group.end_auth_seq_id     164 
_pdbx_refine_tls_group.end_label_asym_id   A 
_pdbx_refine_tls_group.end_label_seq_id    164 
_pdbx_refine_tls_group.selection           ? 
_pdbx_refine_tls_group.pdbx_refine_id      'X-RAY DIFFRACTION' 
_pdbx_refine_tls_group.selection_details   ? 
# 
loop_
_pdbx_unobs_or_zero_occ_residues.id 
_pdbx_unobs_or_zero_occ_residues.PDB_model_num 
_pdbx_unobs_or_zero_occ_residues.polymer_flag 
_pdbx_unobs_or_zero_occ_residues.occupancy_flag 
_pdbx_unobs_or_zero_occ_residues.auth_asym_id 
_pdbx_unobs_or_zero_occ_residues.auth_comp_id 
_pdbx_unobs_or_zero_occ_residues.auth_seq_id 
_pdbx_unobs_or_zero_occ_residues.PDB_ins_code 
_pdbx_unobs_or_zero_occ_residues.label_asym_id 
_pdbx_unobs_or_zero_occ_residues.label_comp_id 
_pdbx_unobs_or_zero_occ_residues.label_seq_id 
1  1 Y 1 A MET 1   ? A MET 1   
2  1 Y 1 A THR 2   ? A THR 2   
3  1 Y 1 A ARG 3   ? A ARG 3   
4  1 Y 1 A ARG 165 ? A ARG 165 
5  1 Y 1 A SER 166 ? A SER 166 
6  1 Y 1 A HIS 167 ? A HIS 167 
7  1 Y 1 A HIS 168 ? A HIS 168 
8  1 Y 1 A HIS 169 ? A HIS 169 
9  1 Y 1 A HIS 170 ? A HIS 170 
10 1 Y 1 A HIS 171 ? A HIS 171 
11 1 Y 1 A HIS 172 ? A HIS 172 
# 
loop_
_chem_comp_atom.comp_id 
_chem_comp_atom.atom_id 
_chem_comp_atom.type_symbol 
_chem_comp_atom.pdbx_aromatic_flag 
_chem_comp_atom.pdbx_stereo_config 
_chem_comp_atom.pdbx_ordinal 
ALA N    N N N 1   
ALA CA   C N S 2   
ALA C    C N N 3   
ALA O    O N N 4   
ALA CB   C N N 5   
ALA OXT  O N N 6   
ALA H    H N N 7   
ALA H2   H N N 8   
ALA HA   H N N 9   
ALA HB1  H N N 10  
ALA HB2  H N N 11  
ALA HB3  H N N 12  
ALA HXT  H N N 13  
ARG N    N N N 14  
ARG CA   C N S 15  
ARG C    C N N 16  
ARG O    O N N 17  
ARG CB   C N N 18  
ARG CG   C N N 19  
ARG CD   C N N 20  
ARG NE   N N N 21  
ARG CZ   C N N 22  
ARG NH1  N N N 23  
ARG NH2  N N N 24  
ARG OXT  O N N 25  
ARG H    H N N 26  
ARG H2   H N N 27  
ARG HA   H N N 28  
ARG HB2  H N N 29  
ARG HB3  H N N 30  
ARG HG2  H N N 31  
ARG HG3  H N N 32  
ARG HD2  H N N 33  
ARG HD3  H N N 34  
ARG HE   H N N 35  
ARG HH11 H N N 36  
ARG HH12 H N N 37  
ARG HH21 H N N 38  
ARG HH22 H N N 39  
ARG HXT  H N N 40  
ASP N    N N N 41  
ASP CA   C N S 42  
ASP C    C N N 43  
ASP O    O N N 44  
ASP CB   C N N 45  
ASP CG   C N N 46  
ASP OD1  O N N 47  
ASP OD2  O N N 48  
ASP OXT  O N N 49  
ASP H    H N N 50  
ASP H2   H N N 51  
ASP HA   H N N 52  
ASP HB2  H N N 53  
ASP HB3  H N N 54  
ASP HD2  H N N 55  
ASP HXT  H N N 56  
CYS N    N N N 57  
CYS CA   C N R 58  
CYS C    C N N 59  
CYS O    O N N 60  
CYS CB   C N N 61  
CYS SG   S N N 62  
CYS OXT  O N N 63  
CYS H    H N N 64  
CYS H2   H N N 65  
CYS HA   H N N 66  
CYS HB2  H N N 67  
CYS HB3  H N N 68  
CYS HG   H N N 69  
CYS HXT  H N N 70  
GLN N    N N N 71  
GLN CA   C N S 72  
GLN C    C N N 73  
GLN O    O N N 74  
GLN CB   C N N 75  
GLN CG   C N N 76  
GLN CD   C N N 77  
GLN OE1  O N N 78  
GLN NE2  N N N 79  
GLN OXT  O N N 80  
GLN H    H N N 81  
GLN H2   H N N 82  
GLN HA   H N N 83  
GLN HB2  H N N 84  
GLN HB3  H N N 85  
GLN HG2  H N N 86  
GLN HG3  H N N 87  
GLN HE21 H N N 88  
GLN HE22 H N N 89  
GLN HXT  H N N 90  
GLU N    N N N 91  
GLU CA   C N S 92  
GLU C    C N N 93  
GLU O    O N N 94  
GLU CB   C N N 95  
GLU CG   C N N 96  
GLU CD   C N N 97  
GLU OE1  O N N 98  
GLU OE2  O N N 99  
GLU OXT  O N N 100 
GLU H    H N N 101 
GLU H2   H N N 102 
GLU HA   H N N 103 
GLU HB2  H N N 104 
GLU HB3  H N N 105 
GLU HG2  H N N 106 
GLU HG3  H N N 107 
GLU HE2  H N N 108 
GLU HXT  H N N 109 
GLY N    N N N 110 
GLY CA   C N N 111 
GLY C    C N N 112 
GLY O    O N N 113 
GLY OXT  O N N 114 
GLY H    H N N 115 
GLY H2   H N N 116 
GLY HA2  H N N 117 
GLY HA3  H N N 118 
GLY HXT  H N N 119 
HIS N    N N N 120 
HIS CA   C N S 121 
HIS C    C N N 122 
HIS O    O N N 123 
HIS CB   C N N 124 
HIS CG   C Y N 125 
HIS ND1  N Y N 126 
HIS CD2  C Y N 127 
HIS CE1  C Y N 128 
HIS NE2  N Y N 129 
HIS OXT  O N N 130 
HIS H    H N N 131 
HIS H2   H N N 132 
HIS HA   H N N 133 
HIS HB2  H N N 134 
HIS HB3  H N N 135 
HIS HD1  H N N 136 
HIS HD2  H N N 137 
HIS HE1  H N N 138 
HIS HE2  H N N 139 
HIS HXT  H N N 140 
HOH O    O N N 141 
HOH H1   H N N 142 
HOH H2   H N N 143 
ILE N    N N N 144 
ILE CA   C N S 145 
ILE C    C N N 146 
ILE O    O N N 147 
ILE CB   C N S 148 
ILE CG1  C N N 149 
ILE CG2  C N N 150 
ILE CD1  C N N 151 
ILE OXT  O N N 152 
ILE H    H N N 153 
ILE H2   H N N 154 
ILE HA   H N N 155 
ILE HB   H N N 156 
ILE HG12 H N N 157 
ILE HG13 H N N 158 
ILE HG21 H N N 159 
ILE HG22 H N N 160 
ILE HG23 H N N 161 
ILE HD11 H N N 162 
ILE HD12 H N N 163 
ILE HD13 H N N 164 
ILE HXT  H N N 165 
LEU N    N N N 166 
LEU CA   C N S 167 
LEU C    C N N 168 
LEU O    O N N 169 
LEU CB   C N N 170 
LEU CG   C N N 171 
LEU CD1  C N N 172 
LEU CD2  C N N 173 
LEU OXT  O N N 174 
LEU H    H N N 175 
LEU H2   H N N 176 
LEU HA   H N N 177 
LEU HB2  H N N 178 
LEU HB3  H N N 179 
LEU HG   H N N 180 
LEU HD11 H N N 181 
LEU HD12 H N N 182 
LEU HD13 H N N 183 
LEU HD21 H N N 184 
LEU HD22 H N N 185 
LEU HD23 H N N 186 
LEU HXT  H N N 187 
LYS N    N N N 188 
LYS CA   C N S 189 
LYS C    C N N 190 
LYS O    O N N 191 
LYS CB   C N N 192 
LYS CG   C N N 193 
LYS CD   C N N 194 
LYS CE   C N N 195 
LYS NZ   N N N 196 
LYS OXT  O N N 197 
LYS H    H N N 198 
LYS H2   H N N 199 
LYS HA   H N N 200 
LYS HB2  H N N 201 
LYS HB3  H N N 202 
LYS HG2  H N N 203 
LYS HG3  H N N 204 
LYS HD2  H N N 205 
LYS HD3  H N N 206 
LYS HE2  H N N 207 
LYS HE3  H N N 208 
LYS HZ1  H N N 209 
LYS HZ2  H N N 210 
LYS HZ3  H N N 211 
LYS HXT  H N N 212 
MET N    N N N 213 
MET CA   C N S 214 
MET C    C N N 215 
MET O    O N N 216 
MET CB   C N N 217 
MET CG   C N N 218 
MET SD   S N N 219 
MET CE   C N N 220 
MET OXT  O N N 221 
MET H    H N N 222 
MET H2   H N N 223 
MET HA   H N N 224 
MET HB2  H N N 225 
MET HB3  H N N 226 
MET HG2  H N N 227 
MET HG3  H N N 228 
MET HE1  H N N 229 
MET HE2  H N N 230 
MET HE3  H N N 231 
MET HXT  H N N 232 
PHE N    N N N 233 
PHE CA   C N S 234 
PHE C    C N N 235 
PHE O    O N N 236 
PHE CB   C N N 237 
PHE CG   C Y N 238 
PHE CD1  C Y N 239 
PHE CD2  C Y N 240 
PHE CE1  C Y N 241 
PHE CE2  C Y N 242 
PHE CZ   C Y N 243 
PHE OXT  O N N 244 
PHE H    H N N 245 
PHE H2   H N N 246 
PHE HA   H N N 247 
PHE HB2  H N N 248 
PHE HB3  H N N 249 
PHE HD1  H N N 250 
PHE HD2  H N N 251 
PHE HE1  H N N 252 
PHE HE2  H N N 253 
PHE HZ   H N N 254 
PHE HXT  H N N 255 
PRO N    N N N 256 
PRO CA   C N S 257 
PRO C    C N N 258 
PRO O    O N N 259 
PRO CB   C N N 260 
PRO CG   C N N 261 
PRO CD   C N N 262 
PRO OXT  O N N 263 
PRO H    H N N 264 
PRO HA   H N N 265 
PRO HB2  H N N 266 
PRO HB3  H N N 267 
PRO HG2  H N N 268 
PRO HG3  H N N 269 
PRO HD2  H N N 270 
PRO HD3  H N N 271 
PRO HXT  H N N 272 
SER N    N N N 273 
SER CA   C N S 274 
SER C    C N N 275 
SER O    O N N 276 
SER CB   C N N 277 
SER OG   O N N 278 
SER OXT  O N N 279 
SER H    H N N 280 
SER H2   H N N 281 
SER HA   H N N 282 
SER HB2  H N N 283 
SER HB3  H N N 284 
SER HG   H N N 285 
SER HXT  H N N 286 
THR N    N N N 287 
THR CA   C N S 288 
THR C    C N N 289 
THR O    O N N 290 
THR CB   C N R 291 
THR OG1  O N N 292 
THR CG2  C N N 293 
THR OXT  O N N 294 
THR H    H N N 295 
THR H2   H N N 296 
THR HA   H N N 297 
THR HB   H N N 298 
THR HG1  H N N 299 
THR HG21 H N N 300 
THR HG22 H N N 301 
THR HG23 H N N 302 
THR HXT  H N N 303 
TRP N    N N N 304 
TRP CA   C N S 305 
TRP C    C N N 306 
TRP O    O N N 307 
TRP CB   C N N 308 
TRP CG   C Y N 309 
TRP CD1  C Y N 310 
TRP CD2  C Y N 311 
TRP NE1  N Y N 312 
TRP CE2  C Y N 313 
TRP CE3  C Y N 314 
TRP CZ2  C Y N 315 
TRP CZ3  C Y N 316 
TRP CH2  C Y N 317 
TRP OXT  O N N 318 
TRP H    H N N 319 
TRP H2   H N N 320 
TRP HA   H N N 321 
TRP HB2  H N N 322 
TRP HB3  H N N 323 
TRP HD1  H N N 324 
TRP HE1  H N N 325 
TRP HE3  H N N 326 
TRP HZ2  H N N 327 
TRP HZ3  H N N 328 
TRP HH2  H N N 329 
TRP HXT  H N N 330 
TYR N    N N N 331 
TYR CA   C N S 332 
TYR C    C N N 333 
TYR O    O N N 334 
TYR CB   C N N 335 
TYR CG   C Y N 336 
TYR CD1  C Y N 337 
TYR CD2  C Y N 338 
TYR CE1  C Y N 339 
TYR CE2  C Y N 340 
TYR CZ   C Y N 341 
TYR OH   O N N 342 
TYR OXT  O N N 343 
TYR H    H N N 344 
TYR H2   H N N 345 
TYR HA   H N N 346 
TYR HB2  H N N 347 
TYR HB3  H N N 348 
TYR HD1  H N N 349 
TYR HD2  H N N 350 
TYR HE1  H N N 351 
TYR HE2  H N N 352 
TYR HH   H N N 353 
TYR HXT  H N N 354 
VAL N    N N N 355 
VAL CA   C N S 356 
VAL C    C N N 357 
VAL O    O N N 358 
VAL CB   C N N 359 
VAL CG1  C N N 360 
VAL CG2  C N N 361 
VAL OXT  O N N 362 
VAL H    H N N 363 
VAL H2   H N N 364 
VAL HA   H N N 365 
VAL HB   H N N 366 
VAL HG11 H N N 367 
VAL HG12 H N N 368 
VAL HG13 H N N 369 
VAL HG21 H N N 370 
VAL HG22 H N N 371 
VAL HG23 H N N 372 
VAL HXT  H N N 373 
# 
loop_
_chem_comp_bond.comp_id 
_chem_comp_bond.atom_id_1 
_chem_comp_bond.atom_id_2 
_chem_comp_bond.value_order 
_chem_comp_bond.pdbx_aromatic_flag 
_chem_comp_bond.pdbx_stereo_config 
_chem_comp_bond.pdbx_ordinal 
ALA N   CA   sing N N 1   
ALA N   H    sing N N 2   
ALA N   H2   sing N N 3   
ALA CA  C    sing N N 4   
ALA CA  CB   sing N N 5   
ALA CA  HA   sing N N 6   
ALA C   O    doub N N 7   
ALA C   OXT  sing N N 8   
ALA CB  HB1  sing N N 9   
ALA CB  HB2  sing N N 10  
ALA CB  HB3  sing N N 11  
ALA OXT HXT  sing N N 12  
ARG N   CA   sing N N 13  
ARG N   H    sing N N 14  
ARG N   H2   sing N N 15  
ARG CA  C    sing N N 16  
ARG CA  CB   sing N N 17  
ARG CA  HA   sing N N 18  
ARG C   O    doub N N 19  
ARG C   OXT  sing N N 20  
ARG CB  CG   sing N N 21  
ARG CB  HB2  sing N N 22  
ARG CB  HB3  sing N N 23  
ARG CG  CD   sing N N 24  
ARG CG  HG2  sing N N 25  
ARG CG  HG3  sing N N 26  
ARG CD  NE   sing N N 27  
ARG CD  HD2  sing N N 28  
ARG CD  HD3  sing N N 29  
ARG NE  CZ   sing N N 30  
ARG NE  HE   sing N N 31  
ARG CZ  NH1  sing N N 32  
ARG CZ  NH2  doub N N 33  
ARG NH1 HH11 sing N N 34  
ARG NH1 HH12 sing N N 35  
ARG NH2 HH21 sing N N 36  
ARG NH2 HH22 sing N N 37  
ARG OXT HXT  sing N N 38  
ASP N   CA   sing N N 39  
ASP N   H    sing N N 40  
ASP N   H2   sing N N 41  
ASP CA  C    sing N N 42  
ASP CA  CB   sing N N 43  
ASP CA  HA   sing N N 44  
ASP C   O    doub N N 45  
ASP C   OXT  sing N N 46  
ASP CB  CG   sing N N 47  
ASP CB  HB2  sing N N 48  
ASP CB  HB3  sing N N 49  
ASP CG  OD1  doub N N 50  
ASP CG  OD2  sing N N 51  
ASP OD2 HD2  sing N N 52  
ASP OXT HXT  sing N N 53  
CYS N   CA   sing N N 54  
CYS N   H    sing N N 55  
CYS N   H2   sing N N 56  
CYS CA  C    sing N N 57  
CYS CA  CB   sing N N 58  
CYS CA  HA   sing N N 59  
CYS C   O    doub N N 60  
CYS C   OXT  sing N N 61  
CYS CB  SG   sing N N 62  
CYS CB  HB2  sing N N 63  
CYS CB  HB3  sing N N 64  
CYS SG  HG   sing N N 65  
CYS OXT HXT  sing N N 66  
GLN N   CA   sing N N 67  
GLN N   H    sing N N 68  
GLN N   H2   sing N N 69  
GLN CA  C    sing N N 70  
GLN CA  CB   sing N N 71  
GLN CA  HA   sing N N 72  
GLN C   O    doub N N 73  
GLN C   OXT  sing N N 74  
GLN CB  CG   sing N N 75  
GLN CB  HB2  sing N N 76  
GLN CB  HB3  sing N N 77  
GLN CG  CD   sing N N 78  
GLN CG  HG2  sing N N 79  
GLN CG  HG3  sing N N 80  
GLN CD  OE1  doub N N 81  
GLN CD  NE2  sing N N 82  
GLN NE2 HE21 sing N N 83  
GLN NE2 HE22 sing N N 84  
GLN OXT HXT  sing N N 85  
GLU N   CA   sing N N 86  
GLU N   H    sing N N 87  
GLU N   H2   sing N N 88  
GLU CA  C    sing N N 89  
GLU CA  CB   sing N N 90  
GLU CA  HA   sing N N 91  
GLU C   O    doub N N 92  
GLU C   OXT  sing N N 93  
GLU CB  CG   sing N N 94  
GLU CB  HB2  sing N N 95  
GLU CB  HB3  sing N N 96  
GLU CG  CD   sing N N 97  
GLU CG  HG2  sing N N 98  
GLU CG  HG3  sing N N 99  
GLU CD  OE1  doub N N 100 
GLU CD  OE2  sing N N 101 
GLU OE2 HE2  sing N N 102 
GLU OXT HXT  sing N N 103 
GLY N   CA   sing N N 104 
GLY N   H    sing N N 105 
GLY N   H2   sing N N 106 
GLY CA  C    sing N N 107 
GLY CA  HA2  sing N N 108 
GLY CA  HA3  sing N N 109 
GLY C   O    doub N N 110 
GLY C   OXT  sing N N 111 
GLY OXT HXT  sing N N 112 
HIS N   CA   sing N N 113 
HIS N   H    sing N N 114 
HIS N   H2   sing N N 115 
HIS CA  C    sing N N 116 
HIS CA  CB   sing N N 117 
HIS CA  HA   sing N N 118 
HIS C   O    doub N N 119 
HIS C   OXT  sing N N 120 
HIS CB  CG   sing N N 121 
HIS CB  HB2  sing N N 122 
HIS CB  HB3  sing N N 123 
HIS CG  ND1  sing Y N 124 
HIS CG  CD2  doub Y N 125 
HIS ND1 CE1  doub Y N 126 
HIS ND1 HD1  sing N N 127 
HIS CD2 NE2  sing Y N 128 
HIS CD2 HD2  sing N N 129 
HIS CE1 NE2  sing Y N 130 
HIS CE1 HE1  sing N N 131 
HIS NE2 HE2  sing N N 132 
HIS OXT HXT  sing N N 133 
HOH O   H1   sing N N 134 
HOH O   H2   sing N N 135 
ILE N   CA   sing N N 136 
ILE N   H    sing N N 137 
ILE N   H2   sing N N 138 
ILE CA  C    sing N N 139 
ILE CA  CB   sing N N 140 
ILE CA  HA   sing N N 141 
ILE C   O    doub N N 142 
ILE C   OXT  sing N N 143 
ILE CB  CG1  sing N N 144 
ILE CB  CG2  sing N N 145 
ILE CB  HB   sing N N 146 
ILE CG1 CD1  sing N N 147 
ILE CG1 HG12 sing N N 148 
ILE CG1 HG13 sing N N 149 
ILE CG2 HG21 sing N N 150 
ILE CG2 HG22 sing N N 151 
ILE CG2 HG23 sing N N 152 
ILE CD1 HD11 sing N N 153 
ILE CD1 HD12 sing N N 154 
ILE CD1 HD13 sing N N 155 
ILE OXT HXT  sing N N 156 
LEU N   CA   sing N N 157 
LEU N   H    sing N N 158 
LEU N   H2   sing N N 159 
LEU CA  C    sing N N 160 
LEU CA  CB   sing N N 161 
LEU CA  HA   sing N N 162 
LEU C   O    doub N N 163 
LEU C   OXT  sing N N 164 
LEU CB  CG   sing N N 165 
LEU CB  HB2  sing N N 166 
LEU CB  HB3  sing N N 167 
LEU CG  CD1  sing N N 168 
LEU CG  CD2  sing N N 169 
LEU CG  HG   sing N N 170 
LEU CD1 HD11 sing N N 171 
LEU CD1 HD12 sing N N 172 
LEU CD1 HD13 sing N N 173 
LEU CD2 HD21 sing N N 174 
LEU CD2 HD22 sing N N 175 
LEU CD2 HD23 sing N N 176 
LEU OXT HXT  sing N N 177 
LYS N   CA   sing N N 178 
LYS N   H    sing N N 179 
LYS N   H2   sing N N 180 
LYS CA  C    sing N N 181 
LYS CA  CB   sing N N 182 
LYS CA  HA   sing N N 183 
LYS C   O    doub N N 184 
LYS C   OXT  sing N N 185 
LYS CB  CG   sing N N 186 
LYS CB  HB2  sing N N 187 
LYS CB  HB3  sing N N 188 
LYS CG  CD   sing N N 189 
LYS CG  HG2  sing N N 190 
LYS CG  HG3  sing N N 191 
LYS CD  CE   sing N N 192 
LYS CD  HD2  sing N N 193 
LYS CD  HD3  sing N N 194 
LYS CE  NZ   sing N N 195 
LYS CE  HE2  sing N N 196 
LYS CE  HE3  sing N N 197 
LYS NZ  HZ1  sing N N 198 
LYS NZ  HZ2  sing N N 199 
LYS NZ  HZ3  sing N N 200 
LYS OXT HXT  sing N N 201 
MET N   CA   sing N N 202 
MET N   H    sing N N 203 
MET N   H2   sing N N 204 
MET CA  C    sing N N 205 
MET CA  CB   sing N N 206 
MET CA  HA   sing N N 207 
MET C   O    doub N N 208 
MET C   OXT  sing N N 209 
MET CB  CG   sing N N 210 
MET CB  HB2  sing N N 211 
MET CB  HB3  sing N N 212 
MET CG  SD   sing N N 213 
MET CG  HG2  sing N N 214 
MET CG  HG3  sing N N 215 
MET SD  CE   sing N N 216 
MET CE  HE1  sing N N 217 
MET CE  HE2  sing N N 218 
MET CE  HE3  sing N N 219 
MET OXT HXT  sing N N 220 
PHE N   CA   sing N N 221 
PHE N   H    sing N N 222 
PHE N   H2   sing N N 223 
PHE CA  C    sing N N 224 
PHE CA  CB   sing N N 225 
PHE CA  HA   sing N N 226 
PHE C   O    doub N N 227 
PHE C   OXT  sing N N 228 
PHE CB  CG   sing N N 229 
PHE CB  HB2  sing N N 230 
PHE CB  HB3  sing N N 231 
PHE CG  CD1  doub Y N 232 
PHE CG  CD2  sing Y N 233 
PHE CD1 CE1  sing Y N 234 
PHE CD1 HD1  sing N N 235 
PHE CD2 CE2  doub Y N 236 
PHE CD2 HD2  sing N N 237 
PHE CE1 CZ   doub Y N 238 
PHE CE1 HE1  sing N N 239 
PHE CE2 CZ   sing Y N 240 
PHE CE2 HE2  sing N N 241 
PHE CZ  HZ   sing N N 242 
PHE OXT HXT  sing N N 243 
PRO N   CA   sing N N 244 
PRO N   CD   sing N N 245 
PRO N   H    sing N N 246 
PRO CA  C    sing N N 247 
PRO CA  CB   sing N N 248 
PRO CA  HA   sing N N 249 
PRO C   O    doub N N 250 
PRO C   OXT  sing N N 251 
PRO CB  CG   sing N N 252 
PRO CB  HB2  sing N N 253 
PRO CB  HB3  sing N N 254 
PRO CG  CD   sing N N 255 
PRO CG  HG2  sing N N 256 
PRO CG  HG3  sing N N 257 
PRO CD  HD2  sing N N 258 
PRO CD  HD3  sing N N 259 
PRO OXT HXT  sing N N 260 
SER N   CA   sing N N 261 
SER N   H    sing N N 262 
SER N   H2   sing N N 263 
SER CA  C    sing N N 264 
SER CA  CB   sing N N 265 
SER CA  HA   sing N N 266 
SER C   O    doub N N 267 
SER C   OXT  sing N N 268 
SER CB  OG   sing N N 269 
SER CB  HB2  sing N N 270 
SER CB  HB3  sing N N 271 
SER OG  HG   sing N N 272 
SER OXT HXT  sing N N 273 
THR N   CA   sing N N 274 
THR N   H    sing N N 275 
THR N   H2   sing N N 276 
THR CA  C    sing N N 277 
THR CA  CB   sing N N 278 
THR CA  HA   sing N N 279 
THR C   O    doub N N 280 
THR C   OXT  sing N N 281 
THR CB  OG1  sing N N 282 
THR CB  CG2  sing N N 283 
THR CB  HB   sing N N 284 
THR OG1 HG1  sing N N 285 
THR CG2 HG21 sing N N 286 
THR CG2 HG22 sing N N 287 
THR CG2 HG23 sing N N 288 
THR OXT HXT  sing N N 289 
TRP N   CA   sing N N 290 
TRP N   H    sing N N 291 
TRP N   H2   sing N N 292 
TRP CA  C    sing N N 293 
TRP CA  CB   sing N N 294 
TRP CA  HA   sing N N 295 
TRP C   O    doub N N 296 
TRP C   OXT  sing N N 297 
TRP CB  CG   sing N N 298 
TRP CB  HB2  sing N N 299 
TRP CB  HB3  sing N N 300 
TRP CG  CD1  doub Y N 301 
TRP CG  CD2  sing Y N 302 
TRP CD1 NE1  sing Y N 303 
TRP CD1 HD1  sing N N 304 
TRP CD2 CE2  doub Y N 305 
TRP CD2 CE3  sing Y N 306 
TRP NE1 CE2  sing Y N 307 
TRP NE1 HE1  sing N N 308 
TRP CE2 CZ2  sing Y N 309 
TRP CE3 CZ3  doub Y N 310 
TRP CE3 HE3  sing N N 311 
TRP CZ2 CH2  doub Y N 312 
TRP CZ2 HZ2  sing N N 313 
TRP CZ3 CH2  sing Y N 314 
TRP CZ3 HZ3  sing N N 315 
TRP CH2 HH2  sing N N 316 
TRP OXT HXT  sing N N 317 
TYR N   CA   sing N N 318 
TYR N   H    sing N N 319 
TYR N   H2   sing N N 320 
TYR CA  C    sing N N 321 
TYR CA  CB   sing N N 322 
TYR CA  HA   sing N N 323 
TYR C   O    doub N N 324 
TYR C   OXT  sing N N 325 
TYR CB  CG   sing N N 326 
TYR CB  HB2  sing N N 327 
TYR CB  HB3  sing N N 328 
TYR CG  CD1  doub Y N 329 
TYR CG  CD2  sing Y N 330 
TYR CD1 CE1  sing Y N 331 
TYR CD1 HD1  sing N N 332 
TYR CD2 CE2  doub Y N 333 
TYR CD2 HD2  sing N N 334 
TYR CE1 CZ   doub Y N 335 
TYR CE1 HE1  sing N N 336 
TYR CE2 CZ   sing Y N 337 
TYR CE2 HE2  sing N N 338 
TYR CZ  OH   sing N N 339 
TYR OH  HH   sing N N 340 
TYR OXT HXT  sing N N 341 
VAL N   CA   sing N N 342 
VAL N   H    sing N N 343 
VAL N   H2   sing N N 344 
VAL CA  C    sing N N 345 
VAL CA  CB   sing N N 346 
VAL CA  HA   sing N N 347 
VAL C   O    doub N N 348 
VAL C   OXT  sing N N 349 
VAL CB  CG1  sing N N 350 
VAL CB  CG2  sing N N 351 
VAL CB  HB   sing N N 352 
VAL CG1 HG11 sing N N 353 
VAL CG1 HG12 sing N N 354 
VAL CG1 HG13 sing N N 355 
VAL CG2 HG21 sing N N 356 
VAL CG2 HG22 sing N N 357 
VAL CG2 HG23 sing N N 358 
VAL OXT HXT  sing N N 359 
# 
_atom_sites.entry_id                    2FR2 
_atom_sites.fract_transf_matrix[1][1]   -0.00536072 
_atom_sites.fract_transf_matrix[1][2]   0.01213255 
_atom_sites.fract_transf_matrix[1][3]   0.00970429 
_atom_sites.fract_transf_matrix[2][1]   -0.00942938 
_atom_sites.fract_transf_matrix[2][2]   0.00324182 
_atom_sites.fract_transf_matrix[2][3]   -0.00926187 
_atom_sites.fract_transf_matrix[3][1]   -0.00797460 
_atom_sites.fract_transf_matrix[3][2]   -0.00782635 
_atom_sites.fract_transf_matrix[3][3]   0.00537947 
_atom_sites.fract_transf_vector[1]      0.089984 
_atom_sites.fract_transf_vector[2]      0.355593 
_atom_sites.fract_transf_vector[3]      0.209732 
# 
loop_
_atom_type.symbol 
C 
N 
O 
S 
# 
loop_
_atom_site.group_PDB 
_atom_site.id 
_atom_site.type_symbol 
_atom_site.label_atom_id 
_atom_site.label_alt_id 
_atom_site.label_comp_id 
_atom_site.label_asym_id 
_atom_site.label_entity_id 
_atom_site.label_seq_id 
_atom_site.pdbx_PDB_ins_code 
_atom_site.Cartn_x 
_atom_site.Cartn_y 
_atom_site.Cartn_z 
_atom_site.occupancy 
_atom_site.B_iso_or_equiv 
_atom_site.pdbx_formal_charge 
_atom_site.auth_seq_id 
_atom_site.auth_comp_id 
_atom_site.auth_asym_id 
_atom_site.auth_atom_id 
_atom_site.pdbx_PDB_model_num 
ATOM   1    N N   . ASP A 1 4   ? 0.695   -24.788 -5.926  1.00 27.04 ? 4   ASP A N   1 
ATOM   2    C CA  . ASP A 1 4   ? -0.241  -23.768 -5.382  1.00 25.52 ? 4   ASP A CA  1 
ATOM   3    C C   . ASP A 1 4   ? 0.441   -22.399 -5.405  1.00 23.00 ? 4   ASP A C   1 
ATOM   4    O O   . ASP A 1 4   ? 0.357   -21.725 -6.410  1.00 22.99 ? 4   ASP A O   1 
ATOM   5    C CB  . ASP A 1 4   ? -0.724  -24.135 -3.974  1.00 27.82 ? 4   ASP A CB  1 
ATOM   6    C CG  . ASP A 1 4   ? -1.957  -23.327 -3.543  1.00 31.23 ? 4   ASP A CG  1 
ATOM   7    O OD1 . ASP A 1 4   ? -2.405  -22.446 -4.315  1.00 33.73 ? 4   ASP A OD1 1 
ATOM   8    O OD2 . ASP A 1 4   ? -2.474  -23.585 -2.424  1.00 38.65 ? 4   ASP A OD2 1 
ATOM   9    N N   . LEU A 1 5   ? 1.136   -22.022 -4.332  1.00 21.04 ? 5   LEU A N   1 
ATOM   10   C CA  . LEU A 1 5   ? 1.839   -20.727 -4.287  1.00 19.17 ? 5   LEU A CA  1 
ATOM   11   C C   . LEU A 1 5   ? 3.110   -20.758 -5.130  1.00 18.13 ? 5   LEU A C   1 
ATOM   12   O O   . LEU A 1 5   ? 3.932   -21.685 -5.006  1.00 17.98 ? 5   LEU A O   1 
ATOM   13   C CB  . LEU A 1 5   ? 2.187   -20.344 -2.841  1.00 18.84 ? 5   LEU A CB  1 
ATOM   14   C CG  . LEU A 1 5   ? 2.667   -18.914 -2.628  1.00 18.82 ? 5   LEU A CG  1 
ATOM   15   C CD1 . LEU A 1 5   ? 1.560   -17.884 -2.854  1.00 21.71 ? 5   LEU A CD1 1 
ATOM   16   C CD2 . LEU A 1 5   ? 3.269   -18.733 -1.231  1.00 20.91 ? 5   LEU A CD2 1 
ATOM   17   N N   . ALA A 1 6   ? 3.286   -19.743 -5.968  1.00 15.00 ? 6   ALA A N   1 
ATOM   18   C CA  . ALA A 1 6   ? 4.544   -19.675 -6.741  1.00 14.59 ? 6   ALA A CA  1 
ATOM   19   C C   . ALA A 1 6   ? 5.742   -19.551 -5.788  1.00 14.57 ? 6   ALA A C   1 
ATOM   20   O O   . ALA A 1 6   ? 5.694   -18.819 -4.792  1.00 14.71 ? 6   ALA A O   1 
ATOM   21   C CB  . ALA A 1 6   ? 4.531   -18.499 -7.676  1.00 15.20 ? 6   ALA A CB  1 
ATOM   22   N N   . PRO A 1 7   ? 6.835   -20.258 -6.091  1.00 13.61 ? 7   PRO A N   1 
ATOM   23   C CA  . PRO A 1 7   ? 8.017   -20.193 -5.241  1.00 13.41 ? 7   PRO A CA  1 
ATOM   24   C C   . PRO A 1 7   ? 8.494   -18.772 -4.960  1.00 13.73 ? 7   PRO A C   1 
ATOM   25   O O   . PRO A 1 7   ? 8.923   -18.509 -3.823  1.00 13.88 ? 7   PRO A O   1 
ATOM   26   C CB  . PRO A 1 7   ? 9.052   -20.946 -6.060  1.00 12.42 ? 7   PRO A CB  1 
ATOM   27   C CG  . PRO A 1 7   ? 8.237   -21.986 -6.736  1.00 13.42 ? 7   PRO A CG  1 
ATOM   28   C CD  . PRO A 1 7   ? 7.011   -21.241 -7.182  1.00 13.87 ? 7   PRO A CD  1 
ATOM   29   N N   . ALA A 1 8   ? 8.382   -17.849 -5.920  1.00 13.90 ? 8   ALA A N   1 
ATOM   30   C CA  . ALA A 1 8   ? 8.921   -16.502 -5.677  1.00 14.99 ? 8   ALA A CA  1 
ATOM   31   C C   . ALA A 1 8   ? 8.212   -15.804 -4.517  1.00 14.30 ? 8   ALA A C   1 
ATOM   32   O O   . ALA A 1 8   ? 8.749   -14.816 -3.975  1.00 16.79 ? 8   ALA A O   1 
ATOM   33   C CB  . ALA A 1 8   ? 8.786   -15.648 -6.933  1.00 14.50 ? 8   ALA A CB  1 
ATOM   34   N N   . LEU A 1 9   ? 6.995   -16.244 -4.196  1.00 13.45 ? 9   LEU A N   1 
ATOM   35   C CA  . LEU A 1 9   ? 6.170   -15.537 -3.208  1.00 14.66 ? 9   LEU A CA  1 
ATOM   36   C C   . LEU A 1 9   ? 6.315   -16.091 -1.803  1.00 14.60 ? 9   LEU A C   1 
ATOM   37   O O   . LEU A 1 9   ? 5.637   -15.635 -0.861  1.00 14.74 ? 9   LEU A O   1 
ATOM   38   C CB  . LEU A 1 9   ? 4.697   -15.657 -3.578  1.00 14.55 ? 9   LEU A CB  1 
ATOM   39   C CG  . LEU A 1 9   ? 4.295   -14.953 -4.872  1.00 13.94 ? 9   LEU A CG  1 
ATOM   40   C CD1 . LEU A 1 9   ? 2.786   -15.157 -5.112  1.00 19.50 ? 9   LEU A CD1 1 
ATOM   41   C CD2 . LEU A 1 9   ? 4.633   -13.495 -4.790  1.00 17.46 ? 9   LEU A CD2 1 
ATOM   42   N N   . GLN A 1 10  ? 7.172   -17.087 -1.628  1.00 14.77 ? 10  GLN A N   1 
ATOM   43   C CA  . GLN A 1 10  ? 7.186   -17.791 -0.337  1.00 16.30 ? 10  GLN A CA  1 
ATOM   44   C C   . GLN A 1 10  ? 7.449   -16.870 0.868   1.00 14.54 ? 10  GLN A C   1 
ATOM   45   O O   . GLN A 1 10  ? 6.775   -16.982 1.894   1.00 14.19 ? 10  GLN A O   1 
ATOM   46   C CB  . GLN A 1 10  ? 8.197   -18.934 -0.405  1.00 17.57 ? 10  GLN A CB  1 
ATOM   47   C CG  . GLN A 1 10  ? 8.238   -19.787 0.824   1.00 23.04 ? 10  GLN A CG  1 
ATOM   48   C CD  . GLN A 1 10  ? 6.888   -20.454 1.162   1.00 30.85 ? 10  GLN A CD  1 
ATOM   49   O OE1 . GLN A 1 10  ? 6.107   -20.870 0.284   1.00 31.05 ? 10  GLN A OE1 1 
ATOM   50   N NE2 . GLN A 1 10  ? 6.626   -20.571 2.464   1.00 34.04 ? 10  GLN A NE2 1 
ATOM   51   N N   . ALA A 1 11  ? 8.404   -15.945 0.749   1.00 14.56 ? 11  ALA A N   1 
ATOM   52   C CA  . ALA A 1 11  ? 8.700   -15.074 1.889   1.00 13.68 ? 11  ALA A CA  1 
ATOM   53   C C   . ALA A 1 11  ? 7.511   -14.195 2.243   1.00 13.81 ? 11  ALA A C   1 
ATOM   54   O O   . ALA A 1 11  ? 7.363   -13.761 3.395   1.00 15.03 ? 11  ALA A O   1 
ATOM   55   C CB  . ALA A 1 11  ? 9.896   -14.192 1.585   1.00 14.48 ? 11  ALA A CB  1 
ATOM   56   N N   . LEU A 1 12  ? 6.670   -13.892 1.251   1.00 13.26 ? 12  LEU A N   1 
ATOM   57   C CA  . LEU A 1 12  ? 5.556   -12.979 1.462   1.00 13.48 ? 12  LEU A CA  1 
ATOM   58   C C   . LEU A 1 12  ? 4.267   -13.716 1.745   1.00 14.34 ? 12  LEU A C   1 
ATOM   59   O O   . LEU A 1 12  ? 3.205   -13.080 1.871   1.00 14.46 ? 12  LEU A O   1 
ATOM   60   C CB  . LEU A 1 12  ? 5.370   -12.100 0.243   1.00 13.67 ? 12  LEU A CB  1 
ATOM   61   C CG  . LEU A 1 12  ? 6.562   -11.189 -0.023  1.00 13.87 ? 12  LEU A CG  1 
ATOM   62   C CD1 . LEU A 1 12  ? 6.172   -10.292 -1.201  1.00 17.96 ? 12  LEU A CD1 1 
ATOM   63   C CD2 . LEU A 1 12  ? 6.827   -10.314 1.156   1.00 17.13 ? 12  LEU A CD2 1 
ATOM   64   N N   . SER A 1 13  ? 4.348   -15.034 1.955   1.00 14.83 ? 13  SER A N   1 
ATOM   65   C CA  . SER A 1 13  ? 3.107   -15.781 2.207   1.00 15.44 ? 13  SER A CA  1 
ATOM   66   C C   . SER A 1 13  ? 2.306   -15.292 3.441   1.00 15.28 ? 13  SER A C   1 
ATOM   67   O O   . SER A 1 13  ? 1.047   -15.367 3.427   1.00 16.01 ? 13  SER A O   1 
ATOM   68   C CB  . SER A 1 13  ? 3.370   -17.284 2.200   1.00 16.22 ? 13  SER A CB  1 
ATOM   69   O OG  . SER A 1 13  ? 4.184   -17.627 3.304   1.00 19.45 ? 13  SER A OG  1 
ATOM   70   N N   . PRO A 1 14  ? 2.979   -14.778 4.496   1.00 14.53 ? 14  PRO A N   1 
ATOM   71   C CA  . PRO A 1 14  ? 2.180   -14.237 5.621   1.00 14.19 ? 14  PRO A CA  1 
ATOM   72   C C   . PRO A 1 14  ? 1.271   -13.059 5.265   1.00 14.23 ? 14  PRO A C   1 
ATOM   73   O O   . PRO A 1 14  ? 0.380   -12.722 6.050   1.00 14.43 ? 14  PRO A O   1 
ATOM   74   C CB  . PRO A 1 14  ? 3.256   -13.752 6.605   1.00 15.46 ? 14  PRO A CB  1 
ATOM   75   C CG  . PRO A 1 14  ? 4.418   -14.659 6.324   1.00 14.52 ? 14  PRO A CG  1 
ATOM   76   C CD  . PRO A 1 14  ? 4.424   -14.688 4.814   1.00 14.51 ? 14  PRO A CD  1 
ATOM   77   N N   . LEU A 1 15  ? 1.469   -12.431 4.103   1.00 13.72 ? 15  LEU A N   1 
ATOM   78   C CA  . LEU A 1 15  ? 0.523   -11.370 3.707   1.00 13.73 ? 15  LEU A CA  1 
ATOM   79   C C   . LEU A 1 15  ? -0.840  -11.902 3.277   1.00 13.70 ? 15  LEU A C   1 
ATOM   80   O O   . LEU A 1 15  ? -1.818  -11.178 3.353   1.00 13.21 ? 15  LEU A O   1 
ATOM   81   C CB  . LEU A 1 15  ? 1.069   -10.531 2.533   1.00 14.72 ? 15  LEU A CB  1 
ATOM   82   C CG  . LEU A 1 15  ? 2.132   -9.503  2.894   1.00 16.04 ? 15  LEU A CG  1 
ATOM   83   C CD1 . LEU A 1 15  ? 3.361   -10.131 3.596   1.00 18.49 ? 15  LEU A CD1 1 
ATOM   84   C CD2 . LEU A 1 15  ? 2.543   -8.726  1.601   1.00 14.45 ? 15  LEU A CD2 1 
ATOM   85   N N   . LEU A 1 16  ? -0.895  -13.148 2.807   1.00 13.80 ? 16  LEU A N   1 
ATOM   86   C CA  . LEU A 1 16  ? -2.147  -13.710 2.274   1.00 15.07 ? 16  LEU A CA  1 
ATOM   87   C C   . LEU A 1 16  ? -3.243  -13.676 3.327   1.00 14.01 ? 16  LEU A C   1 
ATOM   88   O O   . LEU A 1 16  ? -3.055  -14.086 4.501   1.00 15.56 ? 16  LEU A O   1 
ATOM   89   C CB  . LEU A 1 16  ? -1.957  -15.161 1.803   1.00 14.63 ? 16  LEU A CB  1 
ATOM   90   C CG  . LEU A 1 16  ? -1.027  -15.282 0.598   1.00 16.19 ? 16  LEU A CG  1 
ATOM   91   C CD1 . LEU A 1 16  ? -0.669  -16.735 0.387   1.00 16.14 ? 16  LEU A CD1 1 
ATOM   92   C CD2 . LEU A 1 16  ? -1.655  -14.704 -0.654  1.00 16.87 ? 16  LEU A CD2 1 
ATOM   93   N N   . GLY A 1 17  ? -4.397  -13.189 2.879   1.00 14.60 ? 17  GLY A N   1 
ATOM   94   C CA  . GLY A 1 17  ? -5.590  -13.171 3.719   1.00 13.86 ? 17  GLY A CA  1 
ATOM   95   C C   . GLY A 1 17  ? -6.210  -11.787 3.825   1.00 13.39 ? 17  GLY A C   1 
ATOM   96   O O   . GLY A 1 17  ? -5.909  -10.900 3.003   1.00 13.39 ? 17  GLY A O   1 
ATOM   97   N N   . SER A 1 18  ? -7.099  -11.630 4.808   1.00 13.87 ? 18  SER A N   1 
ATOM   98   C CA  . SER A 1 18  ? -7.822  -10.385 4.983   1.00 14.01 ? 18  SER A CA  1 
ATOM   99   C C   . SER A 1 18  ? -7.304  -9.702  6.221   1.00 13.53 ? 18  SER A C   1 
ATOM   100  O O   . SER A 1 18  ? -7.047  -10.363 7.242   1.00 14.08 ? 18  SER A O   1 
ATOM   101  C CB  . SER A 1 18  ? -9.328  -10.632 5.175   1.00 15.26 ? 18  SER A CB  1 
ATOM   102  O OG  . SER A 1 18  ? -9.881  -11.274 4.017   1.00 22.06 ? 18  SER A OG  1 
ATOM   103  N N   . TRP A 1 19  ? -7.239  -8.380  6.124   1.00 13.68 ? 19  TRP A N   1 
ATOM   104  C CA  . TRP A 1 19  ? -6.730  -7.533  7.180   1.00 13.53 ? 19  TRP A CA  1 
ATOM   105  C C   . TRP A 1 19  ? -7.737  -6.387  7.388   1.00 13.96 ? 19  TRP A C   1 
ATOM   106  O O   . TRP A 1 19  ? -8.295  -5.870  6.411   1.00 15.29 ? 19  TRP A O   1 
ATOM   107  C CB  . TRP A 1 19  ? -5.381  -6.930  6.728   1.00 13.99 ? 19  TRP A CB  1 
ATOM   108  C CG  . TRP A 1 19  ? -4.325  -7.977  6.453   1.00 13.66 ? 19  TRP A CG  1 
ATOM   109  C CD1 . TRP A 1 19  ? -4.171  -8.719  5.296   1.00 14.59 ? 19  TRP A CD1 1 
ATOM   110  C CD2 . TRP A 1 19  ? -3.299  -8.415  7.343   1.00 13.57 ? 19  TRP A CD2 1 
ATOM   111  N NE1 . TRP A 1 19  ? -3.096  -9.576  5.413   1.00 13.98 ? 19  TRP A NE1 1 
ATOM   112  C CE2 . TRP A 1 19  ? -2.561  -9.432  6.674   1.00 13.57 ? 19  TRP A CE2 1 
ATOM   113  C CE3 . TRP A 1 19  ? -2.937  -8.068  8.661   1.00 12.61 ? 19  TRP A CE3 1 
ATOM   114  C CZ2 . TRP A 1 19  ? -1.452  -10.060 7.257   1.00 14.57 ? 19  TRP A CZ2 1 
ATOM   115  C CZ3 . TRP A 1 19  ? -1.849  -8.739  9.263   1.00 14.21 ? 19  TRP A CZ3 1 
ATOM   116  C CH2 . TRP A 1 19  ? -1.134  -9.723  8.569   1.00 13.88 ? 19  TRP A CH2 1 
ATOM   117  N N   . ALA A 1 20  ? -7.916  -5.958  8.632   1.00 13.67 ? 20  ALA A N   1 
ATOM   118  C CA  . ALA A 1 20  ? -8.795  -4.796  8.895   1.00 12.73 ? 20  ALA A CA  1 
ATOM   119  C C   . ALA A 1 20  ? -8.236  -3.969  10.027  1.00 12.65 ? 20  ALA A C   1 
ATOM   120  O O   . ALA A 1 20  ? -7.689  -4.517  10.993  1.00 13.40 ? 20  ALA A O   1 
ATOM   121  C CB  . ALA A 1 20  ? -10.204 -5.257  9.228   1.00 14.33 ? 20  ALA A CB  1 
ATOM   122  N N   . GLY A 1 21  ? -8.391  -2.656  9.934   1.00 12.35 ? 21  GLY A N   1 
ATOM   123  C CA  . GLY A 1 21  ? -7.966  -1.798  11.015  1.00 13.10 ? 21  GLY A CA  1 
ATOM   124  C C   . GLY A 1 21  ? -8.338  -0.355  10.751  1.00 12.82 ? 21  GLY A C   1 
ATOM   125  O O   . GLY A 1 21  ? -9.406  -0.078  10.203  1.00 13.04 ? 21  GLY A O   1 
ATOM   126  N N   . ARG A 1 22  ? -7.446  0.551   11.149  1.00 12.20 ? 22  ARG A N   1 
ATOM   127  C CA  . ARG A 1 22  ? -7.791  1.975   11.226  1.00 12.49 ? 22  ARG A CA  1 
ATOM   128  C C   . ARG A 1 22  ? -6.534  2.753   11.033  1.00 13.08 ? 22  ARG A C   1 
ATOM   129  O O   . ARG A 1 22  ? -5.465  2.299   11.429  1.00 13.09 ? 22  ARG A O   1 
ATOM   130  C CB  . ARG A 1 22  ? -8.447  2.288   12.586  1.00 14.15 ? 22  ARG A CB  1 
ATOM   131  C CG  . ARG A 1 22  ? -8.834  3.760   12.795  1.00 14.30 ? 22  ARG A CG  1 
ATOM   132  C CD  . ARG A 1 22  ? -9.654  3.894   14.079  1.00 13.09 ? 22  ARG A CD  1 
ATOM   133  N NE  . ARG A 1 22  ? -9.635  5.263   14.573  1.00 14.82 ? 22  ARG A NE  1 
ATOM   134  C CZ  . ARG A 1 22  ? -10.420 5.696   15.564  1.00 15.70 ? 22  ARG A CZ  1 
ATOM   135  N NH1 . ARG A 1 22  ? -11.305 4.869   16.108  1.00 18.53 ? 22  ARG A NH1 1 
ATOM   136  N NH2 . ARG A 1 22  ? -10.302 6.929   16.025  1.00 17.31 ? 22  ARG A NH2 1 
ATOM   137  N N   . GLY A 1 23  ? -6.674  3.912   10.385  1.00 11.72 ? 23  GLY A N   1 
ATOM   138  C CA  . GLY A 1 23  ? -5.519  4.782   10.202  1.00 12.42 ? 23  GLY A CA  1 
ATOM   139  C C   . GLY A 1 23  ? -5.927  6.242   10.183  1.00 11.95 ? 23  GLY A C   1 
ATOM   140  O O   . GLY A 1 23  ? -7.046  6.611   10.559  1.00 12.89 ? 23  GLY A O   1 
ATOM   141  N N   . ALA A 1 24  ? -4.989  7.061   9.742   1.00 12.49 ? 24  ALA A N   1 
ATOM   142  C CA  . ALA A 1 24  ? -5.181  8.509   9.704   1.00 13.77 ? 24  ALA A CA  1 
ATOM   143  C C   . ALA A 1 24  ? -4.411  9.112   8.556   1.00 14.12 ? 24  ALA A C   1 
ATOM   144  O O   . ALA A 1 24  ? -3.415  8.552   8.089   1.00 14.05 ? 24  ALA A O   1 
ATOM   145  C CB  . ALA A 1 24  ? -4.730  9.144   11.002  1.00 16.07 ? 24  ALA A CB  1 
ATOM   146  N N   . GLY A 1 25  ? -4.913  10.244  8.071   1.00 14.15 ? 25  GLY A N   1 
ATOM   147  C CA  . GLY A 1 25  ? -4.315  10.949  6.948   1.00 13.36 ? 25  GLY A CA  1 
ATOM   148  C C   . GLY A 1 25  ? -4.175  12.441  7.232   1.00 13.54 ? 25  GLY A C   1 
ATOM   149  O O   . GLY A 1 25  ? -4.902  13.033  8.057   1.00 14.01 ? 25  GLY A O   1 
ATOM   150  N N   . LYS A 1 26  ? -3.197  13.050  6.572   1.00 12.97 ? 26  LYS A N   1 
ATOM   151  C CA  . LYS A 1 26  ? -2.974  14.480  6.705   1.00 13.83 ? 26  LYS A CA  1 
ATOM   152  C C   . LYS A 1 26  ? -2.202  14.969  5.481   1.00 13.16 ? 26  LYS A C   1 
ATOM   153  O O   . LYS A 1 26  ? -1.569  14.149  4.800   1.00 13.17 ? 26  LYS A O   1 
ATOM   154  C CB  . LYS A 1 26  ? -2.206  14.751  8.002   1.00 14.46 ? 26  LYS A CB  1 
ATOM   155  C CG  . LYS A 1 26  ? -0.793  14.221  8.014   1.00 18.24 ? 26  LYS A CG  1 
ATOM   156  C CD  . LYS A 1 26  ? -0.016  14.802  9.191   1.00 24.04 ? 26  LYS A CD  1 
ATOM   157  C CE  . LYS A 1 26  ? 1.291   14.049  9.340   1.00 27.54 ? 26  LYS A CE  1 
ATOM   158  N NZ  . LYS A 1 26  ? 1.972   14.310  10.661  1.00 30.66 ? 26  LYS A NZ  1 
ATOM   159  N N   . TYR A 1 27  ? -2.301  16.264  5.189   1.00 13.57 ? 27  TYR A N   1 
ATOM   160  C CA  . TYR A 1 27  ? -1.455  16.877  4.172   1.00 13.34 ? 27  TYR A CA  1 
ATOM   161  C C   . TYR A 1 27  ? -1.619  18.367  4.317   1.00 14.89 ? 27  TYR A C   1 
ATOM   162  O O   . TYR A 1 27  ? -2.690  18.810  4.772   1.00 15.96 ? 27  TYR A O   1 
ATOM   163  C CB  . TYR A 1 27  ? -1.829  16.433  2.741   1.00 13.49 ? 27  TYR A CB  1 
ATOM   164  C CG  . TYR A 1 27  ? -0.608  16.335  1.843   1.00 11.20 ? 27  TYR A CG  1 
ATOM   165  C CD1 . TYR A 1 27  ? 0.446   15.473  2.188   1.00 12.33 ? 27  TYR A CD1 1 
ATOM   166  C CD2 . TYR A 1 27  ? -0.486  17.121  0.695   1.00 12.93 ? 27  TYR A CD2 1 
ATOM   167  C CE1 . TYR A 1 27  ? 1.596   15.377  1.384   1.00 11.79 ? 27  TYR A CE1 1 
ATOM   168  C CE2 . TYR A 1 27  ? 0.657   17.038  -0.096  1.00 12.56 ? 27  TYR A CE2 1 
ATOM   169  C CZ  . TYR A 1 27  ? 1.686   16.170  0.264   1.00 11.22 ? 27  TYR A CZ  1 
ATOM   170  O OH  . TYR A 1 27  ? 2.819   16.118  -0.526  1.00 12.82 ? 27  TYR A OH  1 
ATOM   171  N N   . PRO A 1 28  ? -0.577  19.157  3.947   1.00 14.92 ? 28  PRO A N   1 
ATOM   172  C CA  . PRO A 1 28  ? -0.703  20.618  4.153   1.00 16.38 ? 28  PRO A CA  1 
ATOM   173  C C   . PRO A 1 28  ? -1.926  21.255  3.481   1.00 16.53 ? 28  PRO A C   1 
ATOM   174  O O   . PRO A 1 28  ? -2.380  22.326  3.930   1.00 19.10 ? 28  PRO A O   1 
ATOM   175  C CB  . PRO A 1 28  ? 0.621   21.161  3.595   1.00 16.64 ? 28  PRO A CB  1 
ATOM   176  C CG  . PRO A 1 28  ? 1.574   20.062  3.803   1.00 14.27 ? 28  PRO A CG  1 
ATOM   177  C CD  . PRO A 1 28  ? 0.780   18.786  3.509   1.00 15.59 ? 28  PRO A CD  1 
ATOM   178  N N   . THR A 1 29  ? -2.492  20.606  2.463   1.00 16.06 ? 29  THR A N   1 
ATOM   179  C CA  . THR A 1 29  ? -3.555  21.207  1.665   1.00 18.02 ? 29  THR A CA  1 
ATOM   180  C C   . THR A 1 29  ? -4.948  20.673  2.029   1.00 18.85 ? 29  THR A C   1 
ATOM   181  O O   . THR A 1 29  ? -5.937  21.042  1.402   1.00 19.85 ? 29  THR A O   1 
ATOM   182  C CB  . THR A 1 29  ? -3.310  20.888  0.177   1.00 17.22 ? 29  THR A CB  1 
ATOM   183  O OG1 . THR A 1 29  ? -3.137  19.470  0.035   1.00 19.67 ? 29  THR A OG1 1 
ATOM   184  C CG2 . THR A 1 29  ? -2.066  21.620  -0.328  1.00 18.57 ? 29  THR A CG2 1 
ATOM   185  N N   . ILE A 1 30  ? -5.028  19.824  3.060   1.00 18.48 ? 30  ILE A N   1 
ATOM   186  C CA  . ILE A 1 30  ? -6.302  19.217  3.451   1.00 18.74 ? 30  ILE A CA  1 
ATOM   187  C C   . ILE A 1 30  ? -6.436  19.259  4.985   1.00 18.09 ? 30  ILE A C   1 
ATOM   188  O O   . ILE A 1 30  ? -5.467  19.597  5.674   1.00 17.58 ? 30  ILE A O   1 
ATOM   189  C CB  . ILE A 1 30  ? -6.461  17.744  2.968   1.00 19.04 ? 30  ILE A CB  1 
ATOM   190  C CG1 . ILE A 1 30  ? -5.463  16.819  3.692   1.00 18.71 ? 30  ILE A CG1 1 
ATOM   191  C CG2 . ILE A 1 30  ? -6.323  17.616  1.420   1.00 20.48 ? 30  ILE A CG2 1 
ATOM   192  C CD1 . ILE A 1 30  ? -5.639  15.348  3.399   1.00 19.95 ? 30  ILE A CD1 1 
ATOM   193  N N   . ARG A 1 31  ? -7.649  18.979  5.478   1.00 17.76 ? 31  ARG A N   1 
ATOM   194  C CA  . ARG A 1 31  ? -7.866  18.795  6.927   1.00 17.31 ? 31  ARG A CA  1 
ATOM   195  C C   . ARG A 1 31  ? -7.482  17.354  7.281   1.00 16.01 ? 31  ARG A C   1 
ATOM   196  O O   . ARG A 1 31  ? -7.749  16.424  6.496   1.00 16.58 ? 31  ARG A O   1 
ATOM   197  C CB  . ARG A 1 31  ? -9.338  19.015  7.348   1.00 18.44 ? 31  ARG A CB  1 
ATOM   198  C CG  . ARG A 1 31  ? -10.052 20.241  6.715   1.00 21.15 ? 31  ARG A CG  1 
ATOM   199  C CD  . ARG A 1 31  ? -11.275 20.699  7.392   0.00 23.82 ? 31  ARG A CD  1 
ATOM   200  N NE  . ARG A 1 31  ? -11.581 22.139  7.482   0.00 33.22 ? 31  ARG A NE  1 
ATOM   201  C CZ  . ARG A 1 31  ? -12.720 22.668  7.936   0.00 35.29 ? 31  ARG A CZ  1 
ATOM   202  N NH1 . ARG A 1 31  ? -13.721 21.893  8.354   0.00 37.00 ? 31  ARG A NH1 1 
ATOM   203  N NH2 . ARG A 1 31  ? -12.862 23.992  7.972   0.00 36.93 ? 31  ARG A NH2 1 
ATOM   204  N N   . PRO A 1 32  ? -6.866  17.145  8.467   1.00 15.22 ? 32  PRO A N   1 
ATOM   205  C CA  . PRO A 1 32  ? -6.626  15.756  8.885   1.00 14.28 ? 32  PRO A CA  1 
ATOM   206  C C   . PRO A 1 32  ? -7.914  14.920  8.964   1.00 13.27 ? 32  PRO A C   1 
ATOM   207  O O   . PRO A 1 32  ? -9.018  15.451  9.160   1.00 13.28 ? 32  PRO A O   1 
ATOM   208  C CB  . PRO A 1 32  ? -5.986  15.903  10.278  1.00 14.65 ? 32  PRO A CB  1 
ATOM   209  C CG  . PRO A 1 32  ? -5.354  17.268  10.233  1.00 16.10 ? 32  PRO A CG  1 
ATOM   210  C CD  . PRO A 1 32  ? -6.297  18.106  9.419   1.00 16.00 ? 32  PRO A CD  1 
ATOM   211  N N   . PHE A 1 33  ? -7.760  13.613  8.824   1.00 12.75 ? 33  PHE A N   1 
ATOM   212  C CA  . PHE A 1 33  ? -8.905  12.743  8.880   1.00 12.66 ? 33  PHE A CA  1 
ATOM   213  C C   . PHE A 1 33  ? -8.486  11.362  9.362   1.00 13.18 ? 33  PHE A C   1 
ATOM   214  O O   . PHE A 1 33  ? -7.292  11.058  9.438   1.00 14.71 ? 33  PHE A O   1 
ATOM   215  C CB  . PHE A 1 33  ? -9.625  12.665  7.528   1.00 15.35 ? 33  PHE A CB  1 
ATOM   216  C CG  . PHE A 1 33  ? -8.841  12.006  6.449   1.00 15.32 ? 33  PHE A CG  1 
ATOM   217  C CD1 . PHE A 1 33  ? -9.120  10.681  6.089   1.00 18.59 ? 33  PHE A CD1 1 
ATOM   218  C CD2 . PHE A 1 33  ? -7.830  12.712  5.760   1.00 16.23 ? 33  PHE A CD2 1 
ATOM   219  C CE1 . PHE A 1 33  ? -8.396  10.067  5.051   1.00 20.69 ? 33  PHE A CE1 1 
ATOM   220  C CE2 . PHE A 1 33  ? -7.096  12.099  4.743   1.00 18.22 ? 33  PHE A CE2 1 
ATOM   221  C CZ  . PHE A 1 33  ? -7.384  10.787  4.377   1.00 19.53 ? 33  PHE A CZ  1 
ATOM   222  N N   . GLU A 1 34  ? -9.463  10.549  9.719   1.00 13.81 ? 34  GLU A N   1 
ATOM   223  C CA  . GLU A 1 34  ? -9.201  9.166   10.089  1.00 14.30 ? 34  GLU A CA  1 
ATOM   224  C C   . GLU A 1 34  ? -10.093 8.269   9.265   1.00 14.58 ? 34  GLU A C   1 
ATOM   225  O O   . GLU A 1 34  ? -11.112 8.701   8.735   1.00 15.70 ? 34  GLU A O   1 
ATOM   226  C CB  . GLU A 1 34  ? -9.526  8.886   11.550  1.00 14.53 ? 34  GLU A CB  1 
ATOM   227  C CG  . GLU A 1 34  ? -8.779  9.630   12.568  1.00 18.39 ? 34  GLU A CG  1 
ATOM   228  C CD  . GLU A 1 34  ? -9.338  9.247   13.948  1.00 21.71 ? 34  GLU A CD  1 
ATOM   229  O OE1 . GLU A 1 34  ? -10.479 9.653   14.312  1.00 24.18 ? 34  GLU A OE1 1 
ATOM   230  O OE2 . GLU A 1 34  ? -8.609  8.489   14.604  1.00 27.18 ? 34  GLU A OE2 1 
ATOM   231  N N   . TYR A 1 35  ? -9.714  6.998   9.187   1.00 12.82 ? 35  TYR A N   1 
ATOM   232  C CA  . TYR A 1 35  ? -10.446 6.053   8.357   1.00 12.06 ? 35  TYR A CA  1 
ATOM   233  C C   . TYR A 1 35  ? -10.315 4.638   8.856   1.00 12.87 ? 35  TYR A C   1 
ATOM   234  O O   . TYR A 1 35  ? -9.348  4.305   9.550   1.00 14.09 ? 35  TYR A O   1 
ATOM   235  C CB  . TYR A 1 35  ? -9.939  6.151   6.904   1.00 11.73 ? 35  TYR A CB  1 
ATOM   236  C CG  . TYR A 1 35  ? -8.430  5.878   6.750   1.00 11.60 ? 35  TYR A CG  1 
ATOM   237  C CD1 . TYR A 1 35  ? -7.950  4.575   6.506   1.00 12.65 ? 35  TYR A CD1 1 
ATOM   238  C CD2 . TYR A 1 35  ? -7.510  6.922   6.761   1.00 13.41 ? 35  TYR A CD2 1 
ATOM   239  C CE1 . TYR A 1 35  ? -6.569  4.322   6.316   1.00 12.29 ? 35  TYR A CE1 1 
ATOM   240  C CE2 . TYR A 1 35  ? -6.153  6.692   6.607   1.00 13.50 ? 35  TYR A CE2 1 
ATOM   241  C CZ  . TYR A 1 35  ? -5.664  5.396   6.378   1.00 12.34 ? 35  TYR A CZ  1 
ATOM   242  O OH  . TYR A 1 35  ? -4.290  5.210   6.165   1.00 15.08 ? 35  TYR A OH  1 
ATOM   243  N N   . LEU A 1 36  ? -11.321 3.830   8.508   1.00 12.60 ? 36  LEU A N   1 
ATOM   244  C CA  . LEU A 1 36  ? -11.247 2.378   8.686   1.00 12.92 ? 36  LEU A CA  1 
ATOM   245  C C   . LEU A 1 36  ? -10.749 1.806   7.366   1.00 13.38 ? 36  LEU A C   1 
ATOM   246  O O   . LEU A 1 36  ? -10.998 2.387   6.299   1.00 13.81 ? 36  LEU A O   1 
ATOM   247  C CB  . LEU A 1 36  ? -12.637 1.811   9.022   1.00 13.01 ? 36  LEU A CB  1 
ATOM   248  C CG  . LEU A 1 36  ? -13.229 2.383   10.326  1.00 13.60 ? 36  LEU A CG  1 
ATOM   249  C CD1 . LEU A 1 36  ? -14.613 1.772   10.520  1.00 14.29 ? 36  LEU A CD1 1 
ATOM   250  C CD2 . LEU A 1 36  ? -12.357 2.123   11.530  1.00 15.37 ? 36  LEU A CD2 1 
ATOM   251  N N   . GLU A 1 37  ? -10.043 0.686   7.437   1.00 12.98 ? 37  GLU A N   1 
ATOM   252  C CA  . GLU A 1 37  ? -9.408  0.110   6.259   1.00 13.85 ? 37  GLU A CA  1 
ATOM   253  C C   . GLU A 1 37  ? -9.553  -1.406  6.270   1.00 14.42 ? 37  GLU A C   1 
ATOM   254  O O   . GLU A 1 37  ? -9.377  -2.034  7.321   1.00 14.71 ? 37  GLU A O   1 
ATOM   255  C CB  . GLU A 1 37  ? -7.917  0.472   6.238   1.00 14.72 ? 37  GLU A CB  1 
ATOM   256  C CG  . GLU A 1 37  ? -7.161  -0.155  5.057   1.00 14.79 ? 37  GLU A CG  1 
ATOM   257  C CD  . GLU A 1 37  ? -5.759  0.407   4.898   1.00 17.58 ? 37  GLU A CD  1 
ATOM   258  O OE1 . GLU A 1 37  ? -5.414  1.320   5.671   1.00 18.65 ? 37  GLU A OE1 1 
ATOM   259  O OE2 . GLU A 1 37  ? -5.021  -0.084  4.026   1.00 19.44 ? 37  GLU A OE2 1 
ATOM   260  N N   . GLU A 1 38  ? -9.850  -1.962  5.082   1.00 15.08 ? 38  GLU A N   1 
ATOM   261  C CA  . GLU A 1 38  ? -9.915  -3.417  4.861   1.00 15.08 ? 38  GLU A CA  1 
ATOM   262  C C   . GLU A 1 38  ? -9.036  -3.700  3.643   1.00 15.21 ? 38  GLU A C   1 
ATOM   263  O O   . GLU A 1 38  ? -9.147  -3.020  2.612   1.00 16.06 ? 38  GLU A O   1 
ATOM   264  C CB  . GLU A 1 38  ? -11.350 -3.860  4.584   1.00 16.28 ? 38  GLU A CB  1 
ATOM   265  C CG  . GLU A 1 38  ? -12.280 -3.708  5.764   1.00 19.31 ? 38  GLU A CG  1 
ATOM   266  C CD  . GLU A 1 38  ? -13.494 -4.449  5.780   0.00 30.50 ? 38  GLU A CD  1 
ATOM   267  O OE1 . GLU A 1 38  ? -14.266 -4.428  4.787   0.00 35.48 ? 38  GLU A OE1 1 
ATOM   268  O OE2 . GLU A 1 38  ? -13.696 -5.151  6.801   0.00 34.45 ? 38  GLU A OE2 1 
ATOM   269  N N   . VAL A 1 39  ? -8.180  -4.708  3.772   1.00 14.12 ? 39  VAL A N   1 
ATOM   270  C CA  . VAL A 1 39  ? -7.275  -5.122  2.711   1.00 15.05 ? 39  VAL A CA  1 
ATOM   271  C C   . VAL A 1 39  ? -7.409  -6.632  2.515   1.00 14.51 ? 39  VAL A C   1 
ATOM   272  O O   . VAL A 1 39  ? -7.594  -7.395  3.486   1.00 16.03 ? 39  VAL A O   1 
ATOM   273  C CB  . VAL A 1 39  ? -5.822  -4.820  3.127   1.00 15.05 ? 39  VAL A CB  1 
ATOM   274  C CG1 . VAL A 1 39  ? -4.767  -5.614  2.316   1.00 17.14 ? 39  VAL A CG1 1 
ATOM   275  C CG2 . VAL A 1 39  ? -5.525  -3.304  3.001   1.00 17.46 ? 39  VAL A CG2 1 
ATOM   276  N N   . VAL A 1 40  ? -7.319  -7.065  1.255   1.00 14.06 ? 40  VAL A N   1 
ATOM   277  C CA  . VAL A 1 40  ? -7.177  -8.509  0.967   1.00 14.92 ? 40  VAL A CA  1 
ATOM   278  C C   . VAL A 1 40  ? -6.006  -8.744  0.033   1.00 13.52 ? 40  VAL A C   1 
ATOM   279  O O   . VAL A 1 40  ? -5.864  -8.044  -0.980  1.00 13.92 ? 40  VAL A O   1 
ATOM   280  C CB  . VAL A 1 40  ? -8.458  -9.087  0.313   1.00 15.03 ? 40  VAL A CB  1 
ATOM   281  C CG1 . VAL A 1 40  ? -8.328  -10.594 0.010   1.00 17.16 ? 40  VAL A CG1 1 
ATOM   282  C CG2 . VAL A 1 40  ? -9.664  -8.867  1.161   1.00 17.85 ? 40  VAL A CG2 1 
ATOM   283  N N   . PHE A 1 41  ? -5.157  -9.695  0.420   1.00 13.26 ? 41  PHE A N   1 
ATOM   284  C CA  . PHE A 1 41  ? -4.061  -10.179 -0.431  1.00 13.41 ? 41  PHE A CA  1 
ATOM   285  C C   . PHE A 1 41  ? -4.433  -11.602 -0.819  1.00 13.43 ? 41  PHE A C   1 
ATOM   286  O O   . PHE A 1 41  ? -4.769  -12.418 0.047   1.00 14.17 ? 41  PHE A O   1 
ATOM   287  C CB  . PHE A 1 41  ? -2.714  -10.231 0.286   1.00 13.98 ? 41  PHE A CB  1 
ATOM   288  C CG  . PHE A 1 41  ? -2.080  -8.893  0.507   1.00 13.88 ? 41  PHE A CG  1 
ATOM   289  C CD1 . PHE A 1 41  ? -1.340  -8.263  -0.521  1.00 15.68 ? 41  PHE A CD1 1 
ATOM   290  C CD2 . PHE A 1 41  ? -2.160  -8.288  1.756   1.00 15.51 ? 41  PHE A CD2 1 
ATOM   291  C CE1 . PHE A 1 41  ? -0.687  -7.012  -0.273  1.00 17.60 ? 41  PHE A CE1 1 
ATOM   292  C CE2 . PHE A 1 41  ? -1.547  -7.043  1.989   1.00 15.56 ? 41  PHE A CE2 1 
ATOM   293  C CZ  . PHE A 1 41  ? -0.826  -6.426  0.991   1.00 16.44 ? 41  PHE A CZ  1 
ATOM   294  N N   . ALA A 1 42  ? -4.332  -11.899 -2.107  1.00 13.53 ? 42  ALA A N   1 
ATOM   295  C CA  . ALA A 1 42  ? -4.611  -13.260 -2.593  1.00 12.59 ? 42  ALA A CA  1 
ATOM   296  C C   . ALA A 1 42  ? -3.658  -13.551 -3.763  1.00 13.01 ? 42  ALA A C   1 
ATOM   297  O O   . ALA A 1 42  ? -2.706  -12.804 -3.982  1.00 13.35 ? 42  ALA A O   1 
ATOM   298  C CB  . ALA A 1 42  ? -6.050  -13.387 -3.019  1.00 13.55 ? 42  ALA A CB  1 
ATOM   299  N N   . HIS A 1 43  ? -3.835  -14.686 -4.445  1.00 12.88 ? 43  HIS A N   1 
ATOM   300  C CA  . HIS A 1 43  ? -2.987  -14.994 -5.583  1.00 13.64 ? 43  HIS A CA  1 
ATOM   301  C C   . HIS A 1 43  ? -3.729  -15.964 -6.528  1.00 15.05 ? 43  HIS A C   1 
ATOM   302  O O   . HIS A 1 43  ? -4.774  -16.513 -6.172  1.00 16.74 ? 43  HIS A O   1 
ATOM   303  C CB  . HIS A 1 43  ? -1.642  -15.574 -5.150  1.00 14.06 ? 43  HIS A CB  1 
ATOM   304  C CG  . HIS A 1 43  ? -1.732  -16.974 -4.642  1.00 12.10 ? 43  HIS A CG  1 
ATOM   305  N ND1 . HIS A 1 43  ? -1.408  -18.063 -5.427  1.00 13.47 ? 43  HIS A ND1 1 
ATOM   306  C CD2 . HIS A 1 43  ? -2.133  -17.472 -3.448  1.00 13.56 ? 43  HIS A CD2 1 
ATOM   307  C CE1 . HIS A 1 43  ? -1.617  -19.174 -4.740  1.00 14.43 ? 43  HIS A CE1 1 
ATOM   308  N NE2 . HIS A 1 43  ? -2.051  -18.844 -3.533  1.00 14.60 ? 43  HIS A NE2 1 
ATOM   309  N N   . VAL A 1 44  ? -3.178  -16.109 -7.728  1.00 14.69 ? 44  VAL A N   1 
ATOM   310  C CA  . VAL A 1 44  ? -3.732  -17.058 -8.729  1.00 15.41 ? 44  VAL A CA  1 
ATOM   311  C C   . VAL A 1 44  ? -2.660  -18.056 -9.214  1.00 16.47 ? 44  VAL A C   1 
ATOM   312  O O   . VAL A 1 44  ? -2.749  -18.569 -10.335 1.00 19.09 ? 44  VAL A O   1 
ATOM   313  C CB  . VAL A 1 44  ? -4.445  -16.323 -9.936  1.00 15.97 ? 44  VAL A CB  1 
ATOM   314  C CG1 . VAL A 1 44  ? -5.679  -15.598 -9.452  1.00 17.83 ? 44  VAL A CG1 1 
ATOM   315  C CG2 . VAL A 1 44  ? -3.512  -15.422 -10.636 1.00 15.52 ? 44  VAL A CG2 1 
ATOM   316  N N   . GLY A 1 45  ? -1.668  -18.358 -8.377  1.00 15.50 ? 45  GLY A N   1 
ATOM   317  C CA  . GLY A 1 45  ? -0.661  -19.357 -8.737  1.00 15.64 ? 45  GLY A CA  1 
ATOM   318  C C   . GLY A 1 45  ? 0.542   -18.808 -9.509  1.00 15.61 ? 45  GLY A C   1 
ATOM   319  O O   . GLY A 1 45  ? 1.425   -19.582 -9.898  1.00 16.80 ? 45  GLY A O   1 
ATOM   320  N N   . LYS A 1 46  ? 0.583   -17.485 -9.743  1.00 14.94 ? 46  LYS A N   1 
ATOM   321  C CA  . LYS A 1 46  ? 1.673   -16.842 -10.503 1.00 15.43 ? 46  LYS A CA  1 
ATOM   322  C C   . LYS A 1 46  ? 2.525   -16.031 -9.528  1.00 13.87 ? 46  LYS A C   1 
ATOM   323  O O   . LYS A 1 46  ? 2.120   -15.875 -8.367  1.00 13.89 ? 46  LYS A O   1 
ATOM   324  C CB  . LYS A 1 46  ? 1.071   -15.973 -11.613 1.00 16.37 ? 46  LYS A CB  1 
ATOM   325  C CG  . LYS A 1 46  ? 0.325   -16.800 -12.648 1.00 20.28 ? 46  LYS A CG  1 
ATOM   326  C CD  . LYS A 1 46  ? 0.194   -16.042 -13.956 1.00 29.25 ? 46  LYS A CD  1 
ATOM   327  C CE  . LYS A 1 46  ? -0.205  -16.967 -15.084 1.00 34.28 ? 46  LYS A CE  1 
ATOM   328  N NZ  . LYS A 1 46  ? -0.006  -16.277 -16.389 1.00 37.16 ? 46  LYS A NZ  1 
ATOM   329  N N   . PRO A 1 47  ? 3.718   -15.545 -9.948  1.00 15.20 ? 47  PRO A N   1 
ATOM   330  C CA  . PRO A 1 47  ? 4.598   -14.770 -9.054  1.00 15.96 ? 47  PRO A CA  1 
ATOM   331  C C   . PRO A 1 47  ? 4.136   -13.337 -8.752  1.00 15.88 ? 47  PRO A C   1 
ATOM   332  O O   . PRO A 1 47  ? 4.918   -12.385 -8.834  1.00 16.50 ? 47  PRO A O   1 
ATOM   333  C CB  . PRO A 1 47  ? 5.956   -14.755 -9.794  1.00 17.89 ? 47  PRO A CB  1 
ATOM   334  C CG  . PRO A 1 47  ? 5.848   -15.736 -10.847 1.00 19.05 ? 47  PRO A CG  1 
ATOM   335  C CD  . PRO A 1 47  ? 4.389   -15.829 -11.228 1.00 16.28 ? 47  PRO A CD  1 
ATOM   336  N N   . PHE A 1 48  ? 2.858   -13.192 -8.411  1.00 14.22 ? 48  PHE A N   1 
ATOM   337  C CA  . PHE A 1 48  ? 2.335   -11.913 -7.915  1.00 13.98 ? 48  PHE A CA  1 
ATOM   338  C C   . PHE A 1 48  ? 1.219   -12.183 -6.925  1.00 13.15 ? 48  PHE A C   1 
ATOM   339  O O   . PHE A 1 48  ? 0.511   -13.205 -7.011  1.00 12.20 ? 48  PHE A O   1 
ATOM   340  C CB  . PHE A 1 48  ? 1.830   -10.979 -9.033  1.00 14.52 ? 48  PHE A CB  1 
ATOM   341  C CG  . PHE A 1 48  ? 0.706   -11.554 -9.846  1.00 12.48 ? 48  PHE A CG  1 
ATOM   342  C CD1 . PHE A 1 48  ? -0.621  -11.372 -9.454  1.00 12.25 ? 48  PHE A CD1 1 
ATOM   343  C CD2 . PHE A 1 48  ? 0.983   -12.207 -11.070 1.00 13.67 ? 48  PHE A CD2 1 
ATOM   344  C CE1 . PHE A 1 48  ? -1.697  -11.899 -10.229 1.00 14.67 ? 48  PHE A CE1 1 
ATOM   345  C CE2 . PHE A 1 48  ? -0.051  -12.709 -11.834 1.00 14.20 ? 48  PHE A CE2 1 
ATOM   346  C CZ  . PHE A 1 48  ? -1.372  -12.563 -11.429 1.00 15.67 ? 48  PHE A CZ  1 
ATOM   347  N N   . LEU A 1 49  ? 1.053   -11.258 -5.983  1.00 12.61 ? 49  LEU A N   1 
ATOM   348  C CA  . LEU A 1 49  ? -0.138  -11.201 -5.169  1.00 12.55 ? 49  LEU A CA  1 
ATOM   349  C C   . LEU A 1 49  ? -1.141  -10.211 -5.746  1.00 12.81 ? 49  LEU A C   1 
ATOM   350  O O   . LEU A 1 49  ? -0.753  -9.178  -6.300  1.00 12.89 ? 49  LEU A O   1 
ATOM   351  C CB  . LEU A 1 49  ? 0.215   -10.719 -3.734  1.00 14.01 ? 49  LEU A CB  1 
ATOM   352  C CG  . LEU A 1 49  ? 1.248   -11.561 -3.011  1.00 14.51 ? 49  LEU A CG  1 
ATOM   353  C CD1 . LEU A 1 49  ? 1.528   -10.963 -1.617  1.00 18.06 ? 49  LEU A CD1 1 
ATOM   354  C CD2 . LEU A 1 49  ? 0.744   -13.003 -2.859  1.00 17.27 ? 49  LEU A CD2 1 
ATOM   355  N N   . THR A 1 50  ? -2.415  -10.561 -5.657  1.00 12.38 ? 50  THR A N   1 
ATOM   356  C CA  . THR A 1 50  ? -3.460  -9.589  -5.893  1.00 13.60 ? 50  THR A CA  1 
ATOM   357  C C   . THR A 1 50  ? -3.675  -8.796  -4.611  1.00 13.06 ? 50  THR A C   1 
ATOM   358  O O   . THR A 1 50  ? -3.614  -9.341  -3.492  1.00 12.87 ? 50  THR A O   1 
ATOM   359  C CB  . THR A 1 50  ? -4.767  -10.256 -6.324  1.00 14.08 ? 50  THR A CB  1 
ATOM   360  O OG1 . THR A 1 50  ? -5.273  -11.088 -5.260  1.00 15.38 ? 50  THR A OG1 1 
ATOM   361  C CG2 . THR A 1 50  ? -4.535  -11.116 -7.553  1.00 15.81 ? 50  THR A CG2 1 
ATOM   362  N N   . TYR A 1 51  ? -4.059  -7.531  -4.766  1.00 13.36 ? 51  TYR A N   1 
ATOM   363  C CA  . TYR A 1 51  ? -4.267  -6.658  -3.619  1.00 13.89 ? 51  TYR A CA  1 
ATOM   364  C C   . TYR A 1 51  ? -5.428  -5.719  -3.857  1.00 15.16 ? 51  TYR A C   1 
ATOM   365  O O   . TYR A 1 51  ? -5.487  -5.089  -4.905  1.00 15.93 ? 51  TYR A O   1 
ATOM   366  C CB  . TYR A 1 51  ? -2.976  -5.900  -3.374  1.00 14.43 ? 51  TYR A CB  1 
ATOM   367  C CG  . TYR A 1 51  ? -3.083  -4.671  -2.503  1.00 15.02 ? 51  TYR A CG  1 
ATOM   368  C CD1 . TYR A 1 51  ? -3.245  -4.781  -1.122  1.00 15.86 ? 51  TYR A CD1 1 
ATOM   369  C CD2 . TYR A 1 51  ? -3.057  -3.390  -3.080  1.00 17.06 ? 51  TYR A CD2 1 
ATOM   370  C CE1 . TYR A 1 51  ? -3.364  -3.651  -0.334  1.00 14.42 ? 51  TYR A CE1 1 
ATOM   371  C CE2 . TYR A 1 51  ? -3.151  -2.238  -2.284  1.00 15.94 ? 51  TYR A CE2 1 
ATOM   372  C CZ  . TYR A 1 51  ? -3.303  -2.381  -0.915  1.00 15.82 ? 51  TYR A CZ  1 
ATOM   373  O OH  . TYR A 1 51  ? -3.413  -1.275  -0.095  1.00 15.85 ? 51  TYR A OH  1 
ATOM   374  N N   . THR A 1 52  ? -6.342  -5.664  -2.885  1.00 14.39 ? 52  THR A N   1 
ATOM   375  C CA  . THR A 1 52  ? -7.428  -4.677  -2.930  1.00 16.88 ? 52  THR A CA  1 
ATOM   376  C C   . THR A 1 52  ? -7.543  -4.041  -1.574  1.00 16.50 ? 52  THR A C   1 
ATOM   377  O O   . THR A 1 52  ? -7.470  -4.744  -0.551  1.00 16.98 ? 52  THR A O   1 
ATOM   378  C CB  . THR A 1 52  ? -8.788  -5.283  -3.299  1.00 17.61 ? 52  THR A CB  1 
ATOM   379  O OG1 . THR A 1 52  ? -9.101  -6.364  -2.402  1.00 24.54 ? 52  THR A OG1 1 
ATOM   380  C CG2 . THR A 1 52  ? -8.758  -5.692  -4.792  1.00 22.84 ? 52  THR A CG2 1 
ATOM   381  N N   . GLN A 1 53  ? -7.834  -2.751  -1.569  1.00 15.15 ? 53  GLN A N   1 
ATOM   382  C CA  . GLN A 1 53  ? -8.011  -2.000  -0.326  1.00 14.89 ? 53  GLN A CA  1 
ATOM   383  C C   . GLN A 1 53  ? -9.247  -1.141  -0.439  1.00 14.64 ? 53  GLN A C   1 
ATOM   384  O O   . GLN A 1 53  ? -9.457  -0.537  -1.514  1.00 15.42 ? 53  GLN A O   1 
ATOM   385  C CB  . GLN A 1 53  ? -6.770  -1.129  -0.098  1.00 16.73 ? 53  GLN A CB  1 
ATOM   386  C CG  . GLN A 1 53  ? -6.750  -0.416  1.203   1.00 17.09 ? 53  GLN A CG  1 
ATOM   387  C CD  . GLN A 1 53  ? -6.573  1.060   1.025   1.00 23.11 ? 53  GLN A CD  1 
ATOM   388  O OE1 . GLN A 1 53  ? -5.725  1.673   1.686   1.00 24.56 ? 53  GLN A OE1 1 
ATOM   389  N NE2 . GLN A 1 53  ? -7.319  1.647   0.094   1.00 26.38 ? 53  GLN A NE2 1 
ATOM   390  N N   . GLN A 1 54  ? -10.055 -1.082  0.622   1.00 14.55 ? 54  GLN A N   1 
ATOM   391  C CA  . GLN A 1 54  ? -11.126 -0.088  0.703   1.00 15.43 ? 54  GLN A CA  1 
ATOM   392  C C   . GLN A 1 54  ? -11.026 0.625   2.042   1.00 14.51 ? 54  GLN A C   1 
ATOM   393  O O   . GLN A 1 54  ? -10.815 -0.024  3.062   1.00 15.60 ? 54  GLN A O   1 
ATOM   394  C CB  . GLN A 1 54  ? -12.493 -0.738  0.553   1.00 16.12 ? 54  GLN A CB  1 
ATOM   395  C CG  . GLN A 1 54  ? -13.696 0.239   0.599   1.00 20.78 ? 54  GLN A CG  1 
ATOM   396  C CD  . GLN A 1 54  ? -13.814 1.137   -0.641  1.00 25.52 ? 54  GLN A CD  1 
ATOM   397  O OE1 . GLN A 1 54  ? -13.931 0.648   -1.781  1.00 25.64 ? 54  GLN A OE1 1 
ATOM   398  N NE2 . GLN A 1 54  ? -13.806 2.467   -0.417  1.00 24.53 ? 54  GLN A NE2 1 
ATOM   399  N N   . THR A 1 55  ? -11.176 1.942   2.029   1.00 14.98 ? 55  THR A N   1 
ATOM   400  C CA  . THR A 1 55  ? -11.223 2.701   3.290   1.00 14.62 ? 55  THR A CA  1 
ATOM   401  C C   . THR A 1 55  ? -12.585 3.371   3.401   1.00 15.69 ? 55  THR A C   1 
ATOM   402  O O   . THR A 1 55  ? -13.262 3.595   2.386   1.00 16.10 ? 55  THR A O   1 
ATOM   403  C CB  . THR A 1 55  ? -10.102 3.726   3.415   1.00 15.28 ? 55  THR A CB  1 
ATOM   404  O OG1 . THR A 1 55  ? -10.274 4.766   2.431   1.00 17.00 ? 55  THR A OG1 1 
ATOM   405  C CG2 . THR A 1 55  ? -8.727  3.055   3.178   1.00 14.65 ? 55  THR A CG2 1 
ATOM   406  N N   . ARG A 1 56  ? -12.984 3.666   4.636   1.00 16.00 ? 56  ARG A N   1 
ATOM   407  C CA  . ARG A 1 56  ? -14.276 4.291   4.875   1.00 18.81 ? 56  ARG A CA  1 
ATOM   408  C C   . ARG A 1 56  ? -14.203 5.148   6.144   1.00 19.39 ? 56  ARG A C   1 
ATOM   409  O O   . ARG A 1 56  ? -13.257 5.033   6.939   1.00 18.03 ? 56  ARG A O   1 
ATOM   410  C CB  . ARG A 1 56  ? -15.384 3.242   4.929   1.00 19.43 ? 56  ARG A CB  1 
ATOM   411  C CG  . ARG A 1 56  ? -15.313 2.302   6.111   1.00 21.16 ? 56  ARG A CG  1 
ATOM   412  C CD  . ARG A 1 56  ? -16.413 1.225   6.063   1.00 23.44 ? 56  ARG A CD  1 
ATOM   413  N NE  . ARG A 1 56  ? -16.523 0.479   7.317   1.00 29.14 ? 56  ARG A NE  1 
ATOM   414  C CZ  . ARG A 1 56  ? -15.611 -0.390  7.767   1.00 32.54 ? 56  ARG A CZ  1 
ATOM   415  N NH1 . ARG A 1 56  ? -14.481 -0.622  7.092   1.00 32.26 ? 56  ARG A NH1 1 
ATOM   416  N NH2 . ARG A 1 56  ? -15.818 -1.010  8.927   1.00 33.11 ? 56  ARG A NH2 1 
ATOM   417  N N   . ALA A 1 57  ? -15.164 6.067   6.275   1.00 20.44 ? 57  ALA A N   1 
ATOM   418  C CA  . ALA A 1 57  ? -15.199 6.979   7.414   1.00 21.45 ? 57  ALA A CA  1 
ATOM   419  C C   . ALA A 1 57  ? -15.456 6.237   8.706   1.00 21.83 ? 57  ALA A C   1 
ATOM   420  O O   . ALA A 1 57  ? -16.248 5.308   8.766   1.00 21.86 ? 57  ALA A O   1 
ATOM   421  C CB  . ALA A 1 57  ? -16.256 8.040   7.195   1.00 22.26 ? 57  ALA A CB  1 
ATOM   422  N N   . VAL A 1 58  ? -14.784 6.677   9.771   1.00 22.88 ? 58  VAL A N   1 
ATOM   423  C CA  . VAL A 1 58  ? -14.958 6.040   11.068  1.00 23.68 ? 58  VAL A CA  1 
ATOM   424  C C   . VAL A 1 58  ? -16.397 6.190   11.620  1.00 26.49 ? 58  VAL A C   1 
ATOM   425  O O   . VAL A 1 58  ? -16.951 5.236   12.154  1.00 27.50 ? 58  VAL A O   1 
ATOM   426  C CB  . VAL A 1 58  ? -13.903 6.543   12.088  1.00 22.60 ? 58  VAL A CB  1 
ATOM   427  C CG1 . VAL A 1 58  ? -14.148 5.956   13.486  1.00 23.08 ? 58  VAL A CG1 1 
ATOM   428  C CG2 . VAL A 1 58  ? -12.512 6.139   11.627  1.00 20.63 ? 58  VAL A CG2 1 
ATOM   429  N N   . ALA A 1 59  ? -16.990 7.366   11.449  1.00 28.98 ? 59  ALA A N   1 
ATOM   430  C CA  . ALA A 1 59  ? -18.304 7.654   12.055  1.00 31.98 ? 59  ALA A CA  1 
ATOM   431  C C   . ALA A 1 59  ? -19.482 6.855   11.474  1.00 33.76 ? 59  ALA A C   1 
ATOM   432  O O   . ALA A 1 59  ? -20.251 6.218   12.219  1.00 34.40 ? 59  ALA A O   1 
ATOM   433  C CB  . ALA A 1 59  ? -18.590 9.138   11.994  1.00 32.24 ? 59  ALA A CB  1 
ATOM   434  N N   . ASP A 1 60  ? -19.626 6.894   10.149  1.00 35.66 ? 60  ASP A N   1 
ATOM   435  C CA  . ASP A 1 60  ? -20.790 6.294   9.473   1.00 37.03 ? 60  ASP A CA  1 
ATOM   436  C C   . ASP A 1 60  ? -20.435 5.137   8.538   1.00 37.15 ? 60  ASP A C   1 
ATOM   437  O O   . ASP A 1 60  ? -21.274 4.268   8.258   1.00 37.67 ? 60  ASP A O   1 
ATOM   438  C CB  . ASP A 1 60  ? -21.592 7.367   8.714   1.00 37.64 ? 60  ASP A CB  1 
ATOM   439  C CG  . ASP A 1 60  ? -20.704 8.348   7.962   1.00 39.83 ? 60  ASP A CG  1 
ATOM   440  O OD1 . ASP A 1 60  ? -19.600 7.956   7.516   1.00 39.32 ? 60  ASP A OD1 1 
ATOM   441  O OD2 . ASP A 1 60  ? -21.113 9.525   7.811   1.00 42.15 ? 60  ASP A OD2 1 
ATOM   442  N N   . GLY A 1 61  ? -19.191 5.108   8.064   1.00 36.70 ? 61  GLY A N   1 
ATOM   443  C CA  . GLY A 1 61  ? -18.774 4.034   7.166   1.00 35.68 ? 61  GLY A CA  1 
ATOM   444  C C   . GLY A 1 61  ? -18.910 4.408   5.709   1.00 34.76 ? 61  GLY A C   1 
ATOM   445  O O   . GLY A 1 61  ? -18.907 3.540   4.847   1.00 35.48 ? 61  GLY A O   1 
ATOM   446  N N   . LYS A 1 62  ? -19.006 5.705   5.435   1.00 34.18 ? 62  LYS A N   1 
ATOM   447  C CA  . LYS A 1 62  ? -19.017 6.222   4.073   1.00 33.96 ? 62  LYS A CA  1 
ATOM   448  C C   . LYS A 1 62  ? -17.681 5.916   3.383   1.00 33.50 ? 62  LYS A C   1 
ATOM   449  O O   . LYS A 1 62  ? -16.632 6.236   3.933   1.00 32.77 ? 62  LYS A O   1 
ATOM   450  C CB  . LYS A 1 62  ? -19.250 7.740   4.080   1.00 34.33 ? 62  LYS A CB  1 
ATOM   451  C CG  . LYS A 1 62  ? -18.353 8.629   4.316   0.00 34.94 ? 62  LYS A CG  1 
ATOM   452  C CD  . LYS A 1 62  ? -18.902 10.037  4.517   0.00 35.15 ? 62  LYS A CD  1 
ATOM   453  C CE  . LYS A 1 62  ? -17.776 11.074  4.570   0.00 38.33 ? 62  LYS A CE  1 
ATOM   454  N NZ  . LYS A 1 62  ? -17.021 11.066  5.867   0.00 38.69 ? 62  LYS A NZ  1 
ATOM   455  N N   . PRO A 1 63  ? -17.718 5.258   2.199   1.00 32.97 ? 63  PRO A N   1 
ATOM   456  C CA  . PRO A 1 63  ? -16.523 5.077   1.359   1.00 31.46 ? 63  PRO A CA  1 
ATOM   457  C C   . PRO A 1 63  ? -15.616 6.300   1.209   1.00 30.48 ? 63  PRO A C   1 
ATOM   458  O O   . PRO A 1 63  ? -16.078 7.397   0.860   1.00 30.68 ? 63  PRO A O   1 
ATOM   459  C CB  . PRO A 1 63  ? -17.109 4.719   -0.021  1.00 32.30 ? 63  PRO A CB  1 
ATOM   460  C CG  . PRO A 1 63  ? -18.403 4.034   0.291   1.00 32.81 ? 63  PRO A CG  1 
ATOM   461  C CD  . PRO A 1 63  ? -18.903 4.570   1.636   1.00 33.04 ? 63  PRO A CD  1 
ATOM   462  N N   . LEU A 1 64  ? -14.318 6.115   1.434   1.00 28.06 ? 64  LEU A N   1 
ATOM   463  C CA  . LEU A 1 64  ? -13.364 7.174   1.168   1.00 27.38 ? 64  LEU A CA  1 
ATOM   464  C C   . LEU A 1 64  ? -12.538 6.843   -0.062  1.00 27.88 ? 64  LEU A C   1 
ATOM   465  O O   . LEU A 1 64  ? -13.025 7.021   -1.166  1.00 29.08 ? 64  LEU A O   1 
ATOM   466  C CB  . LEU A 1 64  ? -12.488 7.498   2.399   1.00 26.42 ? 64  LEU A CB  1 
ATOM   467  C CG  . LEU A 1 64  ? -13.253 8.126   3.558   1.00 26.20 ? 64  LEU A CG  1 
ATOM   468  C CD1 . LEU A 1 64  ? -12.367 8.164   4.791   1.00 24.38 ? 64  LEU A CD1 1 
ATOM   469  C CD2 . LEU A 1 64  ? -13.734 9.544   3.187   1.00 23.79 ? 64  LEU A CD2 1 
ATOM   470  N N   . HIS A 1 65  ? -11.313 6.358   0.138   1.00 27.13 ? 65  HIS A N   1 
ATOM   471  C CA  . HIS A 1 65  ? -10.379 5.974   -0.912  1.00 25.43 ? 65  HIS A CA  1 
ATOM   472  C C   . HIS A 1 65  ? -10.354 4.425   -1.033  1.00 23.84 ? 65  HIS A C   1 
ATOM   473  O O   . HIS A 1 65  ? -10.773 3.680   -0.158  1.00 23.95 ? 65  HIS A O   1 
ATOM   474  C CB  . HIS A 1 65  ? -8.973  6.523   -0.582  1.00 26.60 ? 65  HIS A CB  1 
ATOM   475  C CG  . HIS A 1 65  ? -7.872  6.093   -1.525  1.00 30.02 ? 65  HIS A CG  1 
ATOM   476  N ND1 . HIS A 1 65  ? -6.963  5.096   -1.210  1.00 32.38 ? 65  HIS A ND1 1 
ATOM   477  C CD2 . HIS A 1 65  ? -7.512  6.552   -2.754  1.00 31.66 ? 65  HIS A CD2 1 
ATOM   478  C CE1 . HIS A 1 65  ? -6.097  4.961   -2.205  1.00 31.40 ? 65  HIS A CE1 1 
ATOM   479  N NE2 . HIS A 1 65  ? -6.420  5.817   -3.163  1.00 23.03 ? 65  HIS A NE2 1 
ATOM   480  N N   . SER A 1 66  ? -9.870  3.956   -2.169  1.00 20.85 ? 66  SER A N   1 
ATOM   481  C CA  . SER A 1 66  ? -9.614  2.559   -2.380  1.00 18.50 ? 66  SER A CA  1 
ATOM   482  C C   . SER A 1 66  ? -8.430  2.501   -3.331  1.00 16.32 ? 66  SER A C   1 
ATOM   483  O O   . SER A 1 66  ? -8.007  3.502   -3.934  1.00 17.82 ? 66  SER A O   1 
ATOM   484  C CB  . SER A 1 66  ? -10.818 1.818   -2.968  1.00 19.34 ? 66  SER A CB  1 
ATOM   485  O OG  . SER A 1 66  ? -11.238 2.464   -4.187  1.00 21.40 ? 66  SER A OG  1 
ATOM   486  N N   . GLU A 1 67  ? -7.857  1.306   -3.411  1.00 15.01 ? 67  GLU A N   1 
ATOM   487  C CA  . GLU A 1 67  ? -6.797  1.066   -4.388  1.00 14.95 ? 67  GLU A CA  1 
ATOM   488  C C   . GLU A 1 67  ? -6.839  -0.415  -4.726  1.00 14.69 ? 67  GLU A C   1 
ATOM   489  O O   . GLU A 1 67  ? -7.274  -1.232  -3.933  1.00 13.57 ? 67  GLU A O   1 
ATOM   490  C CB  . GLU A 1 67  ? -5.397  1.537   -3.928  1.00 16.58 ? 67  GLU A CB  1 
ATOM   491  C CG  . GLU A 1 67  ? -4.982  0.984   -2.564  1.00 17.71 ? 67  GLU A CG  1 
ATOM   492  C CD  . GLU A 1 67  ? -3.689  1.615   -2.013  1.00 18.82 ? 67  GLU A CD  1 
ATOM   493  O OE1 . GLU A 1 67  ? -3.448  2.822   -2.249  1.00 19.03 ? 67  GLU A OE1 1 
ATOM   494  O OE2 . GLU A 1 67  ? -2.964  0.943   -1.264  1.00 18.96 ? 67  GLU A OE2 1 
ATOM   495  N N   . THR A 1 68  ? -6.313  -0.749  -5.899  1.00 12.19 ? 68  THR A N   1 
ATOM   496  C CA  . THR A 1 68  ? -6.340  -2.136  -6.341  1.00 12.89 ? 68  THR A CA  1 
ATOM   497  C C   . THR A 1 68  ? -5.204  -2.389  -7.293  1.00 12.46 ? 68  THR A C   1 
ATOM   498  O O   . THR A 1 68  ? -4.865  -1.513  -8.098  1.00 12.59 ? 68  THR A O   1 
ATOM   499  C CB  . THR A 1 68  ? -7.717  -2.449  -6.988  1.00 13.47 ? 68  THR A CB  1 
ATOM   500  O OG1 . THR A 1 68  ? -7.788  -3.874  -7.236  1.00 16.89 ? 68  THR A OG1 1 
ATOM   501  C CG2 . THR A 1 68  ? -7.957  -1.652  -8.285  1.00 13.90 ? 68  THR A CG2 1 
ATOM   502  N N   . GLY A 1 69  ? -4.633  -3.588  -7.243  1.00 12.50 ? 69  GLY A N   1 
ATOM   503  C CA  . GLY A 1 69  ? -3.622  -3.946  -8.254  1.00 11.42 ? 69  GLY A CA  1 
ATOM   504  C C   . GLY A 1 69  ? -2.879  -5.189  -7.775  1.00 12.02 ? 69  GLY A C   1 
ATOM   505  O O   . GLY A 1 69  ? -3.490  -6.149  -7.288  1.00 12.75 ? 69  GLY A O   1 
ATOM   506  N N   . TYR A 1 70  ? -1.550  -5.139  -7.948  1.00 12.29 ? 70  TYR A N   1 
ATOM   507  C CA  . TYR A 1 70  ? -0.722  -6.352  -7.850  1.00 11.61 ? 70  TYR A CA  1 
ATOM   508  C C   . TYR A 1 70  ? 0.631   -6.083  -7.210  1.00 13.00 ? 70  TYR A C   1 
ATOM   509  O O   . TYR A 1 70  ? 1.222   -5.020  -7.407  1.00 13.99 ? 70  TYR A O   1 
ATOM   510  C CB  . TYR A 1 70  ? -0.476  -6.956  -9.271  1.00 12.49 ? 70  TYR A CB  1 
ATOM   511  C CG  . TYR A 1 70  ? -1.792  -7.156  -10.006 1.00 11.86 ? 70  TYR A CG  1 
ATOM   512  C CD1 . TYR A 1 70  ? -2.596  -8.266  -9.743  1.00 13.72 ? 70  TYR A CD1 1 
ATOM   513  C CD2 . TYR A 1 70  ? -2.239  -6.199  -10.951 1.00 12.59 ? 70  TYR A CD2 1 
ATOM   514  C CE1 . TYR A 1 70  ? -3.810  -8.434  -10.395 1.00 14.67 ? 70  TYR A CE1 1 
ATOM   515  C CE2 . TYR A 1 70  ? -3.431  -6.378  -11.589 1.00 13.93 ? 70  TYR A CE2 1 
ATOM   516  C CZ  . TYR A 1 70  ? -4.194  -7.461  -11.317 1.00 14.49 ? 70  TYR A CZ  1 
ATOM   517  O OH  . TYR A 1 70  ? -5.397  -7.591  -11.997 1.00 16.89 ? 70  TYR A OH  1 
ATOM   518  N N   . LEU A 1 71  ? 1.078   -7.038  -6.402  1.00 13.12 ? 71  LEU A N   1 
ATOM   519  C CA  . LEU A 1 71  ? 2.458   -7.007  -5.888  1.00 14.71 ? 71  LEU A CA  1 
ATOM   520  C C   . LEU A 1 71  ? 3.235   -8.093  -6.615  1.00 14.85 ? 71  LEU A C   1 
ATOM   521  O O   . LEU A 1 71  ? 3.080   -9.282  -6.350  1.00 14.42 ? 71  LEU A O   1 
ATOM   522  C CB  . LEU A 1 71  ? 2.442   -7.194  -4.374  1.00 15.18 ? 71  LEU A CB  1 
ATOM   523  C CG  . LEU A 1 71  ? 3.681   -6.921  -3.513  1.00 17.67 ? 71  LEU A CG  1 
ATOM   524  C CD1 . LEU A 1 71  ? 4.337   -5.585  -3.779  1.00 22.71 ? 71  LEU A CD1 1 
ATOM   525  C CD2 . LEU A 1 71  ? 3.254   -6.965  -2.051  1.00 18.29 ? 71  LEU A CD2 1 
ATOM   526  N N   . ARG A 1 72  ? 4.033   -7.665  -7.574  1.00 15.72 ? 72  ARG A N   1 
ATOM   527  C CA  . ARG A 1 72  ? 4.850   -8.592  -8.364  1.00 16.89 ? 72  ARG A CA  1 
ATOM   528  C C   . ARG A 1 72  ? 6.163   -8.857  -7.654  1.00 19.19 ? 72  ARG A C   1 
ATOM   529  O O   . ARG A 1 72  ? 6.802   -7.933  -7.122  1.00 18.33 ? 72  ARG A O   1 
ATOM   530  C CB  . ARG A 1 72  ? 5.167   -8.005  -9.728  1.00 17.59 ? 72  ARG A CB  1 
ATOM   531  C CG  . ARG A 1 72  ? 4.024   -7.924  -10.652 1.00 19.75 ? 72  ARG A CG  1 
ATOM   532  C CD  . ARG A 1 72  ? 4.254   -6.932  -11.763 1.00 20.64 ? 72  ARG A CD  1 
ATOM   533  N NE  . ARG A 1 72  ? 5.562   -7.035  -12.413 1.00 21.59 ? 72  ARG A NE  1 
ATOM   534  C CZ  . ARG A 1 72  ? 5.888   -7.870  -13.400 1.00 21.72 ? 72  ARG A CZ  1 
ATOM   535  N NH1 . ARG A 1 72  ? 5.029   -8.763  -13.904 1.00 22.31 ? 72  ARG A NH1 1 
ATOM   536  N NH2 . ARG A 1 72  ? 7.082   -7.782  -13.932 1.00 24.50 ? 72  ARG A NH2 1 
ATOM   537  N N   . VAL A 1 73  ? 6.587   -10.110 -7.626  1.00 18.37 ? 73  VAL A N   1 
ATOM   538  C CA  . VAL A 1 73  ? 7.939   -10.387 -7.129  1.00 21.28 ? 73  VAL A CA  1 
ATOM   539  C C   . VAL A 1 73  ? 8.799   -10.673 -8.346  1.00 25.46 ? 73  VAL A C   1 
ATOM   540  O O   . VAL A 1 73  ? 8.570   -11.626 -9.057  1.00 26.17 ? 73  VAL A O   1 
ATOM   541  C CB  . VAL A 1 73  ? 7.968   -11.486 -6.020  1.00 20.84 ? 73  VAL A CB  1 
ATOM   542  C CG1 . VAL A 1 73  ? 9.415   -11.825 -5.664  1.00 21.02 ? 73  VAL A CG1 1 
ATOM   543  C CG2 . VAL A 1 73  ? 7.222   -10.996 -4.805  1.00 22.14 ? 73  VAL A CG2 1 
ATOM   544  N N   . CYS A 1 74  ? 9.747   -9.787  -8.638  1.00 28.59 ? 74  CYS A N   1 
ATOM   545  C CA  . CYS A 1 74  ? 10.527  -9.988  -9.855  1.00 31.50 ? 74  CYS A CA  1 
ATOM   546  C C   . CYS A 1 74  ? 11.205  -11.321 -9.617  1.00 30.75 ? 74  CYS A C   1 
ATOM   547  O O   . CYS A 1 74  ? 10.791  -12.394 -10.105 1.00 33.19 ? 74  CYS A O   1 
ATOM   548  C CB  . CYS A 1 74  ? 11.572  -8.890  -10.034 1.00 32.91 ? 74  CYS A CB  1 
ATOM   549  S SG  . CYS A 1 74  ? 11.110  -7.250  -9.418  1.00 42.39 ? 74  CYS A SG  1 
ATOM   550  N N   . ARG A 1 75  ? 12.190  -11.200 -8.762  1.00 27.35 ? 75  ARG A N   1 
ATOM   551  C CA  . ARG A 1 75  ? 12.980  -12.265 -8.243  1.00 23.76 ? 75  ARG A CA  1 
ATOM   552  C C   . ARG A 1 75  ? 12.819  -12.065 -6.739  1.00 21.23 ? 75  ARG A C   1 
ATOM   553  O O   . ARG A 1 75  ? 12.602  -10.939 -6.283  1.00 20.77 ? 75  ARG A O   1 
ATOM   554  C CB  . ARG A 1 75  ? 14.417  -12.004 -8.676  1.00 24.34 ? 75  ARG A CB  1 
ATOM   555  C CG  . ARG A 1 75  ? 14.584  -11.987 -10.186 1.00 26.35 ? 75  ARG A CG  1 
ATOM   556  C CD  . ARG A 1 75  ? 15.989  -11.639 -10.638 1.00 32.34 ? 75  ARG A CD  1 
ATOM   557  N NE  . ARG A 1 75  ? 16.073  -11.844 -12.092 1.00 34.64 ? 75  ARG A NE  1 
ATOM   558  C CZ  . ARG A 1 75  ? 17.187  -12.145 -12.769 1.00 37.04 ? 75  ARG A CZ  1 
ATOM   559  N NH1 . ARG A 1 75  ? 18.352  -12.264 -12.142 1.00 36.01 ? 75  ARG A NH1 1 
ATOM   560  N NH2 . ARG A 1 75  ? 17.126  -12.324 -14.091 1.00 37.22 ? 75  ARG A NH2 1 
ATOM   561  N N   . PRO A 1 76  ? 12.911  -13.152 -5.944  1.00 18.33 ? 76  PRO A N   1 
ATOM   562  C CA  . PRO A 1 76  ? 12.818  -12.934 -4.508  1.00 17.23 ? 76  PRO A CA  1 
ATOM   563  C C   . PRO A 1 76  ? 13.659  -11.763 -3.999  1.00 16.67 ? 76  PRO A C   1 
ATOM   564  O O   . PRO A 1 76  ? 14.841  -11.595 -4.368  1.00 16.42 ? 76  PRO A O   1 
ATOM   565  C CB  . PRO A 1 76  ? 13.292  -14.274 -3.909  1.00 17.43 ? 76  PRO A CB  1 
ATOM   566  C CG  . PRO A 1 76  ? 12.797  -15.251 -4.954  1.00 16.19 ? 76  PRO A CG  1 
ATOM   567  C CD  . PRO A 1 76  ? 13.039  -14.588 -6.287  1.00 17.67 ? 76  PRO A CD  1 
ATOM   568  N N   . GLY A 1 77  ? 13.001  -10.938 -3.192  1.00 16.89 ? 77  GLY A N   1 
ATOM   569  C CA  . GLY A 1 77  ? 13.658  -9.833  -2.472  1.00 16.82 ? 77  GLY A CA  1 
ATOM   570  C C   . GLY A 1 77  ? 13.378  -8.498  -3.120  1.00 18.13 ? 77  GLY A C   1 
ATOM   571  O O   . GLY A 1 77  ? 13.647  -7.457  -2.493  1.00 16.83 ? 77  GLY A O   1 
ATOM   572  N N   . CYS A 1 78  ? 12.832  -8.541  -4.335  1.00 18.85 ? 78  CYS A N   1 
ATOM   573  C CA  . CYS A 1 78  ? 12.509  -7.342  -5.070  1.00 19.40 ? 78  CYS A CA  1 
ATOM   574  C C   . CYS A 1 78  ? 11.026  -7.359  -5.408  1.00 18.36 ? 78  CYS A C   1 
ATOM   575  O O   . CYS A 1 78  ? 10.484  -8.409  -5.816  1.00 19.10 ? 78  CYS A O   1 
ATOM   576  C CB  . CYS A 1 78  ? 13.333  -7.361  -6.338  1.00 19.07 ? 78  CYS A CB  1 
ATOM   577  S SG  . CYS A 1 78  ? 12.958  -6.123  -7.591  1.00 30.09 ? 78  CYS A SG  1 
ATOM   578  N N   . VAL A 1 79  ? 10.373  -6.208  -5.277  1.00 15.73 ? 79  VAL A N   1 
ATOM   579  C CA  . VAL A 1 79  ? 8.925   -6.094  -5.534  1.00 16.35 ? 79  VAL A CA  1 
ATOM   580  C C   . VAL A 1 79  ? 8.609   -4.923  -6.454  1.00 16.04 ? 79  VAL A C   1 
ATOM   581  O O   . VAL A 1 79  ? 9.273   -3.878  -6.427  1.00 15.47 ? 79  VAL A O   1 
ATOM   582  C CB  . VAL A 1 79  ? 8.108   -5.879  -4.228  1.00 17.94 ? 79  VAL A CB  1 
ATOM   583  C CG1 . VAL A 1 79  ? 7.844   -7.190  -3.537  1.00 20.80 ? 79  VAL A CG1 1 
ATOM   584  C CG2 . VAL A 1 79  ? 8.852   -4.981  -3.268  1.00 22.26 ? 79  VAL A CG2 1 
ATOM   585  N N   . GLU A 1 80  ? 7.556   -5.125  -7.243  1.00 15.34 ? 80  GLU A N   1 
ATOM   586  C CA  . GLU A 1 80  ? 6.972   -4.061  -8.075  1.00 15.96 ? 80  GLU A CA  1 
ATOM   587  C C   . GLU A 1 80  ? 5.510   -3.988  -7.722  1.00 16.44 ? 80  GLU A C   1 
ATOM   588  O O   . GLU A 1 80  ? 4.785   -4.960  -7.970  1.00 15.84 ? 80  GLU A O   1 
ATOM   589  C CB  . GLU A 1 80  ? 7.121   -4.333  -9.594  1.00 14.96 ? 80  GLU A CB  1 
ATOM   590  C CG  . GLU A 1 80  ? 8.564   -4.229  -10.118 1.00 17.84 ? 80  GLU A CG  1 
ATOM   591  C CD  . GLU A 1 80  ? 8.808   -4.923  -11.471 1.00 19.29 ? 80  GLU A CD  1 
ATOM   592  O OE1 . GLU A 1 80  ? 7.975   -5.751  -11.901 1.00 26.16 ? 80  GLU A OE1 1 
ATOM   593  O OE2 . GLU A 1 80  ? 9.839   -4.637  -12.139 1.00 20.67 ? 80  GLU A OE2 1 
ATOM   594  N N   . LEU A 1 81  ? 5.073   -2.895  -7.095  1.00 15.07 ? 81  LEU A N   1 
ATOM   595  C CA  . LEU A 1 81  ? 3.693   -2.731  -6.681  1.00 14.75 ? 81  LEU A CA  1 
ATOM   596  C C   . LEU A 1 81  ? 3.023   -1.907  -7.762  1.00 14.56 ? 81  LEU A C   1 
ATOM   597  O O   . LEU A 1 81  ? 3.484   -0.801  -8.052  1.00 15.51 ? 81  LEU A O   1 
ATOM   598  C CB  . LEU A 1 81  ? 3.635   -1.988  -5.352  1.00 16.02 ? 81  LEU A CB  1 
ATOM   599  C CG  . LEU A 1 81  ? 2.268   -1.600  -4.862  1.00 18.51 ? 81  LEU A CG  1 
ATOM   600  C CD1 . LEU A 1 81  ? 1.473   -2.813  -4.520  1.00 18.29 ? 81  LEU A CD1 1 
ATOM   601  C CD2 . LEU A 1 81  ? 2.473   -0.768  -3.628  1.00 21.81 ? 81  LEU A CD2 1 
ATOM   602  N N   . VAL A 1 82  ? 1.962   -2.440  -8.362  1.00 13.29 ? 82  VAL A N   1 
ATOM   603  C CA  . VAL A 1 82  ? 1.325   -1.814  -9.499  1.00 13.23 ? 82  VAL A CA  1 
ATOM   604  C C   . VAL A 1 82  ? -0.122  -1.542  -9.067  1.00 12.29 ? 82  VAL A C   1 
ATOM   605  O O   . VAL A 1 82  ? -0.833  -2.509  -8.750  1.00 13.36 ? 82  VAL A O   1 
ATOM   606  C CB  . VAL A 1 82  ? 1.357   -2.826  -10.677 1.00 13.92 ? 82  VAL A CB  1 
ATOM   607  C CG1 . VAL A 1 82  ? 0.817   -2.233  -11.957 1.00 16.40 ? 82  VAL A CG1 1 
ATOM   608  C CG2 . VAL A 1 82  ? 2.826   -3.379  -10.908 1.00 17.67 ? 82  VAL A CG2 1 
ATOM   609  N N   . LEU A 1 83  ? -0.529  -0.247  -9.040  1.00 12.12 ? 83  LEU A N   1 
ATOM   610  C CA  . LEU A 1 83  ? -1.813  0.134   -8.478  1.00 12.46 ? 83  LEU A CA  1 
ATOM   611  C C   . LEU A 1 83  ? -2.606  1.122   -9.300  1.00 12.15 ? 83  LEU A C   1 
ATOM   612  O O   . LEU A 1 83  ? -2.034  2.016   -9.934  1.00 13.15 ? 83  LEU A O   1 
ATOM   613  C CB  . LEU A 1 83  ? -1.675  0.738   -7.075  1.00 13.91 ? 83  LEU A CB  1 
ATOM   614  C CG  . LEU A 1 83  ? -1.079  -0.153  -5.997  1.00 15.25 ? 83  LEU A CG  1 
ATOM   615  C CD1 . LEU A 1 83  ? -0.894  0.719   -4.738  1.00 16.97 ? 83  LEU A CD1 1 
ATOM   616  C CD2 . LEU A 1 83  ? -1.990  -1.311  -5.712  1.00 16.20 ? 83  LEU A CD2 1 
ATOM   617  N N   . ALA A 1 84  ? -3.922  0.930   -9.266  1.00 11.50 ? 84  ALA A N   1 
ATOM   618  C CA  . ALA A 1 84  ? -4.888  1.915   -9.779  1.00 11.38 ? 84  ALA A CA  1 
ATOM   619  C C   . ALA A 1 84  ? -5.628  2.538   -8.617  1.00 12.23 ? 84  ALA A C   1 
ATOM   620  O O   . ALA A 1 84  ? -5.926  1.844   -7.650  1.00 13.21 ? 84  ALA A O   1 
ATOM   621  C CB  . ALA A 1 84  ? -5.915  1.207   -10.669 1.00 13.10 ? 84  ALA A CB  1 
ATOM   622  N N   . HIS A 1 85  ? -5.943  3.840   -8.759  1.00 12.27 ? 85  HIS A N   1 
ATOM   623  C CA  . HIS A 1 85  ? -6.676  4.590   -7.717  1.00 12.26 ? 85  HIS A CA  1 
ATOM   624  C C   . HIS A 1 85  ? -7.876  5.252   -8.344  1.00 12.41 ? 85  HIS A C   1 
ATOM   625  O O   . HIS A 1 85  ? -7.786  5.779   -9.456  1.00 12.59 ? 85  HIS A O   1 
ATOM   626  C CB  . HIS A 1 85  ? -5.777  5.706   -7.152  1.00 13.65 ? 85  HIS A CB  1 
ATOM   627  C CG  . HIS A 1 85  ? -4.596  5.203   -6.379  1.00 12.64 ? 85  HIS A CG  1 
ATOM   628  N ND1 . HIS A 1 85  ? -3.348  4.914   -6.913  1.00 17.50 ? 85  HIS A ND1 1 
ATOM   629  C CD2 . HIS A 1 85  ? -4.510  4.949   -5.059  1.00 13.12 ? 85  HIS A CD2 1 
ATOM   630  C CE1 . HIS A 1 85  ? -2.567  4.462   -5.941  1.00 12.37 ? 85  HIS A CE1 1 
ATOM   631  N NE2 . HIS A 1 85  ? -3.232  4.520   -4.805  1.00 17.29 ? 85  HIS A NE2 1 
ATOM   632  N N   . PRO A 1 86  ? -9.019  5.260   -7.637  1.00 11.98 ? 86  PRO A N   1 
ATOM   633  C CA  . PRO A 1 86  ? -10.232 5.839   -8.241  1.00 12.75 ? 86  PRO A CA  1 
ATOM   634  C C   . PRO A 1 86  ? -10.219 7.341   -8.396  1.00 13.37 ? 86  PRO A C   1 
ATOM   635  O O   . PRO A 1 86  ? -11.125 7.924   -9.031  1.00 13.76 ? 86  PRO A O   1 
ATOM   636  C CB  . PRO A 1 86  ? -11.359 5.424   -7.284  1.00 13.71 ? 86  PRO A CB  1 
ATOM   637  C CG  . PRO A 1 86  ? -10.672 5.227   -5.972  1.00 13.23 ? 86  PRO A CG  1 
ATOM   638  C CD  . PRO A 1 86  ? -9.266  4.702   -6.290  1.00 11.30 ? 86  PRO A CD  1 
ATOM   639  N N   . SER A 1 87  ? -9.182  7.939   -7.815  1.00 12.86 ? 87  SER A N   1 
ATOM   640  C CA  . SER A 1 87  ? -8.922  9.370   -7.975  1.00 13.64 ? 87  SER A CA  1 
ATOM   641  C C   . SER A 1 87  ? -8.304  9.715   -9.324  1.00 13.59 ? 87  SER A C   1 
ATOM   642  O O   . SER A 1 87  ? -8.012  10.882  -9.570  1.00 14.12 ? 87  SER A O   1 
ATOM   643  C CB  . SER A 1 87  ? -8.009  9.824   -6.849  1.00 15.04 ? 87  SER A CB  1 
ATOM   644  O OG  . SER A 1 87  ? -6.849  9.015   -6.820  1.00 17.88 ? 87  SER A OG  1 
ATOM   645  N N   . GLY A 1 88  ? -8.098  8.724   -10.206 1.00 13.36 ? 88  GLY A N   1 
ATOM   646  C CA  . GLY A 1 88  ? -7.542  9.006   -11.542 1.00 12.33 ? 88  GLY A CA  1 
ATOM   647  C C   . GLY A 1 88  ? -6.031  8.955   -11.587 1.00 11.70 ? 88  GLY A C   1 
ATOM   648  O O   . GLY A 1 88  ? -5.433  9.599   -12.451 1.00 12.54 ? 88  GLY A O   1 
ATOM   649  N N   . ILE A 1 89  ? -5.426  8.130   -10.720 1.00 12.42 ? 89  ILE A N   1 
ATOM   650  C CA  . ILE A 1 89  ? -3.967  8.071   -10.606 1.00 12.39 ? 89  ILE A CA  1 
ATOM   651  C C   . ILE A 1 89  ? -3.558  6.621   -10.692 1.00 12.89 ? 89  ILE A C   1 
ATOM   652  O O   . ILE A 1 89  ? -4.182  5.749   -10.072 1.00 13.74 ? 89  ILE A O   1 
ATOM   653  C CB  . ILE A 1 89  ? -3.517  8.672   -9.269  1.00 14.88 ? 89  ILE A CB  1 
ATOM   654  C CG1 . ILE A 1 89  ? -3.897  10.160  -9.273  1.00 14.56 ? 89  ILE A CG1 1 
ATOM   655  C CG2 . ILE A 1 89  ? -2.004  8.492   -9.038  1.00 16.41 ? 89  ILE A CG2 1 
ATOM   656  C CD1 . ILE A 1 89  ? -3.718  10.799  -7.914  1.00 18.58 ? 89  ILE A CD1 1 
ATOM   657  N N   . THR A 1 90  ? -2.479  6.356   -11.433 1.00 11.27 ? 90  THR A N   1 
ATOM   658  C CA  . THR A 1 90  ? -1.844  5.020   -11.365 1.00 12.21 ? 90  THR A CA  1 
ATOM   659  C C   . THR A 1 90  ? -0.453  5.165   -10.743 1.00 13.21 ? 90  THR A C   1 
ATOM   660  O O   . THR A 1 90  ? 0.164   6.246   -10.806 1.00 13.68 ? 90  THR A O   1 
ATOM   661  C CB  . THR A 1 90  ? -1.662  4.403   -12.753 1.00 13.56 ? 90  THR A CB  1 
ATOM   662  O OG1 . THR A 1 90  ? -0.853  5.296   -13.555 1.00 15.10 ? 90  THR A OG1 1 
ATOM   663  C CG2 . THR A 1 90  ? -3.023  4.171   -13.455 1.00 13.93 ? 90  THR A CG2 1 
ATOM   664  N N   . GLU A 1 91  ? 0.027   4.076   -10.140 1.00 13.22 ? 91  GLU A N   1 
ATOM   665  C CA  . GLU A 1 91  ? 1.252   4.136   -9.329  1.00 15.72 ? 91  GLU A CA  1 
ATOM   666  C C   . GLU A 1 91  ? 2.013   2.823   -9.585  1.00 14.73 ? 91  GLU A C   1 
ATOM   667  O O   . GLU A 1 91  ? 1.430   1.726   -9.485  1.00 14.36 ? 91  GLU A O   1 
ATOM   668  C CB  . GLU A 1 91  ? 0.781   4.164   -7.822  1.00 17.92 ? 91  GLU A CB  1 
ATOM   669  C CG  . GLU A 1 91  ? 1.818   4.030   -6.734  1.00 21.61 ? 91  GLU A CG  1 
ATOM   670  C CD  . GLU A 1 91  ? 1.243   4.038   -5.343  1.00 20.82 ? 91  GLU A CD  1 
ATOM   671  O OE1 . GLU A 1 91  ? 0.013   4.142   -5.141  1.00 17.58 ? 91  GLU A OE1 1 
ATOM   672  O OE2 . GLU A 1 91  ? 2.048   3.889   -4.388  1.00 26.02 ? 91  GLU A OE2 1 
ATOM   673  N N   . ILE A 1 92  ? 3.313   2.927   -9.861  1.00 13.38 ? 92  ILE A N   1 
ATOM   674  C CA  . ILE A 1 92  ? 4.195   1.787   -9.763  1.00 12.65 ? 92  ILE A CA  1 
ATOM   675  C C   . ILE A 1 92  ? 5.290   2.134   -8.779  1.00 12.58 ? 92  ILE A C   1 
ATOM   676  O O   . ILE A 1 92  ? 5.998   3.101   -8.935  1.00 11.91 ? 92  ILE A O   1 
ATOM   677  C CB  . ILE A 1 92  ? 4.834   1.419   -11.116 1.00 14.11 ? 92  ILE A CB  1 
ATOM   678  C CG1 . ILE A 1 92  ? 3.699   1.099   -12.094 1.00 14.24 ? 92  ILE A CG1 1 
ATOM   679  C CG2 . ILE A 1 92  ? 5.772   0.213   -10.941 1.00 16.57 ? 92  ILE A CG2 1 
ATOM   680  C CD1 . ILE A 1 92  ? 4.211   0.770   -13.506 1.00 15.44 ? 92  ILE A CD1 1 
ATOM   681  N N   . GLU A 1 93  ? 5.364   1.348   -7.716  1.00 12.97 ? 93  GLU A N   1 
ATOM   682  C CA  . GLU A 1 93  ? 6.421   1.547   -6.713  1.00 13.23 ? 93  GLU A CA  1 
ATOM   683  C C   . GLU A 1 93  ? 7.322   0.355   -6.788  1.00 14.34 ? 93  GLU A C   1 
ATOM   684  O O   . GLU A 1 93  ? 6.850   -0.772  -6.950  1.00 15.35 ? 93  GLU A O   1 
ATOM   685  C CB  . GLU A 1 93  ? 5.859   1.632   -5.289  1.00 13.49 ? 93  GLU A CB  1 
ATOM   686  C CG  . GLU A 1 93  ? 4.920   2.793   -5.055  1.00 16.10 ? 93  GLU A CG  1 
ATOM   687  C CD  . GLU A 1 93  ? 4.924   3.276   -3.639  1.00 22.57 ? 93  GLU A CD  1 
ATOM   688  O OE1 . GLU A 1 93  ? 5.869   2.975   -2.859  1.00 22.31 ? 93  GLU A OE1 1 
ATOM   689  O OE2 . GLU A 1 93  ? 3.998   4.039   -3.329  1.00 22.57 ? 93  GLU A OE2 1 
ATOM   690  N N   . VAL A 1 94  ? 8.626   0.575   -6.613  1.00 11.97 ? 94  VAL A N   1 
ATOM   691  C CA  . VAL A 1 94  ? 9.614   -0.498  -6.706  1.00 13.58 ? 94  VAL A CA  1 
ATOM   692  C C   . VAL A 1 94  ? 10.343  -0.518  -5.395  1.00 13.49 ? 94  VAL A C   1 
ATOM   693  O O   . VAL A 1 94  ? 10.590  0.535   -4.790  1.00 13.47 ? 94  VAL A O   1 
ATOM   694  C CB  . VAL A 1 94  ? 10.588  -0.224  -7.852  1.00 14.55 ? 94  VAL A CB  1 
ATOM   695  C CG1 . VAL A 1 94  ? 11.647  -1.314  -7.972  1.00 15.92 ? 94  VAL A CG1 1 
ATOM   696  C CG2 . VAL A 1 94  ? 9.803   -0.108  -9.143  1.00 16.07 ? 94  VAL A CG2 1 
ATOM   697  N N   . GLY A 1 95  ? 10.712  -1.716  -4.957  1.00 12.98 ? 95  GLY A N   1 
ATOM   698  C CA  . GLY A 1 95  ? 11.571  -1.782  -3.776  1.00 14.00 ? 95  GLY A CA  1 
ATOM   699  C C   . GLY A 1 95  ? 11.895  -3.185  -3.364  1.00 14.35 ? 95  GLY A C   1 
ATOM   700  O O   . GLY A 1 95  ? 12.005  -4.068  -4.199  1.00 14.64 ? 95  GLY A O   1 
ATOM   701  N N   . THR A 1 96  ? 12.118  -3.377  -2.071  1.00 13.30 ? 96  THR A N   1 
ATOM   702  C CA  . THR A 1 96  ? 12.741  -4.583  -1.582  1.00 14.49 ? 96  THR A CA  1 
ATOM   703  C C   . THR A 1 96  ? 12.071  -4.953  -0.280  1.00 13.32 ? 96  THR A C   1 
ATOM   704  O O   . THR A 1 96  ? 11.320  -4.182  0.314   1.00 14.29 ? 96  THR A O   1 
ATOM   705  C CB  . THR A 1 96  ? 14.263  -4.377  -1.287  1.00 15.53 ? 96  THR A CB  1 
ATOM   706  O OG1 . THR A 1 96  ? 14.444  -3.317  -0.342  1.00 18.92 ? 96  THR A OG1 1 
ATOM   707  C CG2 . THR A 1 96  ? 15.039  -4.021  -2.551  1.00 19.26 ? 96  THR A CG2 1 
ATOM   708  N N   . TYR A 1 97  ? 12.326  -6.169  0.187   1.00 13.49 ? 97  TYR A N   1 
ATOM   709  C CA  . TYR A 1 97  ? 11.874  -6.557  1.518   1.00 14.28 ? 97  TYR A CA  1 
ATOM   710  C C   . TYR A 1 97  ? 12.891  -7.471  2.170   1.00 14.61 ? 97  TYR A C   1 
ATOM   711  O O   . TYR A 1 97  ? 13.794  -8.037  1.513   1.00 14.68 ? 97  TYR A O   1 
ATOM   712  C CB  . TYR A 1 97  ? 10.514  -7.282  1.455   1.00 15.38 ? 97  TYR A CB  1 
ATOM   713  C CG  . TYR A 1 97  ? 10.521  -8.512  0.539   1.00 15.27 ? 97  TYR A CG  1 
ATOM   714  C CD1 . TYR A 1 97  ? 10.875  -9.776  1.053   1.00 15.75 ? 97  TYR A CD1 1 
ATOM   715  C CD2 . TYR A 1 97  ? 10.192  -8.398  -0.819  1.00 17.37 ? 97  TYR A CD2 1 
ATOM   716  C CE1 . TYR A 1 97  ? 10.891  -10.897 0.231   1.00 17.99 ? 97  TYR A CE1 1 
ATOM   717  C CE2 . TYR A 1 97  ? 10.209  -9.525  -1.648  1.00 17.22 ? 97  TYR A CE2 1 
ATOM   718  C CZ  . TYR A 1 97  ? 10.552  -10.760 -1.111  1.00 18.46 ? 97  TYR A CZ  1 
ATOM   719  O OH  . TYR A 1 97  ? 10.577  -11.856 -1.958  1.00 20.84 ? 97  TYR A OH  1 
ATOM   720  N N   . SER A 1 98  ? 12.697  -7.626  3.473   1.00 13.89 ? 98  SER A N   1 
ATOM   721  C CA  . SER A 1 98  ? 13.546  -8.474  4.293   1.00 16.30 ? 98  SER A CA  1 
ATOM   722  C C   . SER A 1 98  ? 12.645  -9.205  5.266   1.00 15.73 ? 98  SER A C   1 
ATOM   723  O O   . SER A 1 98  ? 11.660  -8.659  5.717   1.00 17.19 ? 98  SER A O   1 
ATOM   724  C CB  . SER A 1 98  ? 14.524  -7.591  5.059   1.00 18.10 ? 98  SER A CB  1 
ATOM   725  O OG  . SER A 1 98  ? 15.514  -8.405  5.590   1.00 27.55 ? 98  SER A OG  1 
ATOM   726  N N   . VAL A 1 99  ? 12.999  -10.443 5.575   1.00 14.97 ? 99  VAL A N   1 
ATOM   727  C CA  . VAL A 1 99  ? 12.328  -11.265 6.592   1.00 15.61 ? 99  VAL A CA  1 
ATOM   728  C C   . VAL A 1 99  ? 13.288  -11.449 7.758   1.00 16.26 ? 99  VAL A C   1 
ATOM   729  O O   . VAL A 1 99  ? 14.440  -11.879 7.566   1.00 17.36 ? 99  VAL A O   1 
ATOM   730  C CB  . VAL A 1 99  ? 12.007  -12.660 6.014   1.00 16.59 ? 99  VAL A CB  1 
ATOM   731  C CG1 . VAL A 1 99  ? 11.511  -13.599 7.120   1.00 17.58 ? 99  VAL A CG1 1 
ATOM   732  C CG2 . VAL A 1 99  ? 10.957  -12.557 4.919   1.00 17.86 ? 99  VAL A CG2 1 
ATOM   733  N N   . THR A 1 100 ? 12.802  -11.115 8.954   1.00 15.53 ? 100 THR A N   1 
ATOM   734  C CA  . THR A 1 100 ? 13.516  -11.365 10.196  1.00 17.54 ? 100 THR A CA  1 
ATOM   735  C C   . THR A 1 100 ? 12.519  -12.102 11.101  1.00 16.96 ? 100 THR A C   1 
ATOM   736  O O   . THR A 1 100 ? 11.698  -11.482 11.777  1.00 17.43 ? 100 THR A O   1 
ATOM   737  C CB  . THR A 1 100 ? 13.946  -10.028 10.840  1.00 18.28 ? 100 THR A CB  1 
ATOM   738  O OG1 . THR A 1 100 ? 14.649  -9.224  9.877   1.00 23.23 ? 100 THR A OG1 1 
ATOM   739  C CG2 . THR A 1 100 ? 14.822  -10.283 12.087  1.00 20.68 ? 100 THR A CG2 1 
ATOM   740  N N   . GLY A 1 101 ? 12.554  -13.427 11.060  1.00 16.41 ? 101 GLY A N   1 
ATOM   741  C CA  . GLY A 1 101 ? 11.566  -14.234 11.741  1.00 15.94 ? 101 GLY A CA  1 
ATOM   742  C C   . GLY A 1 101 ? 10.151  -13.910 11.324  1.00 15.91 ? 101 GLY A C   1 
ATOM   743  O O   . GLY A 1 101 ? 9.836   -13.913 10.111  1.00 16.48 ? 101 GLY A O   1 
ATOM   744  N N   . ASP A 1 102 ? 9.296   -13.593 12.295  1.00 16.55 ? 102 ASP A N   1 
ATOM   745  C CA  . ASP A 1 102 ? 7.897   -13.304 11.975  1.00 17.08 ? 102 ASP A CA  1 
ATOM   746  C C   . ASP A 1 102 ? 7.677   -11.870 11.547  1.00 16.18 ? 102 ASP A C   1 
ATOM   747  O O   . ASP A 1 102 ? 6.535   -11.446 11.426  1.00 16.96 ? 102 ASP A O   1 
ATOM   748  C CB  . ASP A 1 102 ? 6.950   -13.676 13.119  1.00 18.54 ? 102 ASP A CB  1 
ATOM   749  C CG  . ASP A 1 102 ? 6.741   -15.190 13.242  1.00 23.45 ? 102 ASP A CG  1 
ATOM   750  O OD1 . ASP A 1 102 ? 6.515   -15.895 12.213  1.00 26.01 ? 102 ASP A OD1 1 
ATOM   751  O OD2 . ASP A 1 102 ? 6.836   -15.675 14.387  1.00 30.55 ? 102 ASP A OD2 1 
ATOM   752  N N   . VAL A 1 103 ? 8.767   -11.142 11.341  1.00 14.64 ? 103 VAL A N   1 
ATOM   753  C CA  . VAL A 1 103 ? 8.676   -9.768  10.807  1.00 14.75 ? 103 VAL A CA  1 
ATOM   754  C C   . VAL A 1 103 ? 9.111   -9.640  9.338   1.00 14.08 ? 103 VAL A C   1 
ATOM   755  O O   . VAL A 1 103 ? 10.207  -10.034 8.976   1.00 15.18 ? 103 VAL A O   1 
ATOM   756  C CB  . VAL A 1 103 ? 9.507   -8.782  11.626  1.00 13.88 ? 103 VAL A CB  1 
ATOM   757  C CG1 . VAL A 1 103 ? 9.422   -7.371  11.046  1.00 15.12 ? 103 VAL A CG1 1 
ATOM   758  C CG2 . VAL A 1 103 ? 9.006   -8.747  13.050  1.00 16.72 ? 103 VAL A CG2 1 
ATOM   759  N N   . ILE A 1 104 ? 8.251   -9.059  8.516   1.00 12.81 ? 104 ILE A N   1 
ATOM   760  C CA  . ILE A 1 104 ? 8.589   -8.717  7.133   1.00 14.32 ? 104 ILE A CA  1 
ATOM   761  C C   . ILE A 1 104 ? 8.568   -7.200  7.066   1.00 14.14 ? 104 ILE A C   1 
ATOM   762  O O   . ILE A 1 104 ? 7.602   -6.575  7.493   1.00 14.37 ? 104 ILE A O   1 
ATOM   763  C CB  . ILE A 1 104 ? 7.534   -9.253  6.130   1.00 13.99 ? 104 ILE A CB  1 
ATOM   764  C CG1 . ILE A 1 104 ? 7.549   -10.769 6.150   1.00 15.75 ? 104 ILE A CG1 1 
ATOM   765  C CG2 . ILE A 1 104 ? 7.837   -8.776  4.718   1.00 17.86 ? 104 ILE A CG2 1 
ATOM   766  C CD1 . ILE A 1 104 ? 6.330   -11.424 5.524   1.00 17.03 ? 104 ILE A CD1 1 
ATOM   767  N N   . GLU A 1 105 ? 9.636   -6.623  6.506   1.00 14.10 ? 105 GLU A N   1 
ATOM   768  C CA  . GLU A 1 105 ? 9.722   -5.162  6.264   1.00 14.22 ? 105 GLU A CA  1 
ATOM   769  C C   . GLU A 1 105 ? 9.821   -4.970  4.757   1.00 14.64 ? 105 GLU A C   1 
ATOM   770  O O   . GLU A 1 105 ? 10.726  -5.536  4.113   1.00 14.94 ? 105 GLU A O   1 
ATOM   771  C CB  . GLU A 1 105 ? 10.953  -4.565  6.937   1.00 15.64 ? 105 GLU A CB  1 
ATOM   772  C CG  . GLU A 1 105 ? 10.825  -4.649  8.466   1.00 20.06 ? 105 GLU A CG  1 
ATOM   773  C CD  . GLU A 1 105 ? 12.079  -4.288  9.203   1.00 28.36 ? 105 GLU A CD  1 
ATOM   774  O OE1 . GLU A 1 105 ? 13.068  -5.057  9.111   1.00 32.63 ? 105 GLU A OE1 1 
ATOM   775  O OE2 . GLU A 1 105 ? 12.048  -3.262  9.926   1.00 33.17 ? 105 GLU A OE2 1 
ATOM   776  N N   . LEU A 1 106 ? 8.903   -4.190  4.193   1.00 13.22 ? 106 LEU A N   1 
ATOM   777  C CA  . LEU A 1 106 ? 8.871   -3.905  2.752   1.00 13.85 ? 106 LEU A CA  1 
ATOM   778  C C   . LEU A 1 106 ? 9.029   -2.397  2.620   1.00 13.79 ? 106 LEU A C   1 
ATOM   779  O O   . LEU A 1 106 ? 8.306   -1.637  3.281   1.00 14.44 ? 106 LEU A O   1 
ATOM   780  C CB  . LEU A 1 106 ? 7.519   -4.286  2.080   1.00 16.28 ? 106 LEU A CB  1 
ATOM   781  C CG  . LEU A 1 106 ? 7.154   -5.762  2.076   1.00 19.17 ? 106 LEU A CG  1 
ATOM   782  C CD1 . LEU A 1 106 ? 6.060   -6.078  3.088   1.00 24.69 ? 106 LEU A CD1 1 
ATOM   783  C CD2 . LEU A 1 106 ? 6.739   -6.235  0.692   1.00 23.22 ? 106 LEU A CD2 1 
ATOM   784  N N   . GLU A 1 107 ? 9.933   -1.972  1.749   1.00 12.56 ? 107 GLU A N   1 
ATOM   785  C CA  . GLU A 1 107 ? 10.158  -0.542  1.456   1.00 13.50 ? 107 GLU A CA  1 
ATOM   786  C C   . GLU A 1 107 ? 10.060  -0.339  -0.050  1.00 13.89 ? 107 GLU A C   1 
ATOM   787  O O   . GLU A 1 107 ? 10.815  -0.973  -0.808  1.00 13.58 ? 107 GLU A O   1 
ATOM   788  C CB  . GLU A 1 107 ? 11.560  -0.123  1.931   1.00 14.50 ? 107 GLU A CB  1 
ATOM   789  C CG  . GLU A 1 107 ? 11.710  -0.201  3.453   1.00 18.10 ? 107 GLU A CG  1 
ATOM   790  C CD  . GLU A 1 107 ? 10.896  0.837   4.174   1.00 22.81 ? 107 GLU A CD  1 
ATOM   791  O OE1 . GLU A 1 107 ? 10.593  1.886   3.568   1.00 25.28 ? 107 GLU A OE1 1 
ATOM   792  O OE2 . GLU A 1 107 ? 10.582  0.628   5.385   1.00 26.99 ? 107 GLU A OE2 1 
ATOM   793  N N   . LEU A 1 108 ? 9.119   0.530   -0.466  1.00 13.32 ? 108 LEU A N   1 
ATOM   794  C CA  . LEU A 1 108 ? 8.860   0.777   -1.896  1.00 13.98 ? 108 LEU A CA  1 
ATOM   795  C C   . LEU A 1 108 ? 8.784   2.262   -2.178  1.00 13.50 ? 108 LEU A C   1 
ATOM   796  O O   . LEU A 1 108 ? 8.478   3.061   -1.305  1.00 12.79 ? 108 LEU A O   1 
ATOM   797  C CB  . LEU A 1 108 ? 7.509   0.153   -2.323  1.00 15.05 ? 108 LEU A CB  1 
ATOM   798  C CG  . LEU A 1 108 ? 7.374   -1.342  -2.045  1.00 18.56 ? 108 LEU A CG  1 
ATOM   799  C CD1 . LEU A 1 108 ? 6.399   -1.440  -0.948  1.00 24.98 ? 108 LEU A CD1 1 
ATOM   800  C CD2 . LEU A 1 108 ? 6.793   -1.991  -3.294  1.00 23.48 ? 108 LEU A CD2 1 
ATOM   801  N N   . SER A 1 109 ? 9.016   2.646   -3.426  1.00 12.15 ? 109 SER A N   1 
ATOM   802  C CA  . SER A 1 109 ? 8.843   4.035   -3.793  1.00 12.65 ? 109 SER A CA  1 
ATOM   803  C C   . SER A 1 109 ? 8.647   4.163   -5.287  1.00 11.97 ? 109 SER A C   1 
ATOM   804  O O   . SER A 1 109 ? 9.261   3.436   -6.107  1.00 11.69 ? 109 SER A O   1 
ATOM   805  C CB  . SER A 1 109 ? 10.096  4.828   -3.392  1.00 13.91 ? 109 SER A CB  1 
ATOM   806  O OG  . SER A 1 109 ? 9.953   6.187   -3.824  1.00 13.61 ? 109 SER A OG  1 
ATOM   807  N N   . THR A 1 110 ? 7.829   5.155   -5.670  1.00 11.77 ? 110 THR A N   1 
ATOM   808  C CA  . THR A 1 110 ? 7.779   5.519   -7.118  1.00 12.25 ? 110 THR A CA  1 
ATOM   809  C C   . THR A 1 110 ? 9.132   6.096   -7.570  1.00 12.10 ? 110 THR A C   1 
ATOM   810  O O   . THR A 1 110 ? 9.411   6.174   -8.793  1.00 13.69 ? 110 THR A O   1 
ATOM   811  C CB  . THR A 1 110 ? 6.695   6.518   -7.426  1.00 13.38 ? 110 THR A CB  1 
ATOM   812  O OG1 . THR A 1 110 ? 6.911   7.706   -6.667  1.00 13.96 ? 110 THR A OG1 1 
ATOM   813  C CG2 . THR A 1 110 ? 5.329   5.954   -7.068  1.00 12.17 ? 110 THR A CG2 1 
ATOM   814  N N   . ARG A 1 111 ? 9.918   6.552   -6.603  1.00 13.09 ? 111 ARG A N   1 
ATOM   815  C CA  . ARG A 1 111 ? 11.191  7.235   -6.902  1.00 13.54 ? 111 ARG A CA  1 
ATOM   816  C C   . ARG A 1 111 ? 12.322  6.268   -7.240  1.00 14.54 ? 111 ARG A C   1 
ATOM   817  O O   . ARG A 1 111 ? 13.413  6.708   -7.657  1.00 16.72 ? 111 ARG A O   1 
ATOM   818  C CB  . ARG A 1 111 ? 11.610  8.155   -5.735  1.00 14.20 ? 111 ARG A CB  1 
ATOM   819  C CG  . ARG A 1 111 ? 10.472  9.107   -5.341  1.00 11.41 ? 111 ARG A CG  1 
ATOM   820  C CD  . ARG A 1 111 ? 10.950  10.092  -4.313  1.00 14.85 ? 111 ARG A CD  1 
ATOM   821  N NE  . ARG A 1 111 ? 11.196  9.449   -3.056  1.00 15.38 ? 111 ARG A NE  1 
ATOM   822  C CZ  . ARG A 1 111 ? 12.341  9.476   -2.381  1.00 18.90 ? 111 ARG A CZ  1 
ATOM   823  N NH1 . ARG A 1 111 ? 13.389  10.143  -2.855  1.00 21.58 ? 111 ARG A NH1 1 
ATOM   824  N NH2 . ARG A 1 111 ? 12.426  8.820   -1.214  1.00 19.80 ? 111 ARG A NH2 1 
ATOM   825  N N   . ALA A 1 112 ? 12.111  4.968   -7.010  1.00 14.10 ? 112 ALA A N   1 
ATOM   826  C CA  . ALA A 1 112 ? 13.115  3.950   -7.298  1.00 14.10 ? 112 ALA A CA  1 
ATOM   827  C C   . ALA A 1 112 ? 12.770  3.265   -8.637  1.00 13.92 ? 112 ALA A C   1 
ATOM   828  O O   . ALA A 1 112 ? 12.577  2.047   -8.704  1.00 15.74 ? 112 ALA A O   1 
ATOM   829  C CB  . ALA A 1 112 ? 13.142  2.935   -6.118  1.00 14.70 ? 112 ALA A CB  1 
ATOM   830  N N   . ASP A 1 113 ? 12.712  4.054   -9.718  1.00 14.41 ? 113 ASP A N   1 
ATOM   831  C CA  . ASP A 1 113 ? 12.405  3.547   -11.058 1.00 14.18 ? 113 ASP A CA  1 
ATOM   832  C C   . ASP A 1 113 ? 10.964  3.095   -11.192 1.00 13.20 ? 113 ASP A C   1 
ATOM   833  O O   . ASP A 1 113 ? 10.614  2.274   -12.046 1.00 14.84 ? 113 ASP A O   1 
ATOM   834  C CB  . ASP A 1 113 ? 13.383  2.469   -11.480 1.00 15.00 ? 113 ASP A CB  1 
ATOM   835  C CG  . ASP A 1 113 ? 13.552  2.389   -13.006 1.00 18.23 ? 113 ASP A CG  1 
ATOM   836  O OD1 . ASP A 1 113 ? 13.178  3.331   -13.756 1.00 20.35 ? 113 ASP A OD1 1 
ATOM   837  O OD2 . ASP A 1 113 ? 14.144  1.386   -13.427 1.00 19.54 ? 113 ASP A OD2 1 
ATOM   838  N N   . GLY A 1 114 ? 10.114  3.743   -10.409 1.00 12.71 ? 114 GLY A N   1 
ATOM   839  C CA  . GLY A 1 114 ? 8.665   3.568   -10.505 1.00 13.13 ? 114 GLY A CA  1 
ATOM   840  C C   . GLY A 1 114 ? 8.072   4.684   -11.343 1.00 14.50 ? 114 GLY A C   1 
ATOM   841  O O   . GLY A 1 114 ? 8.764   5.362   -12.104 1.00 15.89 ? 114 GLY A O   1 
ATOM   842  N N   . SER A 1 115 ? 6.758   4.839   -11.225 1.00 14.88 ? 115 SER A N   1 
ATOM   843  C CA  . SER A 1 115 ? 5.991   5.663   -12.174 1.00 17.10 ? 115 SER A CA  1 
ATOM   844  C C   . SER A 1 115 ? 4.744   6.179   -11.469 1.00 15.66 ? 115 SER A C   1 
ATOM   845  O O   . SER A 1 115 ? 4.192   5.501   -10.596 1.00 16.55 ? 115 SER A O   1 
ATOM   846  C CB  . SER A 1 115 ? 5.533   4.759   -13.350 1.00 17.52 ? 115 SER A CB  1 
ATOM   847  O OG  . SER A 1 115 ? 4.394   5.264   -14.046 1.00 28.72 ? 115 SER A OG  1 
ATOM   848  N N   . ILE A 1 116 ? 4.271   7.344   -11.872 1.00 15.07 ? 116 ILE A N   1 
ATOM   849  C CA  . ILE A 1 116 ? 2.922   7.819   -11.518 1.00 15.04 ? 116 ILE A CA  1 
ATOM   850  C C   . ILE A 1 116 ? 2.255   8.286   -12.813 1.00 14.42 ? 116 ILE A C   1 
ATOM   851  O O   . ILE A 1 116 ? 2.854   9.028   -13.621 1.00 16.10 ? 116 ILE A O   1 
ATOM   852  C CB  . ILE A 1 116 ? 2.951   8.981   -10.557 1.00 16.24 ? 116 ILE A CB  1 
ATOM   853  C CG1 . ILE A 1 116 ? 3.499   8.449   -9.235  1.00 19.39 ? 116 ILE A CG1 1 
ATOM   854  C CG2 . ILE A 1 116 ? 1.511   9.641   -10.425 1.00 17.72 ? 116 ILE A CG2 1 
ATOM   855  C CD1 . ILE A 1 116 ? 3.689   9.449   -8.169  1.00 24.03 ? 116 ILE A CD1 1 
ATOM   856  N N   . GLY A 1 117 ? 1.013   7.844   -13.039 1.00 13.19 ? 117 GLY A N   1 
ATOM   857  C CA  . GLY A 1 117 ? 0.258   8.415   -14.142 1.00 12.62 ? 117 GLY A CA  1 
ATOM   858  C C   . GLY A 1 117 ? -0.923  9.223   -13.621 1.00 11.70 ? 117 GLY A C   1 
ATOM   859  O O   . GLY A 1 117 ? -1.540  8.832   -12.595 1.00 11.84 ? 117 GLY A O   1 
ATOM   860  N N   . LEU A 1 118 ? -1.192  10.332  -14.298 1.00 12.32 ? 118 LEU A N   1 
ATOM   861  C CA  . LEU A 1 118 ? -2.249  11.241  -13.870 1.00 12.60 ? 118 LEU A CA  1 
ATOM   862  C C   . LEU A 1 118 ? -3.257  11.396  -14.968 1.00 13.28 ? 118 LEU A C   1 
ATOM   863  O O   . LEU A 1 118 ? -2.909  11.822  -16.059 1.00 14.20 ? 118 LEU A O   1 
ATOM   864  C CB  . LEU A 1 118 ? -1.681  12.630  -13.522 1.00 13.55 ? 118 LEU A CB  1 
ATOM   865  C CG  . LEU A 1 118 ? -0.605  12.650  -12.429 1.00 13.29 ? 118 LEU A CG  1 
ATOM   866  C CD1 . LEU A 1 118 ? -0.066  14.097  -12.348 1.00 14.95 ? 118 LEU A CD1 1 
ATOM   867  C CD2 . LEU A 1 118 ? -1.140  12.209  -11.120 1.00 14.53 ? 118 LEU A CD2 1 
ATOM   868  N N   . ALA A 1 119 ? -4.517  11.050  -14.665 1.00 13.17 ? 119 ALA A N   1 
ATOM   869  C CA  . ALA A 1 119 ? -5.593  11.358  -15.610 1.00 12.92 ? 119 ALA A CA  1 
ATOM   870  C C   . ALA A 1 119 ? -5.761  12.856  -15.792 1.00 12.47 ? 119 ALA A C   1 
ATOM   871  O O   . ALA A 1 119 ? -5.327  13.638  -14.923 1.00 12.91 ? 119 ALA A O   1 
ATOM   872  C CB  . ALA A 1 119 ? -6.908  10.780  -15.077 1.00 13.19 ? 119 ALA A CB  1 
ATOM   873  N N   . PRO A 1 120 ? -6.404  13.298  -16.895 1.00 12.01 ? 120 PRO A N   1 
ATOM   874  C CA  . PRO A 1 120 ? -6.553  14.750  -17.079 1.00 12.39 ? 120 PRO A CA  1 
ATOM   875  C C   . PRO A 1 120 ? -7.125  15.547  -15.903 1.00 13.19 ? 120 PRO A C   1 
ATOM   876  O O   . PRO A 1 120 ? -6.762  16.700  -15.698 1.00 14.13 ? 120 PRO A O   1 
ATOM   877  C CB  . PRO A 1 120 ? -7.463  14.853  -18.309 1.00 12.02 ? 120 PRO A CB  1 
ATOM   878  C CG  . PRO A 1 120 ? -7.098  13.583  -19.119 1.00 12.77 ? 120 PRO A CG  1 
ATOM   879  C CD  . PRO A 1 120 ? -6.915  12.532  -18.067 1.00 11.66 ? 120 PRO A CD  1 
ATOM   880  N N   . THR A 1 121 ? -8.039  14.932  -15.147 1.00 13.80 ? 121 THR A N   1 
ATOM   881  C CA  . THR A 1 121 ? -8.726  15.631  -14.055 1.00 15.20 ? 121 THR A CA  1 
ATOM   882  C C   . THR A 1 121 ? -8.155  15.280  -12.670 1.00 15.65 ? 121 THR A C   1 
ATOM   883  O O   . THR A 1 121 ? -8.725  15.685  -11.633 1.00 15.63 ? 121 THR A O   1 
ATOM   884  C CB  . THR A 1 121 ? -10.263 15.334  -14.080 1.00 16.38 ? 121 THR A CB  1 
ATOM   885  O OG1 . THR A 1 121 ? -10.458 13.927  -13.913 1.00 18.46 ? 121 THR A OG1 1 
ATOM   886  C CG2 . THR A 1 121 ? -10.887 15.806  -15.380 1.00 17.52 ? 121 THR A CG2 1 
ATOM   887  N N   . ALA A 1 122 ? -7.050  14.540  -12.631 1.00 14.04 ? 122 ALA A N   1 
ATOM   888  C CA  . ALA A 1 122 ? -6.463  14.132  -11.358 1.00 14.46 ? 122 ALA A CA  1 
ATOM   889  C C   . ALA A 1 122 ? -5.673  15.249  -10.682 1.00 15.36 ? 122 ALA A C   1 
ATOM   890  O O   . ALA A 1 122 ? -5.110  16.133  -11.370 1.00 14.93 ? 122 ALA A O   1 
ATOM   891  C CB  . ALA A 1 122 ? -5.570  12.888  -11.537 1.00 14.87 ? 122 ALA A CB  1 
ATOM   892  N N   . LYS A 1 123 ? -5.563  15.169  -9.355  1.00 15.75 ? 123 LYS A N   1 
ATOM   893  C CA  . LYS A 1 123 ? -4.665  16.065  -8.592  1.00 15.95 ? 123 LYS A CA  1 
ATOM   894  C C   . LYS A 1 123 ? -3.232  15.683  -8.906  1.00 14.82 ? 123 LYS A C   1 
ATOM   895  O O   . LYS A 1 123 ? -2.935  14.528  -9.200  1.00 16.04 ? 123 LYS A O   1 
ATOM   896  C CB  . LYS A 1 123 ? -4.907  15.941  -7.080  1.00 16.72 ? 123 LYS A CB  1 
ATOM   897  C CG  . LYS A 1 123 ? -6.305  16.435  -6.689  1.00 22.30 ? 123 LYS A CG  1 
ATOM   898  C CD  . LYS A 1 123 ? -6.590  16.265  -5.215  1.00 30.25 ? 123 LYS A CD  1 
ATOM   899  C CE  . LYS A 1 123 ? -8.019  16.755  -4.904  1.00 33.67 ? 123 LYS A CE  1 
ATOM   900  N NZ  . LYS A 1 123 ? -8.224  18.191  -5.276  1.00 36.93 ? 123 LYS A NZ  1 
ATOM   901  N N   . GLU A 1 124 ? -2.329  16.660  -8.805  1.00 14.42 ? 124 GLU A N   1 
ATOM   902  C CA  . GLU A 1 124 ? -0.931  16.473  -9.192  1.00 14.08 ? 124 GLU A CA  1 
ATOM   903  C C   . GLU A 1 124 ? -0.065  15.799  -8.153  1.00 14.58 ? 124 GLU A C   1 
ATOM   904  O O   . GLU A 1 124 ? 0.647   16.463  -7.376  1.00 15.46 ? 124 GLU A O   1 
ATOM   905  C CB  . GLU A 1 124 ? -0.345  17.833  -9.591  1.00 13.99 ? 124 GLU A CB  1 
ATOM   906  C CG  . GLU A 1 124 ? -1.060  18.443  -10.804 1.00 14.65 ? 124 GLU A CG  1 
ATOM   907  C CD  . GLU A 1 124 ? -2.057  19.464  -10.409 1.00 20.34 ? 124 GLU A CD  1 
ATOM   908  O OE1 . GLU A 1 124 ? -2.433  19.535  -9.209  1.00 21.88 ? 124 GLU A OE1 1 
ATOM   909  O OE2 . GLU A 1 124 ? -2.503  20.201  -11.322 1.00 19.16 ? 124 GLU A OE2 1 
ATOM   910  N N   . VAL A 1 125 ? -0.094  14.483  -8.167  1.00 12.84 ? 125 VAL A N   1 
ATOM   911  C CA  . VAL A 1 125 ? 0.796   13.673  -7.318  1.00 13.22 ? 125 VAL A CA  1 
ATOM   912  C C   . VAL A 1 125 ? 2.069   13.314  -8.092  1.00 14.09 ? 125 VAL A C   1 
ATOM   913  O O   . VAL A 1 125 ? 1.992   12.871  -9.252  1.00 14.10 ? 125 VAL A O   1 
ATOM   914  C CB  . VAL A 1 125 ? 0.079   12.394  -6.835  1.00 14.43 ? 125 VAL A CB  1 
ATOM   915  C CG1 . VAL A 1 125 ? 1.017   11.570  -6.037  1.00 13.48 ? 125 VAL A CG1 1 
ATOM   916  C CG2 . VAL A 1 125 ? -1.189  12.756  -6.074  1.00 13.57 ? 125 VAL A CG2 1 
ATOM   917  N N   . THR A 1 126 ? 3.245   13.531  -7.477  1.00 13.09 ? 126 THR A N   1 
ATOM   918  C CA  . THR A 1 126 ? 4.464   13.227  -8.177  1.00 14.23 ? 126 THR A CA  1 
ATOM   919  C C   . THR A 1 126 ? 5.385   12.215  -7.557  1.00 13.92 ? 126 THR A C   1 
ATOM   920  O O   . THR A 1 126 ? 6.239   11.669  -8.272  1.00 14.61 ? 126 THR A O   1 
ATOM   921  C CB  . THR A 1 126 ? 5.278   14.469  -8.491  1.00 14.84 ? 126 THR A CB  1 
ATOM   922  O OG1 . THR A 1 126 ? 5.663   15.080  -7.263  1.00 15.05 ? 126 THR A OG1 1 
ATOM   923  C CG2 . THR A 1 126 ? 4.459   15.479  -9.394  1.00 15.57 ? 126 THR A CG2 1 
ATOM   924  N N   . ALA A 1 127 ? 5.172   11.873  -6.281  1.00 11.38 ? 127 ALA A N   1 
ATOM   925  C CA  . ALA A 1 127 ? 5.900   10.725  -5.732  1.00 12.49 ? 127 ALA A CA  1 
ATOM   926  C C   . ALA A 1 127 ? 5.151   10.131  -4.582  1.00 12.38 ? 127 ALA A C   1 
ATOM   927  O O   . ALA A 1 127 ? 4.489   10.848  -3.824  1.00 12.46 ? 127 ALA A O   1 
ATOM   928  C CB  . ALA A 1 127 ? 7.300   11.137  -5.261  1.00 12.87 ? 127 ALA A CB  1 
ATOM   929  N N   . LEU A 1 128 ? 5.329   8.831   -4.400  1.00 12.46 ? 128 LEU A N   1 
ATOM   930  C CA  . LEU A 1 128 ? 4.717   8.097   -3.277  1.00 12.13 ? 128 LEU A CA  1 
ATOM   931  C C   . LEU A 1 128 ? 5.773   7.131   -2.775  1.00 13.33 ? 128 LEU A C   1 
ATOM   932  O O   . LEU A 1 128 ? 6.362   6.399   -3.587  1.00 13.45 ? 128 LEU A O   1 
ATOM   933  C CB  . LEU A 1 128 ? 3.469   7.327   -3.727  1.00 13.44 ? 128 LEU A CB  1 
ATOM   934  C CG  . LEU A 1 128 ? 2.322   8.223   -4.174  1.00 14.67 ? 128 LEU A CG  1 
ATOM   935  C CD1 . LEU A 1 128 ? 1.312   7.388   -4.968  1.00 16.70 ? 128 LEU A CD1 1 
ATOM   936  C CD2 . LEU A 1 128 ? 1.620   8.874   -2.968  1.00 16.27 ? 128 LEU A CD2 1 
ATOM   937  N N   . ASP A 1 129 ? 5.948   7.090   -1.446  1.00 12.74 ? 129 ASP A N   1 
ATOM   938  C CA  . ASP A 1 129 ? 6.806   6.111   -0.811  1.00 12.74 ? 129 ASP A CA  1 
ATOM   939  C C   . ASP A 1 129 ? 5.971   5.295   0.185   1.00 12.71 ? 129 ASP A C   1 
ATOM   940  O O   . ASP A 1 129 ? 5.231   5.864   0.999   1.00 13.77 ? 129 ASP A O   1 
ATOM   941  C CB  . ASP A 1 129 ? 7.936   6.776   0.032   1.00 13.11 ? 129 ASP A CB  1 
ATOM   942  C CG  . ASP A 1 129 ? 9.051   7.462   -0.778  1.00 17.84 ? 129 ASP A CG  1 
ATOM   943  O OD1 . ASP A 1 129 ? 8.944   7.659   -1.999  1.00 18.86 ? 129 ASP A OD1 1 
ATOM   944  O OD2 . ASP A 1 129 ? 10.062  7.804   -0.110  1.00 22.18 ? 129 ASP A OD2 1 
ATOM   945  N N   . ARG A 1 130 ? 6.190   3.990   0.234   1.00 12.88 ? 130 ARG A N   1 
ATOM   946  C CA  . ARG A 1 130 ? 5.459   3.123   1.172   1.00 14.27 ? 130 ARG A CA  1 
ATOM   947  C C   . ARG A 1 130 ? 6.417   2.305   2.007   1.00 14.36 ? 130 ARG A C   1 
ATOM   948  O O   . ARG A 1 130 ? 7.372   1.716   1.483   1.00 14.05 ? 130 ARG A O   1 
ATOM   949  C CB  . ARG A 1 130 ? 4.528   2.165   0.414   1.00 15.23 ? 130 ARG A CB  1 
ATOM   950  C CG  . ARG A 1 130 ? 3.310   2.847   -0.183  1.00 14.81 ? 130 ARG A CG  1 
ATOM   951  C CD  . ARG A 1 130 ? 2.511   1.881   -1.096  1.00 15.22 ? 130 ARG A CD  1 
ATOM   952  N NE  . ARG A 1 130 ? 1.494   2.616   -1.854  1.00 16.76 ? 130 ARG A NE  1 
ATOM   953  C CZ  . ARG A 1 130 ? 0.183   2.468   -1.688  1.00 17.47 ? 130 ARG A CZ  1 
ATOM   954  N NH1 . ARG A 1 130 ? -0.307  1.621   -0.770  1.00 19.26 ? 130 ARG A NH1 1 
ATOM   955  N NH2 . ARG A 1 130 ? -0.636  3.190   -2.425  1.00 16.19 ? 130 ARG A NH2 1 
ATOM   956  N N   . SER A 1 131 ? 6.157   2.274   3.308   1.00 13.28 ? 131 SER A N   1 
ATOM   957  C CA  A SER A 1 131 ? 6.902   1.423   4.228   0.50 14.21 ? 131 SER A CA  1 
ATOM   958  C CA  B SER A 1 131 ? 6.903   1.406   4.232   0.50 14.33 ? 131 SER A CA  1 
ATOM   959  C C   . SER A 1 131 ? 5.913   0.517   4.959   1.00 14.13 ? 131 SER A C   1 
ATOM   960  O O   . SER A 1 131 ? 5.043   1.015   5.683   1.00 14.48 ? 131 SER A O   1 
ATOM   961  C CB  A SER A 1 131 ? 7.687   2.295   5.202   0.50 15.35 ? 131 SER A CB  1 
ATOM   962  C CB  B SER A 1 131 ? 7.715   2.225   5.238   0.50 15.49 ? 131 SER A CB  1 
ATOM   963  O OG  A SER A 1 131 ? 8.401   1.499   6.113   0.50 16.91 ? 131 SER A OG  1 
ATOM   964  O OG  B SER A 1 131 ? 8.595   3.110   4.581   0.50 17.89 ? 131 SER A OG  1 
ATOM   965  N N   . TYR A 1 132 ? 6.043   -0.793  4.780   1.00 13.89 ? 132 TYR A N   1 
ATOM   966  C CA  . TYR A 1 132 ? 5.127   -1.775  5.412   1.00 14.30 ? 132 TYR A CA  1 
ATOM   967  C C   . TYR A 1 132 ? 5.877   -2.657  6.376   1.00 14.84 ? 132 TYR A C   1 
ATOM   968  O O   . TYR A 1 132 ? 7.037   -3.020  6.133   1.00 14.67 ? 132 TYR A O   1 
ATOM   969  C CB  . TYR A 1 132 ? 4.476   -2.719  4.412   1.00 17.05 ? 132 TYR A CB  1 
ATOM   970  C CG  . TYR A 1 132 ? 3.472   -2.121  3.514   1.00 17.82 ? 132 TYR A CG  1 
ATOM   971  C CD1 . TYR A 1 132 ? 2.104   -2.151  3.833   1.00 18.71 ? 132 TYR A CD1 1 
ATOM   972  C CD2 . TYR A 1 132 ? 3.877   -1.585  2.284   1.00 21.55 ? 132 TYR A CD2 1 
ATOM   973  C CE1 . TYR A 1 132 ? 1.164   -1.611  3.002   1.00 21.84 ? 132 TYR A CE1 1 
ATOM   974  C CE2 . TYR A 1 132 ? 2.960   -1.073  1.425   1.00 24.03 ? 132 TYR A CE2 1 
ATOM   975  C CZ  . TYR A 1 132 ? 1.600   -1.088  1.780   1.00 23.20 ? 132 TYR A CZ  1 
ATOM   976  O OH  . TYR A 1 132 ? 0.698   -0.554  0.889   1.00 27.00 ? 132 TYR A OH  1 
ATOM   977  N N   . ARG A 1 133 ? 5.212   -3.030  7.456   1.00 15.14 ? 133 ARG A N   1 
ATOM   978  C CA  . ARG A 1 133 ? 5.792   -3.979  8.400   1.00 15.77 ? 133 ARG A CA  1 
ATOM   979  C C   . ARG A 1 133 ? 4.684   -4.983  8.691   1.00 15.27 ? 133 ARG A C   1 
ATOM   980  O O   . ARG A 1 133 ? 3.579   -4.596  9.111   1.00 15.38 ? 133 ARG A O   1 
ATOM   981  C CB  . ARG A 1 133 ? 6.195   -3.257  9.677   1.00 15.49 ? 133 ARG A CB  1 
ATOM   982  C CG  . ARG A 1 133 ? 6.794   -4.169  10.790  1.00 17.42 ? 133 ARG A CG  1 
ATOM   983  C CD  . ARG A 1 133 ? 7.017   -3.352  12.060  1.00 19.43 ? 133 ARG A CD  1 
ATOM   984  N NE  . ARG A 1 133 ? 7.378   -4.194  13.201  1.00 25.44 ? 133 ARG A NE  1 
ATOM   985  C CZ  . ARG A 1 133 ? 8.617   -4.545  13.517  1.00 25.32 ? 133 ARG A CZ  1 
ATOM   986  N NH1 . ARG A 1 133 ? 9.639   -4.133  12.789  1.00 26.52 ? 133 ARG A NH1 1 
ATOM   987  N NH2 . ARG A 1 133 ? 8.825   -5.332  14.572  1.00 26.08 ? 133 ARG A NH2 1 
ATOM   988  N N   . ILE A 1 134 ? 4.968   -6.262  8.477   1.00 14.93 ? 134 ILE A N   1 
ATOM   989  C CA  . ILE A 1 134 ? 4.022   -7.316  8.869   1.00 15.91 ? 134 ILE A CA  1 
ATOM   990  C C   . ILE A 1 134 ? 4.735   -8.035  10.026  1.00 16.43 ? 134 ILE A C   1 
ATOM   991  O O   . ILE A 1 134 ? 5.808   -8.593  9.844   1.00 17.57 ? 134 ILE A O   1 
ATOM   992  C CB  . ILE A 1 134 ? 3.653   -8.294  7.707   1.00 16.25 ? 134 ILE A CB  1 
ATOM   993  C CG1 . ILE A 1 134 ? 2.796   -7.568  6.677   1.00 19.81 ? 134 ILE A CG1 1 
ATOM   994  C CG2 . ILE A 1 134 ? 2.892   -9.528  8.271   1.00 19.05 ? 134 ILE A CG2 1 
ATOM   995  C CD1 . ILE A 1 134 ? 3.570   -6.629  5.741   1.00 19.37 ? 134 ILE A CD1 1 
ATOM   996  N N   . ASP A 1 135 ? 4.148   -7.988  11.207  1.00 15.86 ? 135 ASP A N   1 
ATOM   997  C CA  . ASP A 1 135 ? 4.731   -8.616  12.386  1.00 17.04 ? 135 ASP A CA  1 
ATOM   998  C C   . ASP A 1 135 ? 3.660   -9.526  12.937  1.00 16.80 ? 135 ASP A C   1 
ATOM   999  O O   . ASP A 1 135 ? 2.720   -9.061  13.578  1.00 17.69 ? 135 ASP A O   1 
ATOM   1000 C CB  . ASP A 1 135 ? 5.140   -7.524  13.385  1.00 17.83 ? 135 ASP A CB  1 
ATOM   1001 C CG  . ASP A 1 135 ? 5.691   -8.088  14.672  1.00 22.70 ? 135 ASP A CG  1 
ATOM   1002 O OD1 . ASP A 1 135 ? 5.793   -9.322  14.796  1.00 21.73 ? 135 ASP A OD1 1 
ATOM   1003 O OD2 . ASP A 1 135 ? 6.013   -7.287  15.570  1.00 29.67 ? 135 ASP A OD2 1 
ATOM   1004 N N   . GLY A 1 136 ? 3.754   -10.817 12.635  1.00 17.07 ? 136 GLY A N   1 
ATOM   1005 C CA  . GLY A 1 136 ? 2.736   -11.727 13.099  1.00 17.11 ? 136 GLY A CA  1 
ATOM   1006 C C   . GLY A 1 136 ? 1.384   -11.440 12.447  1.00 16.93 ? 136 GLY A C   1 
ATOM   1007 O O   . GLY A 1 136 ? 1.233   -11.499 11.214  1.00 19.01 ? 136 GLY A O   1 
ATOM   1008 N N   . ASP A 1 137 ? 0.393   -11.127 13.282  1.00 16.71 ? 137 ASP A N   1 
ATOM   1009 C CA  . ASP A 1 137 ? -0.941  -10.785 12.800  1.00 15.66 ? 137 ASP A CA  1 
ATOM   1010 C C   . ASP A 1 137 ? -1.178  -9.265  12.727  1.00 15.19 ? 137 ASP A C   1 
ATOM   1011 O O   . ASP A 1 137 ? -2.327  -8.830  12.672  1.00 14.99 ? 137 ASP A O   1 
ATOM   1012 C CB  . ASP A 1 137 ? -2.014  -11.431 13.693  1.00 16.92 ? 137 ASP A CB  1 
ATOM   1013 C CG  . ASP A 1 137 ? -2.037  -12.945 13.590  1.00 18.41 ? 137 ASP A CG  1 
ATOM   1014 O OD1 . ASP A 1 137 ? -1.532  -13.511 12.595  1.00 18.91 ? 137 ASP A OD1 1 
ATOM   1015 O OD2 . ASP A 1 137 ? -2.572  -13.585 14.534  1.00 21.93 ? 137 ASP A OD2 1 
ATOM   1016 N N   . GLU A 1 138 ? -0.107  -8.470  12.764  1.00 14.49 ? 138 GLU A N   1 
ATOM   1017 C CA  . GLU A 1 138 ? -0.236  -7.023  12.686  1.00 15.45 ? 138 GLU A CA  1 
ATOM   1018 C C   . GLU A 1 138 ? 0.445   -6.511  11.440  1.00 15.49 ? 138 GLU A C   1 
ATOM   1019 O O   . GLU A 1 138 ? 1.629   -6.778  11.225  1.00 16.76 ? 138 GLU A O   1 
ATOM   1020 C CB  . GLU A 1 138 ? 0.403   -6.362  13.923  1.00 15.74 ? 138 GLU A CB  1 
ATOM   1021 C CG  . GLU A 1 138 ? 0.351   -4.823  13.929  1.00 20.30 ? 138 GLU A CG  1 
ATOM   1022 C CD  . GLU A 1 138 ? 0.432   -4.256  15.338  1.00 29.97 ? 138 GLU A CD  1 
ATOM   1023 O OE1 . GLU A 1 138 ? -0.443  -4.582  16.190  1.00 37.16 ? 138 GLU A OE1 1 
ATOM   1024 O OE2 . GLU A 1 138 ? 1.358   -3.475  15.601  1.00 35.10 ? 138 GLU A OE2 1 
ATOM   1025 N N   . LEU A 1 139 ? -0.292  -5.745  10.638  1.00 14.27 ? 139 LEU A N   1 
ATOM   1026 C CA  . LEU A 1 139 ? 0.285   -5.093  9.462   1.00 14.75 ? 139 LEU A CA  1 
ATOM   1027 C C   . LEU A 1 139 ? 0.233   -3.582  9.681   1.00 15.27 ? 139 LEU A C   1 
ATOM   1028 O O   . LEU A 1 139 ? -0.836  -3.043  9.960   1.00 16.66 ? 139 LEU A O   1 
ATOM   1029 C CB  . LEU A 1 139 ? -0.515  -5.479  8.201   1.00 14.66 ? 139 LEU A CB  1 
ATOM   1030 C CG  . LEU A 1 139 ? -0.087  -4.920  6.818   1.00 16.13 ? 139 LEU A CG  1 
ATOM   1031 C CD1 . LEU A 1 139 ? -0.730  -5.776  5.735   1.00 18.33 ? 139 LEU A CD1 1 
ATOM   1032 C CD2 . LEU A 1 139 ? -0.508  -3.503  6.642   1.00 18.12 ? 139 LEU A CD2 1 
ATOM   1033 N N   . SER A 1 140 ? 1.356   -2.880  9.553   1.00 15.59 ? 140 SER A N   1 
ATOM   1034 C CA  . SER A 1 140 ? 1.297   -1.437  9.707   1.00 14.79 ? 140 SER A CA  1 
ATOM   1035 C C   . SER A 1 140 ? 2.004   -0.766  8.502   1.00 15.24 ? 140 SER A C   1 
ATOM   1036 O O   . SER A 1 140 ? 2.921   -1.343  7.872   1.00 14.36 ? 140 SER A O   1 
ATOM   1037 C CB  . SER A 1 140 ? 1.904   -1.010  11.031  1.00 16.65 ? 140 SER A CB  1 
ATOM   1038 O OG  . SER A 1 140 ? 3.242   -1.454  11.174  1.00 19.18 ? 140 SER A OG  1 
ATOM   1039 N N   . TYR A 1 141 ? 1.620   0.445   8.222   1.00 14.30 ? 141 TYR A N   1 
ATOM   1040 C CA  . TYR A 1 141 ? 2.325   1.102   7.155   1.00 13.83 ? 141 TYR A CA  1 
ATOM   1041 C C   . TYR A 1 141 ? 2.326   2.588   7.327   1.00 14.76 ? 141 TYR A C   1 
ATOM   1042 O O   . TYR A 1 141 ? 1.513   3.150   8.055   1.00 14.32 ? 141 TYR A O   1 
ATOM   1043 C CB  . TYR A 1 141 ? 1.731   0.775   5.773   1.00 14.94 ? 141 TYR A CB  1 
ATOM   1044 C CG  . TYR A 1 141 ? 0.334   1.314   5.585   1.00 15.58 ? 141 TYR A CG  1 
ATOM   1045 C CD1 . TYR A 1 141 ? 0.133   2.646   5.207   1.00 14.29 ? 141 TYR A CD1 1 
ATOM   1046 C CD2 . TYR A 1 141 ? -0.776  0.477   5.735   1.00 14.50 ? 141 TYR A CD2 1 
ATOM   1047 C CE1 . TYR A 1 141 ? -1.153  3.163   5.028   1.00 15.94 ? 141 TYR A CE1 1 
ATOM   1048 C CE2 . TYR A 1 141 ? -2.085  0.964   5.556   1.00 16.48 ? 141 TYR A CE2 1 
ATOM   1049 C CZ  . TYR A 1 141 ? -2.258  2.325   5.200   1.00 15.20 ? 141 TYR A CZ  1 
ATOM   1050 O OH  . TYR A 1 141 ? -3.548  2.813   5.010   1.00 16.68 ? 141 TYR A OH  1 
ATOM   1051 N N   . SER A 1 142 ? 3.297   3.192   6.668   1.00 14.18 ? 142 SER A N   1 
ATOM   1052 C CA  A SER A 1 142 ? 3.319   4.634   6.504   0.50 15.26 ? 142 SER A CA  1 
ATOM   1053 C CA  B SER A 1 142 ? 3.363   4.630   6.518   0.50 14.49 ? 142 SER A CA  1 
ATOM   1054 C C   . SER A 1 142 ? 3.522   4.931   5.035   1.00 15.58 ? 142 SER A C   1 
ATOM   1055 O O   . SER A 1 142 ? 4.299   4.260   4.368   1.00 16.42 ? 142 SER A O   1 
ATOM   1056 C CB  A SER A 1 142 ? 4.455   5.268   7.295   0.50 16.77 ? 142 SER A CB  1 
ATOM   1057 C CB  B SER A 1 142 ? 4.593   5.150   7.239   0.50 15.68 ? 142 SER A CB  1 
ATOM   1058 O OG  A SER A 1 142 ? 5.713   5.069   6.675   0.50 20.97 ? 142 SER A OG  1 
ATOM   1059 O OG  B SER A 1 142 ? 4.546   4.843   8.625   0.50 15.86 ? 142 SER A OG  1 
ATOM   1060 N N   . LEU A 1 143 ? 2.786   5.914   4.525   1.00 13.46 ? 143 LEU A N   1 
ATOM   1061 C CA  . LEU A 1 143 ? 2.901   6.317   3.143   1.00 13.18 ? 143 LEU A CA  1 
ATOM   1062 C C   . LEU A 1 143 ? 3.248   7.803   3.126   1.00 13.54 ? 143 LEU A C   1 
ATOM   1063 O O   . LEU A 1 143 ? 2.545   8.604   3.788   1.00 13.96 ? 143 LEU A O   1 
ATOM   1064 C CB  . LEU A 1 143 ? 1.571   6.070   2.428   1.00 14.61 ? 143 LEU A CB  1 
ATOM   1065 C CG  . LEU A 1 143 ? 1.446   6.483   0.968   1.00 16.92 ? 143 LEU A CG  1 
ATOM   1066 C CD1 . LEU A 1 143 ? 0.398   5.636   0.250   1.00 21.74 ? 143 LEU A CD1 1 
ATOM   1067 C CD2 . LEU A 1 143 ? 1.131   7.951   0.837   1.00 17.43 ? 143 LEU A CD2 1 
ATOM   1068 N N   . GLN A 1 144 ? 4.301   8.169   2.395   1.00 12.76 ? 144 GLN A N   1 
ATOM   1069 C CA  A GLN A 1 144 ? 4.674   9.561   2.208   0.50 12.61 ? 144 GLN A CA  1 
ATOM   1070 C CA  B GLN A 1 144 ? 4.630   9.579   2.218   0.50 12.72 ? 144 GLN A CA  1 
ATOM   1071 C C   . GLN A 1 144 ? 4.333   9.975   0.797   1.00 12.36 ? 144 GLN A C   1 
ATOM   1072 O O   . GLN A 1 144 ? 4.394   9.149   -0.119  1.00 12.66 ? 144 GLN A O   1 
ATOM   1073 C CB  A GLN A 1 144 ? 6.180   9.741   2.402   0.50 13.06 ? 144 GLN A CB  1 
ATOM   1074 C CB  B GLN A 1 144 ? 6.100   9.889   2.532   0.50 13.30 ? 144 GLN A CB  1 
ATOM   1075 C CG  A GLN A 1 144 ? 6.661   9.429   3.797   0.50 14.14 ? 144 GLN A CG  1 
ATOM   1076 C CG  B GLN A 1 144 ? 6.467   9.698   3.997   0.50 15.43 ? 144 GLN A CG  1 
ATOM   1077 C CD  A GLN A 1 144 ? 7.887   10.207  4.161   0.50 17.34 ? 144 GLN A CD  1 
ATOM   1078 C CD  B GLN A 1 144 ? 6.755   8.254   4.314   0.50 18.30 ? 144 GLN A CD  1 
ATOM   1079 O OE1 A GLN A 1 144 ? 8.896   10.164  3.458   0.50 20.20 ? 144 GLN A OE1 1 
ATOM   1080 O OE1 B GLN A 1 144 ? 7.476   7.595   3.562   0.50 22.09 ? 144 GLN A OE1 1 
ATOM   1081 N NE2 A GLN A 1 144 ? 7.803   10.965  5.246   0.50 17.90 ? 144 GLN A NE2 1 
ATOM   1082 N NE2 B GLN A 1 144 ? 6.216   7.754   5.420   0.50 22.63 ? 144 GLN A NE2 1 
ATOM   1083 N N   . MET A 1 145 ? 3.987   11.245  0.644   1.00 12.04 ? 145 MET A N   1 
ATOM   1084 C CA  . MET A 1 145 ? 3.577   11.739  -0.664  1.00 12.23 ? 145 MET A CA  1 
ATOM   1085 C C   . MET A 1 145 ? 4.224   13.078  -0.943  1.00 13.02 ? 145 MET A C   1 
ATOM   1086 O O   . MET A 1 145 ? 4.329   13.916  -0.061  1.00 12.42 ? 145 MET A O   1 
ATOM   1087 C CB  . MET A 1 145 ? 2.034   11.913  -0.683  1.00 12.22 ? 145 MET A CB  1 
ATOM   1088 C CG  . MET A 1 145 ? 1.495   12.475  -2.008  1.00 12.33 ? 145 MET A CG  1 
ATOM   1089 S SD  . MET A 1 145 ? -0.311  12.321  -2.092  1.00 14.33 ? 145 MET A SD  1 
ATOM   1090 C CE  . MET A 1 145 ? -0.805  13.479  -0.856  1.00 14.43 ? 145 MET A CE  1 
ATOM   1091 N N   . ARG A 1 146 ? 4.635   13.260  -2.205  1.00 11.48 ? 146 ARG A N   1 
ATOM   1092 C CA  . ARG A 1 146 ? 4.982   14.560  -2.805  1.00 12.15 ? 146 ARG A CA  1 
ATOM   1093 C C   . ARG A 1 146 ? 3.891   14.916  -3.827  1.00 12.75 ? 146 ARG A C   1 
ATOM   1094 O O   . ARG A 1 146 ? 3.642   14.143  -4.770  1.00 12.88 ? 146 ARG A O   1 
ATOM   1095 C CB  . ARG A 1 146 ? 6.336   14.439  -3.512  1.00 13.75 ? 146 ARG A CB  1 
ATOM   1096 C CG  . ARG A 1 146 ? 6.880   15.773  -4.061  1.00 13.45 ? 146 ARG A CG  1 
ATOM   1097 C CD  . ARG A 1 146 ? 8.279   15.532  -4.691  1.00 14.79 ? 146 ARG A CD  1 
ATOM   1098 N NE  . ARG A 1 146 ? 8.238   14.822  -5.956  1.00 13.81 ? 146 ARG A NE  1 
ATOM   1099 C CZ  . ARG A 1 146 ? 9.165   13.950  -6.389  1.00 13.35 ? 146 ARG A CZ  1 
ATOM   1100 N NH1 . ARG A 1 146 ? 10.193  13.592  -5.597  1.00 17.81 ? 146 ARG A NH1 1 
ATOM   1101 N NH2 . ARG A 1 146 ? 9.023   13.434  -7.609  1.00 17.12 ? 146 ARG A NH2 1 
ATOM   1102 N N   . ALA A 1 147 ? 3.179   16.023  -3.605  1.00 11.92 ? 147 ALA A N   1 
ATOM   1103 C CA  . ALA A 1 147 ? 2.047   16.375  -4.442  1.00 11.96 ? 147 ALA A CA  1 
ATOM   1104 C C   . ALA A 1 147 ? 1.706   17.828  -4.217  1.00 12.95 ? 147 ALA A C   1 
ATOM   1105 O O   . ALA A 1 147 ? 1.981   18.386  -3.143  1.00 12.73 ? 147 ALA A O   1 
ATOM   1106 C CB  . ALA A 1 147 ? 0.845   15.562  -4.029  1.00 11.97 ? 147 ALA A CB  1 
ATOM   1107 N N   . VAL A 1 148 ? 1.018   18.384  -5.204  1.00 13.30 ? 148 VAL A N   1 
ATOM   1108 C CA  . VAL A 1 148 ? 0.358   19.681  -5.108  1.00 14.18 ? 148 VAL A CA  1 
ATOM   1109 C C   . VAL A 1 148 ? 1.251   20.731  -4.449  1.00 14.40 ? 148 VAL A C   1 
ATOM   1110 O O   . VAL A 1 148 ? 0.817   21.495  -3.558  1.00 16.00 ? 148 VAL A O   1 
ATOM   1111 C CB  . VAL A 1 148 ? -1.091  19.595  -4.490  1.00 14.43 ? 148 VAL A CB  1 
ATOM   1112 C CG1 . VAL A 1 148 ? -2.087  18.780  -5.368  1.00 16.23 ? 148 VAL A CG1 1 
ATOM   1113 C CG2 . VAL A 1 148 ? -1.100  19.057  -3.077  1.00 14.53 ? 148 VAL A CG2 1 
ATOM   1114 N N   . GLY A 1 149 ? 2.498   20.769  -4.919  1.00 15.12 ? 149 GLY A N   1 
ATOM   1115 C CA  . GLY A 1 149 ? 3.449   21.807  -4.525  1.00 14.27 ? 149 GLY A CA  1 
ATOM   1116 C C   . GLY A 1 149 ? 4.133   21.571  -3.182  1.00 15.09 ? 149 GLY A C   1 
ATOM   1117 O O   . GLY A 1 149 ? 4.919   22.407  -2.732  1.00 17.53 ? 149 GLY A O   1 
ATOM   1118 N N   . GLN A 1 150 ? 3.863   20.433  -2.539  1.00 14.56 ? 150 GLN A N   1 
ATOM   1119 C CA  . GLN A 1 150 ? 4.409   20.177  -1.202  1.00 14.41 ? 150 GLN A CA  1 
ATOM   1120 C C   . GLN A 1 150 ? 5.525   19.135  -1.292  1.00 15.33 ? 150 GLN A C   1 
ATOM   1121 O O   . GLN A 1 150 ? 5.424   18.193  -2.122  1.00 15.42 ? 150 GLN A O   1 
ATOM   1122 C CB  . GLN A 1 150 ? 3.294   19.616  -0.285  1.00 15.14 ? 150 GLN A CB  1 
ATOM   1123 C CG  . GLN A 1 150 ? 2.003   20.399  -0.406  1.00 13.79 ? 150 GLN A CG  1 
ATOM   1124 C CD  . GLN A 1 150 ? 2.150   21.846  -0.049  1.00 18.58 ? 150 GLN A CD  1 
ATOM   1125 O OE1 . GLN A 1 150 ? 2.690   22.186  1.001   1.00 18.68 ? 150 GLN A OE1 1 
ATOM   1126 N NE2 . GLN A 1 150 ? 1.673   22.713  -0.937  1.00 18.32 ? 150 GLN A NE2 1 
ATOM   1127 N N   . PRO A 1 151 ? 6.552   19.243  -0.439  1.00 16.55 ? 151 PRO A N   1 
ATOM   1128 C CA  . PRO A 1 151 ? 7.608   18.230  -0.490  1.00 15.89 ? 151 PRO A CA  1 
ATOM   1129 C C   . PRO A 1 151 ? 7.155   16.881  0.037   1.00 15.91 ? 151 PRO A C   1 
ATOM   1130 O O   . PRO A 1 151 ? 6.142   16.793  0.730   1.00 15.70 ? 151 PRO A O   1 
ATOM   1131 C CB  . PRO A 1 151 ? 8.714   18.822  0.397   1.00 17.52 ? 151 PRO A CB  1 
ATOM   1132 C CG  . PRO A 1 151 ? 8.016   19.688  1.346   1.00 17.91 ? 151 PRO A CG  1 
ATOM   1133 C CD  . PRO A 1 151 ? 6.802   20.258  0.605   1.00 17.05 ? 151 PRO A CD  1 
ATOM   1134 N N   . LEU A 1 152 ? 7.916   15.850  -0.303  1.00 14.78 ? 152 LEU A N   1 
ATOM   1135 C CA  . LEU A 1 152 ? 7.648   14.495  0.159   1.00 14.39 ? 152 LEU A CA  1 
ATOM   1136 C C   . LEU A 1 152 ? 7.515   14.473  1.668   1.00 15.44 ? 152 LEU A C   1 
ATOM   1137 O O   . LEU A 1 152 ? 8.394   14.906  2.392   1.00 16.45 ? 152 LEU A O   1 
ATOM   1138 C CB  . LEU A 1 152 ? 8.775   13.576  -0.272  1.00 15.31 ? 152 LEU A CB  1 
ATOM   1139 C CG  . LEU A 1 152 ? 8.662   12.113  0.087   1.00 15.36 ? 152 LEU A CG  1 
ATOM   1140 C CD1 . LEU A 1 152 ? 7.573   11.393  -0.714  1.00 15.92 ? 152 LEU A CD1 1 
ATOM   1141 C CD2 . LEU A 1 152 ? 10.035  11.448  -0.134  1.00 18.45 ? 152 LEU A CD2 1 
ATOM   1142 N N   . GLN A 1 153 ? 6.390   13.965  2.167   1.00 14.75 ? 153 GLN A N   1 
ATOM   1143 C CA  . GLN A 1 153 ? 6.139   14.002  3.614   1.00 14.30 ? 153 GLN A CA  1 
ATOM   1144 C C   . GLN A 1 153 ? 5.027   13.038  3.986   1.00 15.24 ? 153 GLN A C   1 
ATOM   1145 O O   . GLN A 1 153 ? 4.296   12.555  3.102   1.00 14.70 ? 153 GLN A O   1 
ATOM   1146 C CB  . GLN A 1 153 ? 5.745   15.423  4.035   1.00 14.94 ? 153 GLN A CB  1 
ATOM   1147 C CG  . GLN A 1 153 ? 4.401   15.911  3.484   1.00 15.31 ? 153 GLN A CG  1 
ATOM   1148 C CD  . GLN A 1 153 ? 4.235   17.366  3.771   1.00 16.31 ? 153 GLN A CD  1 
ATOM   1149 O OE1 . GLN A 1 153 ? 3.685   17.742  4.823   1.00 17.08 ? 153 GLN A OE1 1 
ATOM   1150 N NE2 . GLN A 1 153 ? 4.764   18.212  2.872   1.00 14.80 ? 153 GLN A NE2 1 
ATOM   1151 N N   . ASP A 1 154 ? 4.842   12.812  5.293   1.00 15.44 ? 154 ASP A N   1 
ATOM   1152 C CA  . ASP A 1 154 ? 3.850   11.867  5.765   1.00 15.11 ? 154 ASP A CA  1 
ATOM   1153 C C   . ASP A 1 154 ? 2.461   12.241  5.282   1.00 15.97 ? 154 ASP A C   1 
ATOM   1154 O O   . ASP A 1 154 ? 2.079   13.425  5.261   1.00 16.95 ? 154 ASP A O   1 
ATOM   1155 C CB  . ASP A 1 154 ? 3.844   11.870  7.294   1.00 17.27 ? 154 ASP A CB  1 
ATOM   1156 C CG  . ASP A 1 154 ? 4.992   11.082  7.884   1.00 23.33 ? 154 ASP A CG  1 
ATOM   1157 O OD1 . ASP A 1 154 ? 5.746   10.428  7.120   1.00 26.00 ? 154 ASP A OD1 1 
ATOM   1158 O OD2 . ASP A 1 154 ? 5.122   11.071  9.146   1.00 26.68 ? 154 ASP A OD2 1 
ATOM   1159 N N   . HIS A 1 155 ? 1.725   11.230  4.852   1.00 15.36 ? 155 HIS A N   1 
ATOM   1160 C CA  . HIS A 1 155 ? 0.387   11.458  4.362   1.00 14.36 ? 155 HIS A CA  1 
ATOM   1161 C C   . HIS A 1 155 ? -0.600  10.467  4.955   1.00 15.22 ? 155 HIS A C   1 
ATOM   1162 O O   . HIS A 1 155 ? -1.623  10.902  5.438   1.00 15.60 ? 155 HIS A O   1 
ATOM   1163 C CB  . HIS A 1 155 ? 0.355   11.431  2.822   1.00 16.12 ? 155 HIS A CB  1 
ATOM   1164 C CG  . HIS A 1 155 ? -1.015  11.594  2.272   1.00 13.27 ? 155 HIS A CG  1 
ATOM   1165 N ND1 . HIS A 1 155 ? -1.513  10.827  1.239   1.00 20.11 ? 155 HIS A ND1 1 
ATOM   1166 C CD2 . HIS A 1 155 ? -2.012  12.439  2.635   1.00 11.79 ? 155 HIS A CD2 1 
ATOM   1167 C CE1 . HIS A 1 155 ? -2.768  11.181  1.010   1.00 15.45 ? 155 HIS A CE1 1 
ATOM   1168 N NE2 . HIS A 1 155 ? -3.083  12.176  1.826   1.00 19.70 ? 155 HIS A NE2 1 
ATOM   1169 N N   . LEU A 1 156 ? -0.341  9.164   4.868   1.00 13.93 ? 156 LEU A N   1 
ATOM   1170 C CA  . LEU A 1 156 ? -1.257  8.160   5.456   1.00 14.69 ? 156 LEU A CA  1 
ATOM   1171 C C   . LEU A 1 156 ? -0.497  7.172   6.294   1.00 14.88 ? 156 LEU A C   1 
ATOM   1172 O O   . LEU A 1 156 ? 0.684   6.938   6.065   1.00 14.65 ? 156 LEU A O   1 
ATOM   1173 C CB  . LEU A 1 156 ? -1.956  7.357   4.354   1.00 14.87 ? 156 LEU A CB  1 
ATOM   1174 C CG  . LEU A 1 156 ? -2.776  8.174   3.342   1.00 14.82 ? 156 LEU A CG  1 
ATOM   1175 C CD1 . LEU A 1 156 ? -2.995  7.480   1.968   1.00 18.74 ? 156 LEU A CD1 1 
ATOM   1176 C CD2 . LEU A 1 156 ? -4.093  8.607   3.940   1.00 16.85 ? 156 LEU A CD2 1 
ATOM   1177 N N   . ALA A 1 157 ? -1.160  6.618   7.301   1.00 13.54 ? 157 ALA A N   1 
ATOM   1178 C CA  . ALA A 1 157 ? -0.564  5.538   8.097   1.00 12.84 ? 157 ALA A CA  1 
ATOM   1179 C C   . ALA A 1 157 ? -1.659  4.807   8.773   1.00 12.74 ? 157 ALA A C   1 
ATOM   1180 O O   . ALA A 1 157 ? -2.633  5.414   9.214   1.00 13.05 ? 157 ALA A O   1 
ATOM   1181 C CB  . ALA A 1 157 ? 0.365   6.096   9.121   1.00 13.21 ? 157 ALA A CB  1 
ATOM   1182 N N   . ALA A 1 158 ? -1.484  3.500   8.914   1.00 12.87 ? 158 ALA A N   1 
ATOM   1183 C CA  . ALA A 1 158 ? -2.530  2.682   9.507   1.00 12.64 ? 158 ALA A CA  1 
ATOM   1184 C C   . ALA A 1 158 ? -1.954  1.457   10.188  1.00 12.35 ? 158 ALA A C   1 
ATOM   1185 O O   . ALA A 1 158 ? -0.811  1.042   9.907   1.00 13.07 ? 158 ALA A O   1 
ATOM   1186 C CB  . ALA A 1 158 ? -3.562  2.247   8.450   1.00 13.37 ? 158 ALA A CB  1 
ATOM   1187 N N   . VAL A 1 159 ? -2.786  0.850   11.025  1.00 11.67 ? 159 VAL A N   1 
ATOM   1188 C CA  . VAL A 1 159 ? -2.464  -0.442  11.595  1.00 12.03 ? 159 VAL A CA  1 
ATOM   1189 C C   . VAL A 1 159 ? -3.676  -1.353  11.373  1.00 11.40 ? 159 VAL A C   1 
ATOM   1190 O O   . VAL A 1 159 ? -4.823  -1.008  11.775  1.00 12.56 ? 159 VAL A O   1 
ATOM   1191 C CB  . VAL A 1 159 ? -2.164  -0.323  13.128  1.00 11.98 ? 159 VAL A CB  1 
ATOM   1192 C CG1 . VAL A 1 159 ? -1.823  -1.648  13.733  1.00 14.58 ? 159 VAL A CG1 1 
ATOM   1193 C CG2 . VAL A 1 159 ? -0.963  0.618   13.369  1.00 14.81 ? 159 VAL A CG2 1 
ATOM   1194 N N   . LEU A 1 160 ? -3.424  -2.522  10.763  1.00 11.56 ? 160 LEU A N   1 
ATOM   1195 C CA  . LEU A 1 160 ? -4.461  -3.521  10.473  1.00 12.60 ? 160 LEU A CA  1 
ATOM   1196 C C   . LEU A 1 160 ? -4.103  -4.809  11.169  1.00 12.75 ? 160 LEU A C   1 
ATOM   1197 O O   . LEU A 1 160 ? -2.934  -5.049  11.490  1.00 14.17 ? 160 LEU A O   1 
ATOM   1198 C CB  . LEU A 1 160 ? -4.552  -3.797  8.961   1.00 13.31 ? 160 LEU A CB  1 
ATOM   1199 C CG  . LEU A 1 160 ? -4.426  -2.575  8.029   1.00 14.60 ? 160 LEU A CG  1 
ATOM   1200 C CD1 . LEU A 1 160 ? -4.473  -3.017  6.535   1.00 14.89 ? 160 LEU A CD1 1 
ATOM   1201 C CD2 . LEU A 1 160 ? -5.489  -1.521  8.264   1.00 16.05 ? 160 LEU A CD2 1 
ATOM   1202 N N   . HIS A 1 161 ? -5.119  -5.640  11.386  1.00 13.39 ? 161 HIS A N   1 
ATOM   1203 C CA  . HIS A 1 161 ? -4.905  -6.927  12.028  1.00 13.68 ? 161 HIS A CA  1 
ATOM   1204 C C   . HIS A 1 161 ? -5.506  -8.015  11.160  1.00 13.90 ? 161 HIS A C   1 
ATOM   1205 O O   . HIS A 1 161 ? -6.523  -7.815  10.481  1.00 13.78 ? 161 HIS A O   1 
ATOM   1206 C CB  . HIS A 1 161 ? -5.523  -6.897  13.443  1.00 14.77 ? 161 HIS A CB  1 
ATOM   1207 C CG  . HIS A 1 161 ? -4.857  -5.871  14.320  1.00 18.48 ? 161 HIS A CG  1 
ATOM   1208 N ND1 . HIS A 1 161 ? -5.313  -4.571  14.427  1.00 24.10 ? 161 HIS A ND1 1 
ATOM   1209 C CD2 . HIS A 1 161 ? -3.685  -5.916  15.001  1.00 23.06 ? 161 HIS A CD2 1 
ATOM   1210 C CE1 . HIS A 1 161 ? -4.496  -3.887  15.207  1.00 23.30 ? 161 HIS A CE1 1 
ATOM   1211 N NE2 . HIS A 1 161 ? -3.496  -4.678  15.562  1.00 23.25 ? 161 HIS A NE2 1 
ATOM   1212 N N   . ARG A 1 162 ? -4.850  -9.176  11.175  1.00 14.42 ? 162 ARG A N   1 
ATOM   1213 C CA  . ARG A 1 162 ? -5.295  -10.321 10.369  1.00 14.89 ? 162 ARG A CA  1 
ATOM   1214 C C   . ARG A 1 162 ? -6.670  -10.757 10.839  1.00 16.21 ? 162 ARG A C   1 
ATOM   1215 O O   . ARG A 1 162 ? -6.876  -10.938 12.051  1.00 16.55 ? 162 ARG A O   1 
ATOM   1216 C CB  . ARG A 1 162 ? -4.347  -11.491 10.594  1.00 15.83 ? 162 ARG A CB  1 
ATOM   1217 C CG  . ARG A 1 162 ? -4.495  -12.615 9.566   1.00 15.79 ? 162 ARG A CG  1 
ATOM   1218 C CD  . ARG A 1 162 ? -3.590  -13.804 9.869   1.00 15.73 ? 162 ARG A CD  1 
ATOM   1219 N NE  . ARG A 1 162 ? -2.174  -13.431 9.914   1.00 15.81 ? 162 ARG A NE  1 
ATOM   1220 C CZ  . ARG A 1 162 ? -1.395  -13.343 8.831   1.00 16.33 ? 162 ARG A CZ  1 
ATOM   1221 N NH1 . ARG A 1 162 ? -1.902  -13.610 7.628   1.00 17.07 ? 162 ARG A NH1 1 
ATOM   1222 N NH2 . ARG A 1 162 ? -0.104  -13.004 8.945   1.00 15.86 ? 162 ARG A NH2 1 
ATOM   1223 N N   . GLN A 1 163 ? -7.578  -10.945 9.889   1.00 17.40 ? 163 GLN A N   1 
ATOM   1224 C CA  . GLN A 1 163 ? -8.910  -11.432 10.189  1.00 20.27 ? 163 GLN A CA  1 
ATOM   1225 C C   . GLN A 1 163 ? -8.967  -12.933 10.097  1.00 23.49 ? 163 GLN A C   1 
ATOM   1226 O O   . GLN A 1 163 ? -8.323  -13.548 9.240   1.00 24.14 ? 163 GLN A O   1 
ATOM   1227 C CB  . GLN A 1 163 ? -9.919  -10.784 9.241   1.00 20.75 ? 163 GLN A CB  1 
ATOM   1228 C CG  . GLN A 1 163 ? -9.961  -9.261  9.350   1.00 21.23 ? 163 GLN A CG  1 
ATOM   1229 C CD  . GLN A 1 163 ? -10.213 -8.773  10.771  1.00 26.99 ? 163 GLN A CD  1 
ATOM   1230 O OE1 . GLN A 1 163 ? -9.313  -8.239  11.451  1.00 27.12 ? 163 GLN A OE1 1 
ATOM   1231 N NE2 . GLN A 1 163 ? -11.433 -8.989  11.250  1.00 27.89 ? 163 GLN A NE2 1 
ATOM   1232 N N   . ARG A 1 164 ? -9.735  -13.512 11.019  1.00 26.55 ? 164 ARG A N   1 
ATOM   1233 C CA  . ARG A 1 164 ? -10.003 -14.960 11.104  1.00 29.68 ? 164 ARG A CA  1 
ATOM   1234 C C   . ARG A 1 164 ? -10.894 -15.404 9.941   1.00 31.18 ? 164 ARG A C   1 
ATOM   1235 O O   . ARG A 1 164 ? -11.017 -14.711 8.914   1.00 32.76 ? 164 ARG A O   1 
ATOM   1236 C CB  . ARG A 1 164 ? -10.681 -15.287 12.430  1.00 29.65 ? 164 ARG A CB  1 
HETATM 1237 O O   . HOH B 2 .   ? -13.415 4.254   -2.688  1.00 24.89 ? 173 HOH A O   1 
HETATM 1238 O O   . HOH B 2 .   ? 1.941   4.498   -13.282 1.00 12.82 ? 174 HOH A O   1 
HETATM 1239 O O   . HOH B 2 .   ? 7.968   -18.264 -8.740  1.00 17.74 ? 175 HOH A O   1 
HETATM 1240 O O   . HOH B 2 .   ? -4.048  17.602  7.084   1.00 16.56 ? 176 HOH A O   1 
HETATM 1241 O O   . HOH B 2 .   ? 8.131   9.601   -8.275  1.00 11.91 ? 177 HOH A O   1 
HETATM 1242 O O   . HOH B 2 .   ? 11.051  14.118  -3.033  1.00 22.32 ? 178 HOH A O   1 
HETATM 1243 O O   . HOH B 2 .   ? -9.927  18.510  3.520   1.00 32.17 ? 179 HOH A O   1 
HETATM 1244 O O   . HOH B 2 .   ? -0.785  -14.858 -8.758  1.00 11.69 ? 180 HOH A O   1 
HETATM 1245 O O   . HOH B 2 .   ? 1.271   -17.857 -6.587  1.00 13.96 ? 181 HOH A O   1 
HETATM 1246 O O   . HOH B 2 .   ? 10.359  16.472  -1.748  1.00 21.53 ? 182 HOH A O   1 
HETATM 1247 O O   . HOH B 2 .   ? -6.735  -9.541  -3.430  1.00 16.69 ? 183 HOH A O   1 
HETATM 1248 O O   . HOH B 2 .   ? -0.995  -15.875 5.234   1.00 22.12 ? 184 HOH A O   1 
HETATM 1249 O O   . HOH B 2 .   ? 11.280  -18.011 -2.527  1.00 15.44 ? 185 HOH A O   1 
HETATM 1250 O O   . HOH B 2 .   ? 2.204   15.969  6.271   1.00 18.38 ? 186 HOH A O   1 
HETATM 1251 O O   . HOH B 2 .   ? -13.536 1.090   -4.604  1.00 25.69 ? 187 HOH A O   1 
HETATM 1252 O O   . HOH B 2 .   ? -6.091  -7.192  -7.692  1.00 26.52 ? 188 HOH A O   1 
HETATM 1253 O O   . HOH B 2 .   ? 0.802   11.272  -16.212 1.00 17.03 ? 189 HOH A O   1 
HETATM 1254 O O   . HOH B 2 .   ? -7.151  -13.846 6.696   1.00 22.59 ? 190 HOH A O   1 
HETATM 1255 O O   . HOH B 2 .   ? -2.967  15.276  -15.831 1.00 19.15 ? 191 HOH A O   1 
HETATM 1256 O O   . HOH B 2 .   ? 14.048  -3.208  -6.186  1.00 27.29 ? 192 HOH A O   1 
HETATM 1257 O O   . HOH B 2 .   ? -11.903 12.074  10.455  1.00 21.36 ? 193 HOH A O   1 
HETATM 1258 O O   . HOH B 2 .   ? 12.881  1.524   -2.652  1.00 31.67 ? 194 HOH A O   1 
HETATM 1259 O O   . HOH B 2 .   ? 6.719   13.910  7.099   1.00 25.97 ? 195 HOH A O   1 
HETATM 1260 O O   . HOH B 2 .   ? 3.409   12.711  -11.756 1.00 17.85 ? 196 HOH A O   1 
HETATM 1261 O O   . HOH B 2 .   ? 1.451   -22.113 -8.931  1.00 27.71 ? 197 HOH A O   1 
HETATM 1262 O O   . HOH B 2 .   ? -7.327  13.198  -8.100  1.00 18.14 ? 198 HOH A O   1 
HETATM 1263 O O   . HOH B 2 .   ? 9.848   3.581   1.305   1.00 18.94 ? 199 HOH A O   1 
HETATM 1264 O O   . HOH B 2 .   ? -2.702  -0.951  2.545   1.00 22.34 ? 200 HOH A O   1 
HETATM 1265 O O   . HOH B 2 .   ? 8.160   -14.963 5.818   1.00 15.30 ? 201 HOH A O   1 
HETATM 1266 O O   . HOH B 2 .   ? -4.837  19.029  -2.049  1.00 27.95 ? 202 HOH A O   1 
HETATM 1267 O O   . HOH B 2 .   ? 15.728  -0.009  -11.819 1.00 21.12 ? 203 HOH A O   1 
HETATM 1268 O O   . HOH B 2 .   ? 12.314  -4.294  -10.698 1.00 24.43 ? 204 HOH A O   1 
HETATM 1269 O O   . HOH B 2 .   ? 5.830   11.607  -11.139 1.00 21.18 ? 205 HOH A O   1 
HETATM 1270 O O   . HOH B 2 .   ? -5.987  -1.181  14.222  1.00 16.71 ? 206 HOH A O   1 
HETATM 1271 O O   . HOH B 2 .   ? -3.252  10.365  -18.322 1.00 20.96 ? 207 HOH A O   1 
HETATM 1272 O O   . HOH B 2 .   ? 4.627   21.263  3.095   1.00 22.11 ? 208 HOH A O   1 
HETATM 1273 O O   . HOH B 2 .   ? -12.225 2.180   15.469  1.00 28.65 ? 209 HOH A O   1 
HETATM 1274 O O   . HOH B 2 .   ? 12.783  -7.834  8.404   1.00 22.31 ? 210 HOH A O   1 
HETATM 1275 O O   . HOH B 2 .   ? 3.357   -4.002  12.075  1.00 18.39 ? 211 HOH A O   1 
HETATM 1276 O O   . HOH B 2 .   ? -11.773 -1.765  10.336  1.00 25.00 ? 212 HOH A O   1 
HETATM 1277 O O   . HOH B 2 .   ? 0.267   18.009  6.874   1.00 22.58 ? 213 HOH A O   1 
HETATM 1278 O O   . HOH B 2 .   ? 14.915  -14.774 9.982   1.00 30.13 ? 214 HOH A O   1 
HETATM 1279 O O   . HOH B 2 .   ? -3.464  13.385  -18.421 1.00 26.22 ? 215 HOH A O   1 
HETATM 1280 O O   . HOH B 2 .   ? -6.050  19.032  -10.582 1.00 36.62 ? 216 HOH A O   1 
HETATM 1281 O O   . HOH B 2 .   ? 1.569   -23.616 -1.811  1.00 34.32 ? 217 HOH A O   1 
HETATM 1282 O O   . HOH B 2 .   ? -13.338 8.307   16.307  1.00 38.80 ? 218 HOH A O   1 
HETATM 1283 O O   . HOH B 2 .   ? 2.794   -18.172 6.205   1.00 38.24 ? 219 HOH A O   1 
HETATM 1284 O O   . HOH B 2 .   ? -10.758 -5.015  0.361   1.00 32.98 ? 220 HOH A O   1 
HETATM 1285 O O   . HOH B 2 .   ? -1.988  18.518  8.625   1.00 19.16 ? 221 HOH A O   1 
HETATM 1286 O O   . HOH B 2 .   ? -1.878  17.553  11.325  1.00 23.12 ? 222 HOH A O   1 
HETATM 1287 O O   . HOH B 2 .   ? 7.574   -13.770 8.333   1.00 17.93 ? 223 HOH A O   1 
HETATM 1288 O O   . HOH B 2 .   ? -10.552 0.049   14.567  1.00 31.36 ? 224 HOH A O   1 
HETATM 1289 O O   . HOH B 2 .   ? 6.805   -17.289 5.955   1.00 21.07 ? 225 HOH A O   1 
HETATM 1290 O O   . HOH B 2 .   ? 7.925   8.196   -10.617 1.00 28.93 ? 226 HOH A O   1 
HETATM 1291 O O   . HOH B 2 .   ? -6.308  5.641   1.804   1.00 34.99 ? 227 HOH A O   1 
HETATM 1292 O O   . HOH B 2 .   ? -4.483  -14.864 6.783   1.00 22.83 ? 228 HOH A O   1 
HETATM 1293 O O   . HOH B 2 .   ? 15.752  7.518   -6.060  1.00 31.51 ? 229 HOH A O   1 
HETATM 1294 O O   . HOH B 2 .   ? 10.598  -15.742 -1.243  1.00 22.32 ? 230 HOH A O   1 
HETATM 1295 O O   . HOH B 2 .   ? -4.497  19.617  -8.212  1.00 31.18 ? 231 HOH A O   1 
HETATM 1296 O O   . HOH B 2 .   ? -7.417  6.774   13.399  1.00 22.60 ? 232 HOH A O   1 
HETATM 1297 O O   . HOH B 2 .   ? 5.470   17.726  -6.886  1.00 17.77 ? 233 HOH A O   1 
HETATM 1298 O O   . HOH B 2 .   ? -13.531 -0.160  4.530   1.00 31.96 ? 234 HOH A O   1 
HETATM 1299 O O   . HOH B 2 .   ? 9.413   -1.378  6.538   1.00 27.17 ? 235 HOH A O   1 
HETATM 1300 O O   . HOH B 2 .   ? -6.261  -14.647 0.375   1.00 31.16 ? 236 HOH A O   1 
HETATM 1301 O O   . HOH B 2 .   ? 10.599  4.557   -14.247 1.00 17.30 ? 237 HOH A O   1 
HETATM 1302 O O   . HOH B 2 .   ? 12.000  -10.342 14.319  1.00 33.06 ? 238 HOH A O   1 
HETATM 1303 O O   . HOH B 2 .   ? -9.161  -13.481 2.360   1.00 28.09 ? 239 HOH A O   1 
HETATM 1304 O O   . HOH B 2 .   ? -7.014  -9.122  -10.416 1.00 38.64 ? 240 HOH A O   1 
HETATM 1305 O O   . HOH B 2 .   ? 11.910  6.712   -10.290 0.50 13.78 ? 241 HOH A O   1 
HETATM 1306 O O   . HOH B 2 .   ? 6.350   9.277   -12.867 1.00 22.90 ? 242 HOH A O   1 
HETATM 1307 O O   . HOH B 2 .   ? 8.571   -18.488 4.078   1.00 22.42 ? 243 HOH A O   1 
HETATM 1308 O O   . HOH B 2 .   ? -7.758  -8.049  -5.827  1.00 35.02 ? 244 HOH A O   1 
HETATM 1309 O O   . HOH B 2 .   ? 5.274   -15.649 9.733   1.00 28.99 ? 245 HOH A O   1 
HETATM 1310 O O   . HOH B 2 .   ? 16.670  -12.809 -5.990  1.00 20.90 ? 246 HOH A O   1 
HETATM 1311 O O   . HOH B 2 .   ? 0.419   -16.605 7.971   1.00 38.69 ? 247 HOH A O   1 
HETATM 1312 O O   . HOH B 2 .   ? 14.702  0.268   -8.923  1.00 28.83 ? 248 HOH A O   1 
HETATM 1313 O O   . HOH B 2 .   ? -5.504  -10.580 14.365  1.00 32.03 ? 249 HOH A O   1 
HETATM 1314 O O   . HOH B 2 .   ? 2.803   8.775   6.970   1.00 23.54 ? 250 HOH A O   1 
HETATM 1315 O O   . HOH B 2 .   ? 7.004   5.500   3.934   1.00 32.11 ? 251 HOH A O   1 
HETATM 1316 O O   . HOH B 2 .   ? -5.289  12.492  11.374  1.00 18.45 ? 252 HOH A O   1 
HETATM 1317 O O   . HOH B 2 .   ? 10.212  -13.040 15.005  1.00 34.70 ? 253 HOH A O   1 
HETATM 1318 O O   . HOH B 2 .   ? 9.242   -13.868 -1.735  1.00 25.61 ? 254 HOH A O   1 
HETATM 1319 O O   . HOH B 2 .   ? 0.964   -10.922 16.135  1.00 28.00 ? 255 HOH A O   1 
HETATM 1320 O O   . HOH B 2 .   ? 3.990   -19.680 -11.373 1.00 38.83 ? 256 HOH A O   1 
HETATM 1321 O O   . HOH B 2 .   ? -11.840 15.181  5.552   1.00 33.19 ? 257 HOH A O   1 
HETATM 1322 O O   . HOH B 2 .   ? 9.291   8.364   -13.009 1.00 23.02 ? 258 HOH A O   1 
HETATM 1323 O O   . HOH B 2 .   ? -8.153  7.037   2.891   1.00 35.57 ? 259 HOH A O   1 
HETATM 1324 O O   . HOH B 2 .   ? -9.548  15.825  4.557   1.00 24.25 ? 260 HOH A O   1 
HETATM 1325 O O   . HOH B 2 .   ? 2.557   -15.115 10.207  1.00 39.91 ? 261 HOH A O   1 
HETATM 1326 O O   . HOH B 2 .   ? 5.475   -11.404 -11.708 1.00 33.15 ? 262 HOH A O   1 
HETATM 1327 O O   . HOH B 2 .   ? -0.812  12.967  -17.678 1.00 24.68 ? 263 HOH A O   1 
HETATM 1328 O O   . HOH B 2 .   ? -13.458 13.887  -12.894 1.00 37.82 ? 264 HOH A O   1 
HETATM 1329 O O   . HOH B 2 .   ? -15.684 9.649   10.713  1.00 33.82 ? 265 HOH A O   1 
HETATM 1330 O O   . HOH B 2 .   ? 9.230   -21.019 2.475   1.00 30.24 ? 266 HOH A O   1 
HETATM 1331 O O   . HOH B 2 .   ? 16.160  -7.539  -0.541  1.00 27.45 ? 267 HOH A O   1 
HETATM 1332 O O   . HOH B 2 .   ? 7.863   -10.653 16.005  1.00 36.41 ? 268 HOH A O   1 
HETATM 1333 O O   . HOH B 2 .   ? -4.191  21.703  -3.381  1.00 33.34 ? 269 HOH A O   1 
HETATM 1334 O O   . HOH B 2 .   ? 6.210   19.111  -4.549  1.00 23.79 ? 270 HOH A O   1 
HETATM 1335 O O   . HOH B 2 .   ? -2.193  -20.444 -1.360  1.00 36.01 ? 271 HOH A O   1 
HETATM 1336 O O   . HOH B 2 .   ? -4.408  16.874  -13.887 1.00 21.65 ? 272 HOH A O   1 
HETATM 1337 O O   . HOH B 2 .   ? -9.188  -10.678 -3.556  1.00 37.12 ? 273 HOH A O   1 
HETATM 1338 O O   . HOH B 2 .   ? 3.098   -12.674 9.799   1.00 31.82 ? 274 HOH A O   1 
HETATM 1339 O O   . HOH B 2 .   ? -13.605 9.423   8.954   1.00 29.85 ? 275 HOH A O   1 
HETATM 1340 O O   . HOH B 2 .   ? -12.647 12.513  4.966   1.00 33.99 ? 276 HOH A O   1 
HETATM 1341 O O   . HOH B 2 .   ? 9.272   5.151   3.206   1.00 36.10 ? 277 HOH A O   1 
HETATM 1342 O O   . HOH B 2 .   ? 5.484   -11.847 8.897   1.00 24.87 ? 278 HOH A O   1 
HETATM 1343 O O   . HOH B 2 .   ? -7.440  -15.374 -5.953  1.00 34.12 ? 279 HOH A O   1 
HETATM 1344 O O   . HOH B 2 .   ? 2.089   24.619  2.439   1.00 38.66 ? 280 HOH A O   1 
HETATM 1345 O O   . HOH B 2 .   ? -1.620  -20.508 -12.089 1.00 34.80 ? 281 HOH A O   1 
HETATM 1346 O O   . HOH B 2 .   ? 1.758   20.163  7.832   1.00 36.99 ? 282 HOH A O   1 
HETATM 1347 O O   . HOH B 2 .   ? -6.358  8.977   1.082   1.00 55.27 ? 283 HOH A O   1 
HETATM 1348 O O   . HOH B 2 .   ? 8.898   -7.735  -10.110 1.00 35.58 ? 284 HOH A O   1 
HETATM 1349 O O   . HOH B 2 .   ? 5.846   -22.600 -3.295  1.00 34.45 ? 285 HOH A O   1 
HETATM 1350 O O   . HOH B 2 .   ? 9.986   8.002   2.524   1.00 24.81 ? 286 HOH A O   1 
HETATM 1351 O O   . HOH B 2 .   ? 4.275   19.747  6.542   1.00 27.96 ? 287 HOH A O   1 
HETATM 1352 O O   . HOH B 2 .   ? 17.085  -11.578 5.809   1.00 36.20 ? 288 HOH A O   1 
HETATM 1353 O O   . HOH B 2 .   ? -5.363  -16.709 -2.585  1.00 29.97 ? 289 HOH A O   1 
HETATM 1354 O O   . HOH B 2 .   ? -7.161  -12.935 -6.456  1.00 29.93 ? 290 HOH A O   1 
HETATM 1355 O O   . HOH B 2 .   ? -5.609  -16.562 2.186   1.00 33.32 ? 291 HOH A O   1 
HETATM 1356 O O   . HOH B 2 .   ? -5.469  10.975  0.005   1.00 13.09 ? 292 HOH A O   1 
HETATM 1357 O O   . HOH B 2 .   ? -10.636 -7.235  5.417   1.00 37.01 ? 293 HOH A O   1 
HETATM 1358 O O   . HOH B 2 .   ? 2.532   6.398   -15.854 0.50 27.21 ? 294 HOH A O   1 
HETATM 1359 O O   . HOH B 2 .   ? 3.316   -4.752  14.470  1.00 39.61 ? 295 HOH A O   1 
HETATM 1360 O O   . HOH B 2 .   ? 16.954  -10.274 8.201   1.00 37.01 ? 296 HOH A O   1 
HETATM 1361 O O   . HOH B 2 .   ? -4.388  4.170   2.673   1.00 29.63 ? 297 HOH A O   1 
HETATM 1362 O O   . HOH B 2 .   ? -1.340  23.246  -3.611  1.00 34.94 ? 298 HOH A O   1 
HETATM 1363 O O   . HOH B 2 .   ? -3.617  21.427  6.654   1.00 40.12 ? 299 HOH A O   1 
HETATM 1364 O O   . HOH B 2 .   ? -8.422  18.582  -16.877 1.00 35.95 ? 300 HOH A O   1 
HETATM 1365 O O   . HOH B 2 .   ? -7.143  -3.676  13.763  1.00 30.61 ? 301 HOH A O   1 
HETATM 1366 O O   . HOH B 2 .   ? -11.764 -11.709 12.501  1.00 40.02 ? 302 HOH A O   1 
HETATM 1367 O O   . HOH B 2 .   ? 1.640   25.760  -0.755  1.00 35.34 ? 303 HOH A O   1 
HETATM 1368 O O   . HOH B 2 .   ? 10.912  16.086  2.108   1.00 33.13 ? 304 HOH A O   1 
HETATM 1369 O O   . HOH B 2 .   ? 1.168   -0.342  16.587  1.00 28.98 ? 305 HOH A O   1 
HETATM 1370 O O   . HOH B 2 .   ? 2.406   -8.527  16.525  1.00 42.57 ? 306 HOH A O   1 
HETATM 1371 O O   . HOH B 2 .   ? -9.277  -7.554  14.660  1.00 42.07 ? 307 HOH A O   1 
HETATM 1372 O O   . HOH B 2 .   ? 13.393  -12.386 -13.363 1.00 43.89 ? 308 HOH A O   1 
HETATM 1373 O O   . HOH B 2 .   ? 4.417   13.070  10.792  1.00 42.09 ? 309 HOH A O   1 
HETATM 1374 O O   . HOH B 2 .   ? -8.110  20.630  -0.551  1.00 47.17 ? 310 HOH A O   1 
HETATM 1375 O O   . HOH B 2 .   ? 10.927  11.640  3.641   1.00 41.27 ? 311 HOH A O   1 
HETATM 1376 O O   . HOH B 2 .   ? 9.339   4.429   7.562   1.00 42.44 ? 312 HOH A O   1 
HETATM 1377 O O   . HOH B 2 .   ? 4.181   15.603  8.812   1.00 44.28 ? 313 HOH A O   1 
HETATM 1378 O O   . HOH B 2 .   ? -11.433 15.813  7.740   1.00 39.41 ? 314 HOH A O   1 
HETATM 1379 O O   . HOH B 2 .   ? 4.955   24.971  -3.814  1.00 42.79 ? 315 HOH A O   1 
HETATM 1380 O O   . HOH B 2 .   ? -5.756  9.091   -4.490  1.00 35.07 ? 316 HOH A O   1 
HETATM 1381 O O   . HOH B 2 .   ? 6.770   7.918   7.923   1.00 38.87 ? 317 HOH A O   1 
HETATM 1382 O O   . HOH B 2 .   ? 6.240   -20.364 -2.231  1.00 41.09 ? 318 HOH A O   1 
HETATM 1383 O O   . HOH B 2 .   ? 10.900  -7.093  16.209  1.00 48.32 ? 319 HOH A O   1 
HETATM 1384 O O   . HOH B 2 .   ? 16.692  -9.041  -5.084  1.00 46.61 ? 320 HOH A O   1 
HETATM 1385 O O   . HOH B 2 .   ? 12.986  -6.660  11.303  1.00 44.62 ? 321 HOH A O   1 
HETATM 1386 O O   . HOH B 2 .   ? 6.071   0.781   8.797   1.00 38.53 ? 322 HOH A O   1 
HETATM 1387 O O   . HOH B 2 .   ? -4.107  -15.799 13.334  1.00 37.26 ? 323 HOH A O   1 
HETATM 1388 O O   . HOH B 2 .   ? -10.946 13.896  -10.062 1.00 46.20 ? 324 HOH A O   1 
HETATM 1389 O O   . HOH B 2 .   ? -19.934 5.727   15.411  1.00 48.55 ? 325 HOH A O   1 
HETATM 1390 O O   . HOH B 2 .   ? 15.996  10.304  -1.167  1.00 40.99 ? 326 HOH A O   1 
HETATM 1391 O O   . HOH B 2 .   ? -9.249  15.266  -8.987  1.00 39.91 ? 327 HOH A O   1 
HETATM 1392 O O   . HOH B 2 .   ? -18.796 10.233  6.756   1.00 48.28 ? 328 HOH A O   1 
HETATM 1393 O O   . HOH B 2 .   ? -14.013 11.376  6.866   1.00 41.22 ? 329 HOH A O   1 
HETATM 1394 O O   . HOH B 2 .   ? -0.550  0.573   2.314   1.00 32.85 ? 330 HOH A O   1 
HETATM 1395 O O   . HOH B 2 .   ? -2.557  3.263   1.067   1.00 48.52 ? 331 HOH A O   1 
# 
